data_9KLV
#
_entry.id   9KLV
#
_cell.length_a   1.00
_cell.length_b   1.00
_cell.length_c   1.00
_cell.angle_alpha   90.00
_cell.angle_beta   90.00
_cell.angle_gamma   90.00
#
_symmetry.space_group_name_H-M   'P 1'
#
loop_
_entity.id
_entity.type
_entity.pdbx_description
1 polymer 'Protein SUPPRESSOR OF MAX2 1'
2 polymer 'SKP1-like protein 1A'
3 polymer 'Hyposensitive to light 7'
4 polymer 'F-box protein'
5 non-polymer (3E,3aR,8bS)-3-({[(2R)-4-methyl-5-oxo-2,5-dihydrofuran-2-yl]oxy}methylidene)-3,3a,4,8b-tetrahydro-2H-indeno[1,2-b]furan-2-one
#
loop_
_entity_poly.entity_id
_entity_poly.type
_entity_poly.pdbx_seq_one_letter_code
_entity_poly.pdbx_strand_id
1 'polypeptide(L)'
;MKHHHHHHHGAAGTSLYKKAGENLYFQGSMRAGLSTIQQTLTPEAATVLNQSIAEAARRNHGQTTPLHVAATLLASPAGF
LRRACIRSHPNSSHPLQCRALELCFSVALERLPTATTTPGNDPPISNALMAALKRAQAHQRRGCPEQQQQPLLAVKVELE
QLIISILDDPSVSRVMREASFSSPAVKATIEQSLNNSVTPTPIPSVSSVGLNFRPGGGGPMTRNSYLNPRLQQNASSVQS
GVSKNDDVERVMDILGRAKKKNPVLVGDSEPGRVIREILKKIEVGEVGNLAVKNSKVVSLEEISSDKALRIKELDGLLQT
RLKNSDPIGGGGVILDLGDLKWLVEQPSSTQPPATVAVEIGRTAVVELRRLLEKFEGRLWFIGTATCETYLRCQVYHPSV
ETDWDLQAVSVAAKAPASGVFPRLANNLESFTPLKSFVPANRTLKCCPQCLQSYERELAEIDSVSSPEVKSEVAQPKQLP
QWLLKAKPVDRLPQAKIEEVQKKWNDACVRLHPSFHNKNERIVPIPVPITLTTSPYSPNMLLRQPLQPKLQPNRELRERV
HLKPMSPLVAEQAKKKSPPGSPVQTDLVLGRAEDSEKAGDVQVRDFLGCISSESVQNNNNISVLQKENLGNSLDIDLFKK
LLKGMTEKVWWQNDAAAAVAATVSQCKLGNGKRRGVLSKGDVWLLFSGPDRVGKRKMVSALSSLVYGTNPIMIQLGSRQD
AGDGNSSFRGKTALDKIAETVKRSPFSVILLEDIDEADMLVRGSIKQAMDRGRIRDSHGREISLGNVIFVMTASWHFAGT
KTSFLDNEAKLRDLASESWRLRLCMREKFGKRRASWLCSDEERLTKPKKEHGSGLSFDLNQAADTDDGSHNTSDLTTDND
QDEQGFSGKLSLQCVPFAFHDMVSRVDDAVAFRAVDFAAVRRRITETLSERFETIIGESLSVEVEEEALQRILSGVWLGQ
TELEEWIEKAIVPVLSQLKARVSSSGTYGDCTVARLELDEDSGERNAGDLLPTTITLAVGSGSWSHPQFEK
;
D
2 'polypeptide(L)'
;MSAKKIVLKSSDGESFEVEEAVALESQTIAHMVEDDCVDNGVPLPNVTSKILAKVIEYCKRHVEAAASKAEAVEGAATSD
DDLKAWDADFMKIDQATLFELILAANYLNIKNLLDLTCQTVADMIKGKTPEEIRTTFNIKNDFTPEEEEEVRRENQWAFE
;
B
3 'polypeptide(L)'
;MKHHHHHHHGAAGTSLYKKAGENLYFQGSMSSIGLAHNVTILGSGETTVVLGHGYGTDQSVWKLLVPYLVDDYKVLLYDH
MGAGTTNPDYFDFDRYSSLEGYSYDLIAILEEFQVSKCIYVGHSMSSMAAAVASIFRPDLFHKLVMISPTPRLINTEEYY
GGFEQKVMDETLRSLDENFKSLSLGTAPLLLACDLESAAMQEYCRTLFNMRPDIACCITRMICGLDLRPYLGHVTVPCHI
IQSSNDIMVPVAVGEYLRKNLGGPSVVEVMPTEGHLPHLSMPEVTIPVVLRHIRQDITDH
;
A
4 'polypeptide(L)'
;MHHHHHHHHHSSGWSHPQFEKGGGSGGGSLEVLFQGPLTPKTNYIPFPSPIHQTPFQTDLAPMAAAAAAATTALNDLPDV
ILSNIMAGVSDVRSRNSASLVCHKWYLLERATRSALTLRGNIRDLFMLPTCFQSTSHLDLSLISPWGHPLTSAADPDSAL
IGHLLRHAFPSVTSLAIYARDPSTIHIVVPQWPDLERLKLVRWHQRPQTDAAGDELKLLISECGTLKSLDLSSFYCWTDD
VPAALGSCPTFAANLKSLNLLNSSFSEGFKSDEIKAITKACPNLREFRASCMFDPRYIGHAGDEALVSISVNCPKLEILH
LADTNALSSARSDFDPDEREGLGQEEAKINAATLIEVFSGLPLLEELALDLCNNVRDSGPALEVLNSKCPKLKSVKLGQF
HGISLPVESKLDGIALCQGLESLSIRNVDDLTDMGLIAIGRGCYRLAKFEVYGCKKITVRGMRTMASLLRKTLVDVKIAA
CKKLGAVQSLKALEPIQDRVERLHIDCDWDCPDEEEPSDYFDSAAEYNECDDEMYSVRKRARYTYDLNSSSSGLDVNVEG
YDEDKTWARLRYVSLWIFVGQLLTPLVAAGLNDCPELEEISIKVEGDCRVLSRPTVREFGLTTLLNYPKLSRMHLDCGDI
NGYAHTAPSGQMDLSLWERFYLIGVGHLGLTELNYWPPQDRDVNQRSLSLPAAGLLQECNRLRKLFIHGTAHEHFMMFFL
RIEGLRDVQLRADYYPAPENDMSTEMRADSCSRFEVALNRRQISDSSGSSG
;
C
#
loop_
_chem_comp.id
_chem_comp.type
_chem_comp.name
_chem_comp.formula
GR2 non-polymer (3E,3aR,8bS)-3-({[(2R)-4-methyl-5-oxo-2,5-dihydrofuran-2-yl]oxy}methylidene)-3,3a,4,8b-tetrahydro-2H-indeno[1,2-b]furan-2-one 'C17 H14 O5'
#
# COMPACT_ATOMS: atom_id res chain seq x y z
N GLN A 39 13.57 -14.88 -48.84
CA GLN A 39 15.01 -14.91 -49.02
C GLN A 39 15.73 -14.50 -47.74
N THR A 40 15.00 -13.83 -46.85
CA THR A 40 15.54 -13.39 -45.57
C THR A 40 15.26 -14.38 -44.45
N LEU A 41 15.14 -15.67 -44.77
CA LEU A 41 14.80 -16.70 -43.80
C LEU A 41 15.74 -17.89 -43.94
N THR A 42 15.82 -18.68 -42.87
CA THR A 42 16.65 -19.88 -42.88
C THR A 42 16.07 -20.92 -43.84
N PRO A 43 16.88 -21.89 -44.27
CA PRO A 43 16.32 -22.94 -45.15
C PRO A 43 15.10 -23.62 -44.55
N GLU A 44 15.11 -23.92 -43.26
CA GLU A 44 13.95 -24.57 -42.65
C GLU A 44 12.75 -23.62 -42.59
N ALA A 45 12.98 -22.36 -42.24
CA ALA A 45 11.89 -21.39 -42.26
C ALA A 45 11.36 -21.20 -43.66
N ALA A 46 12.24 -21.15 -44.65
CA ALA A 46 11.79 -21.06 -46.04
C ALA A 46 10.95 -22.27 -46.42
N THR A 47 11.39 -23.47 -46.00
CA THR A 47 10.61 -24.67 -46.27
C THR A 47 9.21 -24.55 -45.68
N VAL A 48 9.11 -24.19 -44.40
CA VAL A 48 7.82 -24.22 -43.73
C VAL A 48 6.92 -23.13 -44.28
N LEU A 49 7.51 -22.00 -44.69
CA LEU A 49 6.72 -20.97 -45.33
C LEU A 49 6.17 -21.44 -46.67
N ASN A 50 6.98 -22.15 -47.47
CA ASN A 50 6.43 -22.55 -48.76
C ASN A 50 5.44 -23.70 -48.61
N GLN A 51 5.57 -24.52 -47.57
CA GLN A 51 4.51 -25.50 -47.32
C GLN A 51 3.22 -24.81 -46.90
N SER A 52 3.32 -23.77 -46.06
CA SER A 52 2.13 -22.97 -45.78
C SER A 52 1.53 -22.43 -47.07
N ILE A 53 2.39 -22.00 -47.99
CA ILE A 53 1.93 -21.49 -49.27
C ILE A 53 1.23 -22.58 -50.07
N ALA A 54 1.81 -23.78 -50.09
CA ALA A 54 1.23 -24.89 -50.85
C ALA A 54 -0.14 -25.27 -50.28
N GLU A 55 -0.27 -25.24 -48.96
CA GLU A 55 -1.57 -25.48 -48.34
C GLU A 55 -2.54 -24.38 -48.73
N ALA A 56 -2.04 -23.15 -48.85
CA ALA A 56 -2.91 -22.05 -49.29
C ALA A 56 -3.38 -22.24 -50.72
N ALA A 57 -2.52 -22.80 -51.58
CA ALA A 57 -2.87 -22.98 -52.98
C ALA A 57 -3.76 -24.19 -53.21
N ARG A 58 -3.87 -25.08 -52.22
CA ARG A 58 -4.68 -26.27 -52.40
C ARG A 58 -6.15 -26.01 -52.11
N ARG A 59 -6.45 -24.94 -51.37
CA ARG A 59 -7.82 -24.62 -51.02
C ARG A 59 -8.27 -23.28 -51.60
N ASN A 60 -7.36 -22.48 -52.15
CA ASN A 60 -7.71 -21.28 -52.90
C ASN A 60 -8.52 -20.29 -52.07
N HIS A 61 -8.11 -20.11 -50.81
CA HIS A 61 -8.91 -19.32 -49.86
C HIS A 61 -8.45 -17.87 -49.79
N GLY A 62 -7.96 -17.34 -50.91
CA GLY A 62 -7.64 -15.94 -51.01
C GLY A 62 -6.23 -15.54 -50.62
N GLN A 63 -5.92 -15.56 -49.32
CA GLN A 63 -4.67 -15.03 -48.81
C GLN A 63 -4.05 -16.01 -47.83
N THR A 64 -2.73 -15.88 -47.66
CA THR A 64 -1.95 -16.80 -46.82
C THR A 64 -1.87 -16.21 -45.40
N THR A 65 -2.94 -16.42 -44.64
CA THR A 65 -2.98 -15.91 -43.27
C THR A 65 -2.04 -16.72 -42.38
N PRO A 66 -1.48 -16.09 -41.34
CA PRO A 66 -0.53 -16.81 -40.47
C PRO A 66 -1.13 -18.01 -39.76
N LEU A 67 -2.45 -18.12 -39.70
CA LEU A 67 -3.06 -19.34 -39.19
C LEU A 67 -2.58 -20.55 -39.98
N HIS A 68 -2.41 -20.38 -41.30
CA HIS A 68 -1.94 -21.48 -42.14
C HIS A 68 -0.52 -21.89 -41.78
N VAL A 69 0.37 -20.92 -41.59
CA VAL A 69 1.75 -21.28 -41.27
C VAL A 69 1.83 -21.89 -39.87
N ALA A 70 0.98 -21.43 -38.94
CA ALA A 70 0.94 -22.07 -37.64
C ALA A 70 0.49 -23.53 -37.74
N ALA A 71 -0.55 -23.79 -38.54
CA ALA A 71 -0.96 -25.16 -38.78
C ALA A 71 0.16 -25.97 -39.43
N THR A 72 0.95 -25.33 -40.28
CA THR A 72 2.12 -26.01 -40.85
C THR A 72 3.10 -26.40 -39.75
N LEU A 73 3.31 -25.50 -38.80
CA LEU A 73 4.19 -25.81 -37.67
C LEU A 73 3.65 -26.98 -36.86
N LEU A 74 2.31 -27.08 -36.75
CA LEU A 74 1.74 -28.24 -36.08
C LEU A 74 2.16 -29.54 -36.76
N ALA A 75 2.24 -29.55 -38.08
CA ALA A 75 2.76 -30.71 -38.81
C ALA A 75 4.27 -30.77 -38.60
N SER A 76 4.94 -31.69 -39.31
CA SER A 76 6.37 -31.89 -39.17
C SER A 76 6.71 -32.08 -37.69
N PRO A 77 6.37 -33.22 -37.11
CA PRO A 77 6.40 -33.35 -35.64
C PRO A 77 7.77 -33.10 -35.02
N ALA A 78 8.84 -33.09 -35.82
CA ALA A 78 10.14 -32.71 -35.29
C ALA A 78 10.20 -31.26 -34.85
N GLY A 79 9.21 -30.44 -35.23
CA GLY A 79 9.21 -29.04 -34.87
C GLY A 79 9.06 -28.84 -33.37
N PHE A 80 9.46 -27.65 -32.92
CA PHE A 80 9.48 -27.35 -31.49
C PHE A 80 8.13 -26.94 -30.95
N LEU A 81 7.16 -26.62 -31.80
CA LEU A 81 5.89 -26.11 -31.30
C LEU A 81 5.14 -27.17 -30.48
N ARG A 82 5.21 -28.43 -30.92
CA ARG A 82 4.55 -29.50 -30.16
C ARG A 82 5.15 -29.65 -28.78
N ARG A 83 6.48 -29.73 -28.69
CA ARG A 83 7.12 -29.87 -27.39
C ARG A 83 6.85 -28.65 -26.52
N ALA A 84 6.89 -27.47 -27.12
CA ALA A 84 6.62 -26.25 -26.36
C ALA A 84 5.20 -26.24 -25.82
N CYS A 85 4.23 -26.67 -26.63
CA CYS A 85 2.85 -26.69 -26.19
C CYS A 85 2.64 -27.72 -25.08
N ILE A 86 3.25 -28.90 -25.20
CA ILE A 86 3.07 -29.90 -24.16
C ILE A 86 3.77 -29.46 -22.88
N ARG A 87 4.88 -28.72 -22.97
CA ARG A 87 5.57 -28.28 -21.78
C ARG A 87 4.86 -27.12 -21.11
N SER A 88 4.23 -26.24 -21.89
CA SER A 88 3.68 -25.01 -21.33
C SER A 88 2.50 -25.28 -20.41
N HIS A 89 1.47 -25.98 -20.90
CA HIS A 89 0.29 -26.25 -20.10
C HIS A 89 0.38 -27.64 -19.49
N PRO A 90 0.11 -27.79 -18.18
CA PRO A 90 -0.03 -29.14 -17.63
C PRO A 90 -1.16 -29.94 -18.24
N ASN A 91 -2.28 -29.27 -18.59
CA ASN A 91 -3.38 -29.95 -19.24
C ASN A 91 -3.03 -30.41 -20.65
N SER A 92 -1.96 -29.86 -21.22
CA SER A 92 -1.54 -30.18 -22.58
C SER A 92 -0.76 -31.49 -22.68
N SER A 93 -0.44 -32.13 -21.55
CA SER A 93 0.26 -33.41 -21.60
C SER A 93 -0.56 -34.49 -22.31
N HIS A 94 -1.87 -34.31 -22.36
CA HIS A 94 -2.71 -35.24 -23.12
C HIS A 94 -2.37 -35.12 -24.60
N PRO A 95 -2.16 -36.24 -25.30
CA PRO A 95 -1.69 -36.15 -26.69
C PRO A 95 -2.73 -35.57 -27.65
N LEU A 96 -4.00 -35.96 -27.48
CA LEU A 96 -5.01 -35.57 -28.46
C LEU A 96 -5.42 -34.12 -28.32
N GLN A 97 -5.01 -33.44 -27.24
CA GLN A 97 -5.28 -32.01 -27.16
C GLN A 97 -4.45 -31.23 -28.19
N CYS A 98 -3.25 -31.72 -28.49
CA CYS A 98 -2.46 -31.11 -29.56
C CYS A 98 -3.17 -31.23 -30.90
N ARG A 99 -3.84 -32.36 -31.15
CA ARG A 99 -4.61 -32.52 -32.36
C ARG A 99 -5.90 -31.70 -32.32
N ALA A 100 -6.44 -31.48 -31.12
CA ALA A 100 -7.55 -30.54 -30.97
C ALA A 100 -7.12 -29.13 -31.36
N LEU A 101 -5.86 -28.79 -31.12
CA LEU A 101 -5.32 -27.52 -31.61
C LEU A 101 -5.40 -27.47 -33.13
N GLU A 102 -5.01 -28.55 -33.80
CA GLU A 102 -5.15 -28.64 -35.25
C GLU A 102 -6.60 -28.48 -35.64
N LEU A 103 -7.51 -29.10 -34.90
CA LEU A 103 -8.94 -29.02 -35.20
C LEU A 103 -9.44 -27.58 -35.15
N CYS A 104 -9.07 -26.84 -34.11
CA CYS A 104 -9.57 -25.46 -34.00
C CYS A 104 -8.92 -24.56 -35.03
N PHE A 105 -7.67 -24.81 -35.40
CA PHE A 105 -7.13 -24.09 -36.55
C PHE A 105 -7.91 -24.42 -37.82
N SER A 106 -8.23 -25.69 -38.01
CA SER A 106 -8.85 -26.15 -39.25
C SER A 106 -10.23 -25.53 -39.44
N VAL A 107 -11.02 -25.46 -38.37
CA VAL A 107 -12.37 -24.91 -38.52
C VAL A 107 -12.29 -23.43 -38.90
N ALA A 108 -11.37 -22.69 -38.28
CA ALA A 108 -11.17 -21.30 -38.66
C ALA A 108 -10.76 -21.18 -40.12
N LEU A 109 -9.90 -22.08 -40.60
CA LEU A 109 -9.59 -22.09 -42.02
C LEU A 109 -10.81 -22.38 -42.88
N GLU A 110 -11.65 -23.33 -42.46
CA GLU A 110 -12.88 -23.63 -43.16
C GLU A 110 -13.82 -22.43 -43.17
N ARG A 111 -13.64 -21.50 -42.26
CA ARG A 111 -14.47 -20.30 -42.17
C ARG A 111 -14.03 -19.23 -43.17
N LEU A 112 -13.01 -19.53 -43.98
CA LEU A 112 -12.45 -18.59 -44.93
C LEU A 112 -13.05 -18.80 -46.31
N PRO A 113 -13.75 -17.82 -46.88
CA PRO A 113 -14.26 -17.97 -48.25
C PRO A 113 -13.12 -18.14 -49.25
N THR A 114 -13.41 -18.91 -50.30
CA THR A 114 -12.44 -19.20 -51.35
C THR A 114 -12.34 -18.04 -52.34
N ALA A 115 -11.27 -18.07 -53.13
CA ALA A 115 -11.01 -17.06 -54.15
C ALA A 115 -11.05 -17.68 -55.54
N THR A 116 -11.61 -16.94 -56.50
CA THR A 116 -11.72 -17.40 -57.88
C THR A 116 -10.39 -17.17 -58.59
N THR A 117 -9.45 -18.08 -58.35
CA THR A 117 -8.14 -17.99 -58.97
C THR A 117 -7.60 -19.40 -59.17
N THR A 118 -6.66 -19.52 -60.11
CA THR A 118 -6.06 -20.81 -60.40
C THR A 118 -5.19 -21.25 -59.22
N PRO A 119 -5.26 -22.53 -58.84
CA PRO A 119 -4.39 -23.01 -57.74
C PRO A 119 -2.91 -22.94 -58.07
N GLY A 120 -2.53 -22.88 -59.34
CA GLY A 120 -1.13 -22.80 -59.71
C GLY A 120 -0.54 -21.42 -59.53
N ASN A 121 -0.77 -20.82 -58.37
CA ASN A 121 -0.30 -19.47 -58.07
C ASN A 121 -0.10 -19.33 -56.58
N ASP A 122 0.67 -18.31 -56.21
CA ASP A 122 0.90 -17.98 -54.81
C ASP A 122 -0.14 -16.95 -54.37
N PRO A 123 -0.97 -17.25 -53.37
CA PRO A 123 -1.91 -16.25 -52.88
C PRO A 123 -1.16 -15.10 -52.21
N PRO A 124 -1.73 -13.90 -52.24
CA PRO A 124 -1.07 -12.76 -51.58
C PRO A 124 -1.05 -12.96 -50.06
N ILE A 125 0.15 -13.05 -49.49
CA ILE A 125 0.26 -13.17 -48.04
C ILE A 125 -0.30 -11.90 -47.39
N SER A 126 -1.13 -12.10 -46.37
CA SER A 126 -1.85 -10.99 -45.75
C SER A 126 -0.90 -10.02 -45.04
N ASN A 127 -1.44 -8.84 -44.73
CA ASN A 127 -0.65 -7.80 -44.07
C ASN A 127 -0.14 -8.30 -42.72
N ALA A 128 -0.95 -9.09 -42.01
CA ALA A 128 -0.50 -9.64 -40.74
C ALA A 128 0.77 -10.46 -40.91
N LEU A 129 0.95 -11.08 -42.08
CA LEU A 129 2.13 -11.91 -42.27
C LEU A 129 3.38 -11.05 -42.43
N MET A 130 3.28 -9.94 -43.16
CA MET A 130 4.41 -9.02 -43.20
C MET A 130 4.68 -8.45 -41.82
N ALA A 131 3.63 -8.19 -41.04
CA ALA A 131 3.82 -7.73 -39.68
C ALA A 131 4.58 -8.75 -38.85
N ALA A 132 4.19 -10.03 -38.96
CA ALA A 132 4.86 -11.07 -38.19
C ALA A 132 6.32 -11.23 -38.62
N LEU A 133 6.56 -11.20 -39.93
CA LEU A 133 7.92 -11.35 -40.42
C LEU A 133 8.81 -10.20 -39.98
N LYS A 134 8.27 -8.97 -40.01
CA LYS A 134 9.02 -7.82 -39.53
C LYS A 134 9.29 -7.91 -38.03
N ARG A 135 8.29 -8.37 -37.26
CA ARG A 135 8.50 -8.55 -35.82
C ARG A 135 9.59 -9.60 -35.58
N ALA A 136 9.60 -10.67 -36.36
CA ALA A 136 10.65 -11.67 -36.27
C ALA A 136 12.01 -11.05 -36.53
N GLN A 137 12.10 -10.23 -37.58
CA GLN A 137 13.37 -9.59 -37.90
C GLN A 137 13.84 -8.72 -36.73
N ALA A 138 12.92 -7.95 -36.15
CA ALA A 138 13.29 -7.05 -35.06
C ALA A 138 13.70 -7.83 -33.81
N HIS A 139 12.95 -8.86 -33.44
CA HIS A 139 13.32 -9.66 -32.28
C HIS A 139 14.67 -10.32 -32.48
N GLN A 140 14.96 -10.77 -33.71
CA GLN A 140 16.30 -11.28 -33.99
C GLN A 140 17.35 -10.20 -33.81
N ARG A 141 17.05 -8.97 -34.26
CA ARG A 141 18.03 -7.90 -34.20
C ARG A 141 18.42 -7.56 -32.76
N ARG A 142 17.42 -7.37 -31.90
CA ARG A 142 17.67 -6.89 -30.54
C ARG A 142 18.40 -7.89 -29.67
N GLY A 143 18.21 -9.18 -29.87
CA GLY A 143 18.77 -10.15 -28.95
C GLY A 143 20.28 -10.22 -28.94
N CYS A 144 20.92 -9.75 -30.00
CA CYS A 144 22.37 -9.68 -30.09
C CYS A 144 22.70 -8.26 -30.50
N PRO A 145 22.74 -7.33 -29.53
CA PRO A 145 22.95 -5.92 -29.87
C PRO A 145 24.28 -5.63 -30.52
N GLU A 146 25.23 -6.56 -30.45
CA GLU A 146 26.56 -6.33 -30.99
C GLU A 146 26.50 -6.11 -32.50
N GLN A 147 25.70 -6.90 -33.20
CA GLN A 147 25.57 -6.76 -34.64
C GLN A 147 24.31 -5.95 -34.97
N VAL A 155 18.61 -10.07 -42.53
CA VAL A 155 19.07 -11.01 -41.53
C VAL A 155 18.31 -12.32 -41.66
N LYS A 156 19.01 -13.44 -41.53
CA LYS A 156 18.39 -14.75 -41.68
C LYS A 156 17.69 -15.14 -40.38
N VAL A 157 16.36 -15.27 -40.44
CA VAL A 157 15.56 -15.48 -39.24
C VAL A 157 15.49 -16.97 -38.92
N GLU A 158 15.80 -17.31 -37.68
CA GLU A 158 15.80 -18.69 -37.23
C GLU A 158 14.38 -19.12 -36.82
N LEU A 159 14.18 -20.44 -36.69
CA LEU A 159 12.84 -20.98 -36.54
C LEU A 159 12.11 -20.43 -35.32
N GLU A 160 12.80 -20.40 -34.17
CA GLU A 160 12.11 -20.03 -32.94
C GLU A 160 11.65 -18.57 -32.95
N GLN A 161 12.45 -17.66 -33.49
CA GLN A 161 11.98 -16.27 -33.58
C GLN A 161 10.74 -16.21 -34.44
N LEU A 162 10.72 -16.96 -35.54
CA LEU A 162 9.56 -16.98 -36.42
C LEU A 162 8.32 -17.47 -35.68
N ILE A 163 8.43 -18.58 -34.96
CA ILE A 163 7.25 -19.14 -34.31
C ILE A 163 6.77 -18.19 -33.21
N ILE A 164 7.69 -17.57 -32.46
CA ILE A 164 7.28 -16.53 -31.52
C ILE A 164 6.49 -15.44 -32.24
N SER A 165 7.00 -14.99 -33.38
CA SER A 165 6.36 -13.90 -34.10
C SER A 165 4.94 -14.27 -34.50
N ILE A 166 4.74 -15.51 -34.92
CA ILE A 166 3.42 -15.88 -35.43
C ILE A 166 2.49 -16.32 -34.30
N LEU A 167 3.03 -16.60 -33.11
CA LEU A 167 2.16 -16.66 -31.94
C LEU A 167 1.73 -15.28 -31.50
N ASP A 168 2.55 -14.27 -31.79
CA ASP A 168 2.18 -12.89 -31.45
C ASP A 168 1.00 -12.41 -32.26
N ASP A 169 0.73 -13.03 -33.40
CA ASP A 169 -0.39 -12.60 -34.23
C ASP A 169 -1.70 -12.68 -33.45
N PRO A 170 -2.52 -11.63 -33.48
CA PRO A 170 -3.75 -11.64 -32.67
C PRO A 170 -4.67 -12.80 -33.00
N SER A 171 -4.74 -13.19 -34.28
CA SER A 171 -5.66 -14.26 -34.67
C SER A 171 -5.20 -15.61 -34.12
N VAL A 172 -3.90 -15.90 -34.20
CA VAL A 172 -3.39 -17.16 -33.70
C VAL A 172 -3.63 -17.27 -32.20
N SER A 173 -3.31 -16.21 -31.46
CA SER A 173 -3.53 -16.23 -30.02
C SER A 173 -5.00 -16.34 -29.69
N ARG A 174 -5.85 -15.63 -30.44
CA ARG A 174 -7.29 -15.69 -30.20
C ARG A 174 -7.82 -17.10 -30.40
N VAL A 175 -7.40 -17.76 -31.48
CA VAL A 175 -7.83 -19.12 -31.73
C VAL A 175 -7.34 -20.04 -30.62
N MET A 176 -6.08 -19.88 -30.22
CA MET A 176 -5.53 -20.74 -29.17
C MET A 176 -6.27 -20.56 -27.85
N ARG A 177 -6.75 -19.34 -27.57
CA ARG A 177 -7.37 -19.05 -26.29
C ARG A 177 -8.61 -19.92 -26.08
N GLU A 178 -9.42 -20.09 -27.11
CA GLU A 178 -10.60 -20.94 -27.00
C GLU A 178 -10.22 -22.42 -26.87
N ALA A 179 -9.03 -22.80 -27.33
CA ALA A 179 -8.52 -24.15 -27.21
C ALA A 179 -7.78 -24.38 -25.91
N SER A 180 -8.08 -23.62 -24.86
CA SER A 180 -7.46 -23.70 -23.55
C SER A 180 -5.96 -23.48 -23.62
N PHE A 181 -5.44 -22.88 -24.69
CA PHE A 181 -4.02 -22.64 -24.83
C PHE A 181 -3.75 -21.14 -24.84
N SER A 182 -2.78 -20.71 -24.04
CA SER A 182 -2.39 -19.31 -23.98
C SER A 182 -1.05 -19.15 -24.69
N SER A 183 -1.06 -18.35 -25.75
CA SER A 183 0.17 -18.10 -26.50
C SER A 183 1.29 -17.53 -25.64
N PRO A 184 1.06 -16.59 -24.71
CA PRO A 184 2.18 -16.10 -23.91
C PRO A 184 2.91 -17.18 -23.13
N ALA A 185 2.19 -18.18 -22.61
CA ALA A 185 2.86 -19.21 -21.80
C ALA A 185 3.81 -20.04 -22.65
N VAL A 186 3.32 -20.54 -23.79
CA VAL A 186 4.17 -21.32 -24.67
C VAL A 186 5.28 -20.46 -25.25
N LYS A 187 4.98 -19.18 -25.49
CA LYS A 187 5.99 -18.26 -26.00
C LYS A 187 7.13 -18.09 -25.02
N ALA A 188 6.80 -17.89 -23.74
CA ALA A 188 7.81 -17.77 -22.71
C ALA A 188 8.57 -19.08 -22.55
N THR A 189 7.88 -20.21 -22.67
CA THR A 189 8.56 -21.50 -22.60
C THR A 189 9.57 -21.65 -23.71
N ILE A 190 9.19 -21.25 -24.94
CA ILE A 190 10.11 -21.35 -26.06
C ILE A 190 11.32 -20.46 -25.83
N GLU A 191 11.09 -19.21 -25.40
CA GLU A 191 12.18 -18.29 -25.18
C GLU A 191 13.12 -18.79 -24.09
N GLN A 192 12.56 -19.36 -23.01
CA GLN A 192 13.39 -19.92 -21.96
C GLN A 192 14.19 -21.12 -22.45
N SER A 193 13.57 -21.99 -23.23
CA SER A 193 14.28 -23.14 -23.79
C SER A 193 15.40 -22.69 -24.70
N LEU A 194 15.20 -21.55 -25.37
CA LEU A 194 16.24 -21.00 -26.23
C LEU A 194 17.53 -20.71 -25.46
N ASN A 195 17.41 -20.42 -24.16
CA ASN A 195 18.57 -20.12 -23.34
C ASN A 195 19.49 -21.32 -23.16
N ASN A 196 19.01 -22.53 -23.43
CA ASN A 196 19.83 -23.73 -23.29
C ASN A 196 20.92 -23.77 -24.36
N ASP A 636 36.40 6.45 37.37
CA ASP A 636 35.64 7.69 37.41
C ASP A 636 34.14 7.43 37.48
N LEU A 637 33.56 7.03 36.35
CA LEU A 637 32.16 6.61 36.33
C LEU A 637 31.95 5.39 37.22
N PHE A 638 32.90 4.45 37.16
CA PHE A 638 32.81 3.20 37.88
C PHE A 638 32.55 3.45 39.36
N LYS A 639 33.40 4.25 40.00
CA LYS A 639 33.22 4.53 41.41
C LYS A 639 32.02 5.43 41.65
N LYS A 640 31.79 6.42 40.76
CA LYS A 640 30.72 7.38 40.99
C LYS A 640 29.36 6.72 40.97
N LEU A 641 29.26 5.50 40.45
CA LEU A 641 28.04 4.73 40.62
C LEU A 641 28.20 3.57 41.59
N LEU A 642 29.42 3.04 41.74
CA LEU A 642 29.70 1.97 42.68
C LEU A 642 29.39 2.39 44.11
N LYS A 643 29.68 3.64 44.46
CA LYS A 643 29.39 4.09 45.82
C LYS A 643 27.90 4.06 46.12
N GLY A 644 27.07 4.50 45.17
CA GLY A 644 25.63 4.50 45.39
C GLY A 644 25.04 3.10 45.48
N MET A 645 25.43 2.22 44.56
CA MET A 645 24.89 0.88 44.63
C MET A 645 25.44 0.13 45.84
N THR A 646 26.66 0.45 46.28
CA THR A 646 27.17 -0.14 47.50
C THR A 646 26.42 0.40 48.72
N GLU A 647 25.95 1.65 48.65
CA GLU A 647 25.03 2.17 49.65
C GLU A 647 23.72 1.37 49.68
N LYS A 648 23.18 1.05 48.50
CA LYS A 648 21.86 0.42 48.47
C LYS A 648 21.90 -1.07 48.76
N VAL A 649 22.85 -1.80 48.19
CA VAL A 649 22.86 -3.26 48.16
C VAL A 649 24.17 -3.83 48.71
N TRP A 650 24.67 -3.24 49.80
CA TRP A 650 25.98 -3.52 50.36
C TRP A 650 26.29 -5.01 50.55
N TRP A 651 25.29 -5.88 50.49
CA TRP A 651 25.56 -7.30 50.60
C TRP A 651 25.94 -7.94 49.28
N GLN A 652 26.03 -7.18 48.20
CA GLN A 652 26.37 -7.67 46.86
C GLN A 652 27.50 -6.86 46.27
N ASN A 653 28.56 -6.64 47.05
CA ASN A 653 29.63 -5.72 46.65
C ASN A 653 30.34 -6.20 45.40
N ASP A 654 30.69 -7.48 45.33
CA ASP A 654 31.48 -7.98 44.21
C ASP A 654 30.70 -7.92 42.90
N ALA A 655 29.45 -8.39 42.92
CA ALA A 655 28.61 -8.29 41.74
C ALA A 655 28.38 -6.84 41.36
N ALA A 656 28.25 -5.97 42.36
CA ALA A 656 28.06 -4.53 42.10
C ALA A 656 29.27 -3.93 41.40
N ALA A 657 30.48 -4.27 41.84
CA ALA A 657 31.67 -3.78 41.18
C ALA A 657 31.76 -4.30 39.75
N ALA A 658 31.44 -5.58 39.55
CA ALA A 658 31.51 -6.15 38.21
C ALA A 658 30.53 -5.47 37.26
N VAL A 659 29.28 -5.28 37.71
CA VAL A 659 28.30 -4.63 36.85
C VAL A 659 28.65 -3.16 36.65
N ALA A 660 29.20 -2.49 37.66
CA ALA A 660 29.65 -1.13 37.47
C ALA A 660 30.67 -1.07 36.35
N ALA A 661 31.65 -1.98 36.39
CA ALA A 661 32.68 -2.00 35.36
C ALA A 661 32.06 -2.19 33.99
N THR A 662 31.16 -3.18 33.85
CA THR A 662 30.66 -3.51 32.53
C THR A 662 29.76 -2.39 31.99
N VAL A 663 28.92 -1.79 32.86
CA VAL A 663 28.03 -0.73 32.40
C VAL A 663 28.83 0.50 32.01
N SER A 664 29.83 0.86 32.83
CA SER A 664 30.63 2.03 32.54
C SER A 664 31.42 1.84 31.24
N GLN A 665 31.94 0.64 31.02
CA GLN A 665 32.73 0.46 29.80
C GLN A 665 31.86 0.41 28.56
N CYS A 666 30.66 -0.20 28.62
CA CYS A 666 29.82 -0.18 27.42
C CYS A 666 29.34 1.24 27.14
N LYS A 667 29.00 1.99 28.19
CA LYS A 667 28.61 3.38 27.98
C LYS A 667 29.76 4.18 27.37
N LEU A 668 30.99 3.97 27.88
CA LEU A 668 32.14 4.69 27.35
C LEU A 668 32.58 4.17 26.00
N GLY A 669 32.02 3.05 25.54
CA GLY A 669 32.40 2.46 24.27
C GLY A 669 33.34 1.29 24.37
N ASN A 670 33.63 0.80 25.58
CA ASN A 670 34.50 -0.36 25.77
C ASN A 670 33.68 -1.63 26.01
N GLY A 671 32.70 -1.88 25.15
CA GLY A 671 31.85 -3.04 25.32
C GLY A 671 31.71 -3.83 24.04
N LYS A 672 30.78 -4.77 24.02
CA LYS A 672 30.57 -5.57 22.81
C LYS A 672 30.04 -4.69 21.68
N ARG A 673 30.33 -5.11 20.46
CA ARG A 673 29.91 -4.39 19.27
C ARG A 673 29.10 -5.31 18.39
N ARG A 674 27.99 -4.79 17.85
CA ARG A 674 27.14 -5.53 16.93
C ARG A 674 27.83 -5.57 15.56
N GLY A 675 28.83 -6.46 15.47
CA GLY A 675 29.65 -6.55 14.30
C GLY A 675 30.74 -5.50 14.28
N VAL A 676 31.09 -5.02 13.09
CA VAL A 676 32.08 -3.94 13.00
C VAL A 676 31.50 -2.64 13.57
N LEU A 677 30.21 -2.39 13.34
CA LEU A 677 29.59 -1.17 13.82
C LEU A 677 29.33 -1.25 15.31
N SER A 678 29.46 -0.11 15.99
CA SER A 678 29.18 -0.05 17.40
C SER A 678 27.67 -0.08 17.64
N LYS A 679 27.28 -0.48 18.85
CA LYS A 679 25.88 -0.54 19.25
C LYS A 679 25.70 0.20 20.57
N GLY A 680 24.48 0.67 20.80
CA GLY A 680 24.18 1.41 22.01
C GLY A 680 23.47 0.60 23.07
N ASP A 681 22.70 -0.40 22.65
CA ASP A 681 21.94 -1.21 23.59
C ASP A 681 22.87 -2.05 24.45
N VAL A 682 22.52 -2.18 25.73
CA VAL A 682 23.28 -2.99 26.67
C VAL A 682 22.40 -4.12 27.17
N TRP A 683 22.97 -5.32 27.27
CA TRP A 683 22.24 -6.53 27.57
C TRP A 683 22.89 -7.20 28.77
N LEU A 684 22.22 -7.17 29.91
CA LEU A 684 22.76 -7.72 31.14
C LEU A 684 21.90 -8.85 31.67
N LEU A 685 22.55 -9.91 32.12
CA LEU A 685 21.90 -11.09 32.69
C LEU A 685 22.25 -11.14 34.17
N PHE A 686 21.24 -11.06 35.01
CA PHE A 686 21.41 -10.94 36.45
C PHE A 686 20.95 -12.22 37.14
N SER A 687 21.89 -13.11 37.41
CA SER A 687 21.61 -14.37 38.10
C SER A 687 21.60 -14.13 39.60
N GLY A 688 21.42 -15.19 40.38
CA GLY A 688 21.44 -15.10 41.82
C GLY A 688 20.06 -15.21 42.44
N PRO A 689 19.99 -15.52 43.73
CA PRO A 689 18.71 -15.73 44.40
C PRO A 689 18.10 -14.49 45.05
N ASP A 690 18.89 -13.45 45.30
CA ASP A 690 18.41 -12.26 45.97
C ASP A 690 17.59 -11.43 44.98
N ARG A 691 16.26 -11.49 45.12
CA ARG A 691 15.38 -10.81 44.17
C ARG A 691 15.15 -9.35 44.56
N VAL A 692 14.82 -9.10 45.83
CA VAL A 692 14.53 -7.74 46.27
C VAL A 692 15.77 -6.86 46.16
N GLY A 693 16.93 -7.41 46.53
CA GLY A 693 18.16 -6.67 46.38
C GLY A 693 18.47 -6.36 44.92
N LYS A 694 18.17 -7.31 44.02
CA LYS A 694 18.36 -7.07 42.60
C LYS A 694 17.42 -5.98 42.10
N ARG A 695 16.18 -5.97 42.59
CA ARG A 695 15.23 -4.93 42.18
C ARG A 695 15.68 -3.55 42.66
N LYS A 696 16.12 -3.46 43.92
CA LYS A 696 16.62 -2.17 44.39
C LYS A 696 17.91 -1.79 43.69
N MET A 697 18.72 -2.79 43.32
CA MET A 697 19.92 -2.56 42.52
C MET A 697 19.60 -1.88 41.20
N VAL A 698 18.67 -2.47 40.44
CA VAL A 698 18.34 -1.90 39.15
C VAL A 698 17.64 -0.55 39.32
N SER A 699 16.86 -0.39 40.39
CA SER A 699 16.26 0.92 40.65
C SER A 699 17.33 1.99 40.89
N ALA A 700 18.34 1.65 41.69
CA ALA A 700 19.43 2.59 41.95
C ALA A 700 20.19 2.91 40.67
N LEU A 701 20.49 1.88 39.88
CA LEU A 701 21.24 2.10 38.64
C LEU A 701 20.44 3.00 37.70
N SER A 702 19.13 2.75 37.59
CA SER A 702 18.29 3.61 36.75
C SER A 702 18.30 5.04 37.23
N SER A 703 18.00 5.24 38.51
CA SER A 703 17.91 6.58 39.09
C SER A 703 19.25 7.31 39.04
N LEU A 704 20.36 6.58 38.91
CA LEU A 704 21.65 7.26 38.82
C LEU A 704 22.02 7.60 37.39
N VAL A 705 22.10 6.60 36.51
CA VAL A 705 22.60 6.90 35.17
C VAL A 705 21.58 7.72 34.39
N TYR A 706 20.29 7.38 34.48
CA TYR A 706 19.28 8.04 33.69
C TYR A 706 18.33 8.89 34.53
N GLY A 707 18.41 8.81 35.85
CA GLY A 707 17.55 9.61 36.70
C GLY A 707 16.08 9.31 36.51
N THR A 708 15.75 8.04 36.27
CA THR A 708 14.37 7.66 36.01
C THR A 708 14.05 6.38 36.77
N ASN A 709 12.78 6.16 37.01
CA ASN A 709 12.31 4.93 37.61
C ASN A 709 12.38 3.79 36.60
N PRO A 710 12.64 2.57 37.08
CA PRO A 710 12.65 1.42 36.16
C PRO A 710 11.26 1.07 35.69
N ILE A 711 11.20 0.08 34.81
CA ILE A 711 9.97 -0.38 34.19
C ILE A 711 9.71 -1.82 34.64
N MET A 712 8.49 -2.09 35.09
CA MET A 712 8.17 -3.33 35.78
C MET A 712 7.49 -4.25 34.77
N ILE A 713 8.29 -5.06 34.07
CA ILE A 713 7.79 -6.14 33.23
C ILE A 713 8.24 -7.45 33.85
N GLN A 714 7.31 -8.39 33.98
CA GLN A 714 7.59 -9.73 34.46
C GLN A 714 7.32 -10.73 33.34
N LEU A 715 7.98 -11.88 33.41
CA LEU A 715 7.79 -12.89 32.39
C LEU A 715 7.44 -14.23 33.01
N GLY A 716 8.00 -14.51 34.19
CA GLY A 716 7.82 -15.78 34.86
C GLY A 716 6.62 -15.79 35.75
N SER A 717 6.59 -16.78 36.65
CA SER A 717 5.51 -16.92 37.63
C SER A 717 5.74 -15.92 38.76
N ARG A 718 5.62 -14.63 38.41
CA ARG A 718 5.83 -13.54 39.35
C ARG A 718 4.78 -12.45 39.18
N GLN A 719 3.72 -12.72 38.41
CA GLN A 719 2.73 -11.70 38.10
C GLN A 719 2.02 -11.20 39.34
N ASP A 720 1.76 -9.90 39.38
CA ASP A 720 1.01 -9.26 40.45
C ASP A 720 0.08 -8.19 39.86
N ALA A 721 -0.50 -7.36 40.74
CA ALA A 721 -1.49 -6.35 40.37
C ALA A 721 -0.92 -5.20 39.56
N GLY A 722 0.36 -5.21 39.18
CA GLY A 722 0.90 -4.14 38.37
C GLY A 722 1.21 -4.55 36.94
N ASP A 723 1.75 -5.76 36.78
CA ASP A 723 2.10 -6.24 35.45
C ASP A 723 0.87 -6.69 34.67
N GLY A 724 -0.12 -7.26 35.36
CA GLY A 724 -1.32 -7.72 34.69
C GLY A 724 -2.17 -6.56 34.23
N ASN A 725 -1.70 -5.87 33.20
CA ASN A 725 -2.37 -4.68 32.69
C ASN A 725 -3.34 -5.09 31.59
N SER A 726 -4.62 -5.19 31.93
CA SER A 726 -5.67 -5.32 30.93
C SER A 726 -5.87 -4.03 30.14
N SER A 727 -5.37 -2.92 30.65
CA SER A 727 -5.47 -1.65 29.93
C SER A 727 -4.74 -1.73 28.59
N PHE A 728 -3.73 -2.58 28.49
CA PHE A 728 -3.00 -2.72 27.24
C PHE A 728 -3.83 -3.43 26.17
N ARG A 729 -4.84 -4.20 26.57
CA ARG A 729 -5.72 -4.90 25.62
C ARG A 729 -4.85 -5.86 24.82
N GLY A 730 -4.93 -5.87 23.49
CA GLY A 730 -4.36 -6.95 22.73
C GLY A 730 -2.84 -6.98 22.69
N LYS A 731 -2.22 -7.00 23.86
CA LYS A 731 -0.76 -7.07 23.96
C LYS A 731 -0.36 -8.25 24.82
N THR A 732 0.56 -9.05 24.31
CA THR A 732 1.18 -10.10 25.10
C THR A 732 2.41 -9.53 25.80
N ALA A 733 3.23 -10.40 26.40
CA ALA A 733 4.44 -9.92 27.05
C ALA A 733 5.39 -9.31 26.04
N LEU A 734 5.55 -9.95 24.88
CA LEU A 734 6.41 -9.42 23.84
C LEU A 734 5.91 -8.08 23.34
N ASP A 735 4.59 -7.95 23.16
CA ASP A 735 4.02 -6.69 22.75
C ASP A 735 4.27 -5.61 23.79
N LYS A 736 4.13 -5.96 25.07
CA LYS A 736 4.40 -5.00 26.14
C LYS A 736 5.85 -4.53 26.10
N ILE A 737 6.78 -5.47 25.93
CA ILE A 737 8.20 -5.12 25.87
C ILE A 737 8.45 -4.16 24.71
N ALA A 738 7.91 -4.50 23.53
CA ALA A 738 8.15 -3.68 22.35
C ALA A 738 7.56 -2.29 22.51
N GLU A 739 6.33 -2.19 23.01
CA GLU A 739 5.72 -0.89 23.20
C GLU A 739 6.49 -0.03 24.20
N THR A 740 6.93 -0.65 25.31
CA THR A 740 7.69 0.10 26.30
C THR A 740 9.00 0.60 25.72
N VAL A 741 9.71 -0.25 24.97
CA VAL A 741 10.98 0.17 24.37
C VAL A 741 10.74 1.30 23.38
N LYS A 742 9.68 1.19 22.58
CA LYS A 742 9.38 2.23 21.61
C LYS A 742 9.10 3.56 22.28
N ARG A 743 8.30 3.55 23.35
CA ARG A 743 7.85 4.81 23.94
C ARG A 743 8.91 5.43 24.84
N SER A 744 9.82 4.62 25.39
CA SER A 744 10.86 5.10 26.30
C SER A 744 12.19 4.57 25.81
N PRO A 745 12.74 5.16 24.74
CA PRO A 745 14.03 4.68 24.22
C PRO A 745 15.22 4.98 25.12
N PHE A 746 14.99 5.62 26.27
CA PHE A 746 16.06 6.01 27.19
C PHE A 746 15.60 5.74 28.61
N SER A 747 15.86 4.53 29.08
CA SER A 747 15.52 4.10 30.44
C SER A 747 16.16 2.73 30.64
N VAL A 748 15.89 2.12 31.79
CA VAL A 748 16.29 0.74 32.05
C VAL A 748 15.06 -0.13 31.92
N ILE A 749 15.26 -1.31 31.34
CA ILE A 749 14.21 -2.32 31.24
C ILE A 749 14.69 -3.54 31.99
N LEU A 750 13.91 -3.97 32.99
CA LEU A 750 14.20 -5.20 33.70
C LEU A 750 13.13 -6.22 33.34
N LEU A 751 13.56 -7.43 33.03
CA LEU A 751 12.66 -8.52 32.67
C LEU A 751 12.74 -9.55 33.79
N GLU A 752 11.60 -9.88 34.37
CA GLU A 752 11.59 -10.79 35.51
C GLU A 752 11.52 -12.24 35.06
N ASP A 753 12.44 -13.05 35.59
CA ASP A 753 12.44 -14.50 35.42
C ASP A 753 12.48 -14.91 33.95
N ILE A 754 13.59 -14.57 33.31
CA ILE A 754 13.82 -15.01 31.94
C ILE A 754 13.87 -16.53 31.85
N ASP A 755 14.11 -17.22 32.97
CA ASP A 755 14.12 -18.67 32.96
C ASP A 755 12.72 -19.25 32.79
N GLU A 756 11.72 -18.57 33.33
CA GLU A 756 10.34 -19.02 33.22
C GLU A 756 9.57 -18.38 32.08
N ALA A 757 10.25 -17.62 31.21
CA ALA A 757 9.59 -17.07 30.05
C ALA A 757 9.35 -18.15 29.00
N ASP A 758 8.34 -17.90 28.15
CA ASP A 758 7.98 -18.84 27.11
C ASP A 758 9.08 -18.92 26.07
N MET A 759 9.14 -20.07 25.38
CA MET A 759 10.14 -20.24 24.34
C MET A 759 9.99 -19.16 23.26
N LEU A 760 8.76 -18.68 23.07
CA LEU A 760 8.53 -17.61 22.10
C LEU A 760 9.20 -16.31 22.54
N VAL A 761 9.04 -15.94 23.81
CA VAL A 761 9.65 -14.70 24.30
C VAL A 761 11.17 -14.80 24.26
N ARG A 762 11.72 -15.95 24.68
CA ARG A 762 13.17 -16.11 24.65
C ARG A 762 13.69 -16.06 23.23
N GLY A 763 13.00 -16.70 22.28
CA GLY A 763 13.41 -16.61 20.89
C GLY A 763 13.37 -15.17 20.37
N SER A 764 12.33 -14.43 20.76
CA SER A 764 12.25 -13.04 20.36
C SER A 764 13.40 -12.22 20.93
N ILE A 765 13.78 -12.51 22.17
CA ILE A 765 14.90 -11.80 22.79
C ILE A 765 16.20 -12.13 22.07
N LYS A 766 16.38 -13.39 21.68
CA LYS A 766 17.55 -13.75 20.89
C LYS A 766 17.59 -12.98 19.58
N GLN A 767 16.45 -12.89 18.89
CA GLN A 767 16.40 -12.15 17.65
C GLN A 767 16.71 -10.68 17.88
N ALA A 768 16.20 -10.10 18.96
CA ALA A 768 16.48 -8.70 19.28
C ALA A 768 17.96 -8.49 19.55
N MET A 769 18.60 -9.43 20.25
CA MET A 769 20.00 -9.27 20.58
C MET A 769 20.89 -9.44 19.36
N ASP A 770 20.50 -10.30 18.41
CA ASP A 770 21.26 -10.41 17.17
C ASP A 770 21.04 -9.19 16.27
N ARG A 771 19.80 -8.99 15.84
CA ARG A 771 19.50 -7.99 14.82
C ARG A 771 19.38 -6.57 15.36
N GLY A 772 19.44 -6.39 16.67
CA GLY A 772 19.44 -5.06 17.23
C GLY A 772 18.09 -4.37 17.23
N ARG A 773 17.04 -5.03 16.77
CA ARG A 773 15.70 -4.50 16.77
C ARG A 773 14.77 -5.58 17.32
N ILE A 774 13.78 -5.17 18.11
CA ILE A 774 12.80 -6.09 18.66
C ILE A 774 11.57 -6.11 17.77
N ARG A 775 11.11 -7.31 17.43
CA ARG A 775 9.90 -7.49 16.65
C ARG A 775 8.76 -7.89 17.59
N ASP A 776 7.62 -7.23 17.47
CA ASP A 776 6.50 -7.56 18.34
C ASP A 776 5.60 -8.58 17.65
N SER A 777 4.39 -8.76 18.20
CA SER A 777 3.47 -9.79 17.73
C SER A 777 2.90 -9.49 16.36
N HIS A 778 2.98 -8.25 15.89
CA HIS A 778 2.44 -7.87 14.60
C HIS A 778 3.50 -7.72 13.53
N GLY A 779 4.73 -8.15 13.82
CA GLY A 779 5.80 -8.13 12.85
C GLY A 779 6.50 -6.80 12.71
N ARG A 780 6.04 -5.77 13.41
CA ARG A 780 6.70 -4.48 13.35
C ARG A 780 8.08 -4.58 13.97
N GLU A 781 9.04 -3.85 13.41
CA GLU A 781 10.39 -3.81 13.93
C GLU A 781 10.60 -2.50 14.67
N ILE A 782 11.11 -2.60 15.89
CA ILE A 782 11.36 -1.43 16.72
C ILE A 782 12.82 -1.42 17.12
N SER A 783 13.50 -0.31 16.85
CA SER A 783 14.90 -0.18 17.21
C SER A 783 15.05 -0.16 18.72
N LEU A 784 16.04 -0.89 19.21
CA LEU A 784 16.27 -0.98 20.64
C LEU A 784 16.77 0.34 21.24
N GLY A 785 17.21 1.26 20.41
CA GLY A 785 17.85 2.45 20.94
C GLY A 785 19.13 2.07 21.63
N ASN A 786 19.23 2.43 22.91
CA ASN A 786 20.38 2.06 23.75
C ASN A 786 19.91 1.64 25.12
N VAL A 787 18.68 1.13 25.20
CA VAL A 787 18.03 0.90 26.49
C VAL A 787 18.84 -0.09 27.32
N ILE A 788 18.94 0.19 28.62
CA ILE A 788 19.57 -0.74 29.55
C ILE A 788 18.60 -1.86 29.86
N PHE A 789 19.01 -3.09 29.51
CA PHE A 789 18.20 -4.28 29.71
C PHE A 789 18.86 -5.13 30.79
N VAL A 790 18.06 -5.59 31.76
CA VAL A 790 18.53 -6.54 32.75
C VAL A 790 17.52 -7.68 32.86
N MET A 791 18.01 -8.90 32.74
CA MET A 791 17.21 -10.11 32.89
C MET A 791 17.50 -10.72 34.25
N THR A 792 16.46 -10.92 35.06
CA THR A 792 16.63 -11.43 36.41
C THR A 792 16.59 -12.94 36.35
N ALA A 793 17.76 -13.57 36.43
CA ALA A 793 17.89 -15.01 36.29
C ALA A 793 17.92 -15.66 37.68
N SER A 794 17.86 -16.99 37.72
CA SER A 794 17.91 -17.71 38.99
C SER A 794 18.61 -19.07 38.92
N TRP A 795 19.59 -19.24 38.02
CA TRP A 795 20.25 -20.54 37.99
C TRP A 795 21.44 -20.56 38.93
N HIS A 796 21.73 -21.75 39.46
CA HIS A 796 22.85 -21.94 40.37
C HIS A 796 23.50 -23.30 40.16
N LYS A 889 30.45 -13.11 38.94
CA LYS A 889 30.54 -13.75 37.63
C LYS A 889 29.60 -14.95 37.53
N LEU A 890 29.06 -15.18 36.34
CA LEU A 890 28.16 -16.30 36.10
C LEU A 890 28.93 -17.47 35.50
N SER A 891 28.84 -18.63 36.15
CA SER A 891 29.54 -19.82 35.68
C SER A 891 28.75 -20.51 34.58
N LEU A 892 29.45 -20.97 33.55
CA LEU A 892 28.80 -21.69 32.46
C LEU A 892 28.33 -23.07 32.87
N GLN A 893 28.93 -23.67 33.90
CA GLN A 893 28.52 -24.99 34.34
C GLN A 893 27.12 -24.97 34.93
N CYS A 894 26.71 -23.87 35.54
CA CYS A 894 25.42 -23.75 36.20
C CYS A 894 24.31 -23.29 35.26
N VAL A 895 24.61 -23.06 33.99
CA VAL A 895 23.64 -22.58 33.02
C VAL A 895 23.10 -23.77 32.23
N PRO A 896 21.79 -23.95 32.14
CA PRO A 896 21.24 -25.00 31.28
C PRO A 896 21.61 -24.78 29.82
N PHE A 897 21.66 -25.88 29.09
CA PHE A 897 22.11 -25.83 27.69
C PHE A 897 21.24 -24.90 26.86
N ALA A 898 19.94 -24.84 27.17
CA ALA A 898 19.03 -24.00 26.40
C ALA A 898 19.42 -22.53 26.50
N PHE A 899 19.87 -22.09 27.69
CA PHE A 899 20.23 -20.70 27.90
C PHE A 899 21.71 -20.42 27.65
N HIS A 900 22.46 -21.41 27.16
CA HIS A 900 23.88 -21.19 26.91
C HIS A 900 24.12 -20.15 25.82
N ASP A 901 23.29 -20.18 24.77
CA ASP A 901 23.44 -19.21 23.68
C ASP A 901 23.23 -17.79 24.18
N MET A 902 22.24 -17.59 25.05
CA MET A 902 22.00 -16.28 25.63
C MET A 902 23.22 -15.78 26.38
N VAL A 903 23.83 -16.64 27.21
CA VAL A 903 24.99 -16.24 27.98
C VAL A 903 26.16 -15.93 27.07
N SER A 904 26.37 -16.75 26.04
CA SER A 904 27.48 -16.51 25.11
C SER A 904 27.28 -15.20 24.36
N ARG A 905 26.04 -14.86 24.02
CA ARG A 905 25.75 -13.69 23.22
C ARG A 905 25.38 -12.46 24.04
N VAL A 906 25.16 -12.61 25.35
CA VAL A 906 24.86 -11.45 26.17
C VAL A 906 26.12 -10.61 26.36
N ASP A 907 25.93 -9.31 26.59
CA ASP A 907 27.08 -8.43 26.81
C ASP A 907 27.81 -8.79 28.10
N ASP A 908 27.06 -9.06 29.16
CA ASP A 908 27.68 -9.46 30.43
C ASP A 908 26.69 -10.30 31.21
N ALA A 909 27.22 -11.14 32.10
CA ALA A 909 26.43 -11.96 32.99
C ALA A 909 26.94 -11.78 34.41
N VAL A 910 26.04 -11.46 35.34
CA VAL A 910 26.39 -11.16 36.72
C VAL A 910 25.63 -12.09 37.65
N ALA A 911 26.34 -12.73 38.57
CA ALA A 911 25.75 -13.65 39.53
C ALA A 911 25.65 -12.94 40.89
N PHE A 912 24.43 -12.86 41.41
CA PHE A 912 24.21 -12.28 42.73
C PHE A 912 24.50 -13.32 43.80
N ARG A 913 25.15 -12.89 44.88
CA ARG A 913 25.45 -13.79 45.98
C ARG A 913 24.20 -14.07 46.80
N ALA A 914 24.18 -15.23 47.44
CA ALA A 914 23.05 -15.63 48.27
C ALA A 914 23.11 -14.95 49.63
N ILE B 6 9.27 41.30 -45.98
CA ILE B 6 8.92 40.23 -46.90
C ILE B 6 7.42 40.25 -47.18
N VAL B 7 7.03 39.84 -48.38
CA VAL B 7 5.64 39.70 -48.77
C VAL B 7 5.42 38.30 -49.28
N LEU B 8 4.41 37.61 -48.74
CA LEU B 8 4.09 36.26 -49.13
C LEU B 8 2.89 36.24 -50.07
N LYS B 9 2.76 35.14 -50.80
CA LYS B 9 1.68 34.96 -51.77
C LYS B 9 0.92 33.68 -51.44
N SER B 10 -0.41 33.79 -51.39
CA SER B 10 -1.24 32.64 -51.08
C SER B 10 -1.40 31.75 -52.32
N SER B 11 -2.04 30.59 -52.12
CA SER B 11 -2.35 29.71 -53.24
C SER B 11 -3.32 30.36 -54.21
N ASP B 12 -4.32 31.08 -53.68
CA ASP B 12 -5.27 31.78 -54.55
C ASP B 12 -4.65 32.96 -55.25
N GLY B 13 -3.48 33.42 -54.82
CA GLY B 13 -2.81 34.55 -55.43
C GLY B 13 -2.79 35.80 -54.59
N GLU B 14 -3.51 35.81 -53.47
CA GLU B 14 -3.49 36.96 -52.58
C GLU B 14 -2.11 37.13 -51.95
N SER B 15 -1.77 38.37 -51.61
CA SER B 15 -0.47 38.69 -51.05
C SER B 15 -0.66 39.26 -49.64
N PHE B 16 0.23 38.85 -48.74
CA PHE B 16 0.23 39.34 -47.37
C PHE B 16 1.64 39.79 -46.99
N GLU B 17 1.70 40.78 -46.10
CA GLU B 17 2.96 41.30 -45.61
C GLU B 17 3.37 40.54 -44.35
N VAL B 18 4.63 40.11 -44.31
CA VAL B 18 5.13 39.30 -43.21
C VAL B 18 6.35 39.96 -42.60
N GLU B 19 6.36 40.06 -41.27
CA GLU B 19 7.51 40.60 -40.55
C GLU B 19 8.67 39.61 -40.58
N GLU B 20 9.88 40.15 -40.47
CA GLU B 20 11.09 39.32 -40.52
C GLU B 20 11.09 38.30 -39.39
N ALA B 21 10.75 38.73 -38.18
CA ALA B 21 10.66 37.79 -37.05
C ALA B 21 9.52 36.81 -37.26
N VAL B 22 8.41 37.27 -37.81
CA VAL B 22 7.31 36.37 -38.15
C VAL B 22 7.76 35.35 -39.18
N ALA B 23 8.57 35.79 -40.16
CA ALA B 23 9.14 34.85 -41.13
C ALA B 23 10.04 33.84 -40.44
N LEU B 24 10.84 34.29 -39.49
CA LEU B 24 11.74 33.39 -38.77
C LEU B 24 10.99 32.46 -37.83
N GLU B 25 9.72 32.76 -37.51
CA GLU B 25 8.92 31.80 -36.77
C GLU B 25 8.78 30.49 -37.52
N SER B 26 8.55 30.56 -38.83
CA SER B 26 8.40 29.36 -39.64
C SER B 26 9.76 28.91 -40.15
N GLN B 27 10.16 27.69 -39.77
CA GLN B 27 11.43 27.15 -40.26
C GLN B 27 11.41 26.98 -41.77
N THR B 28 10.28 26.55 -42.32
CA THR B 28 10.18 26.37 -43.77
C THR B 28 10.35 27.70 -44.50
N ILE B 29 9.72 28.76 -43.99
CA ILE B 29 9.86 30.08 -44.61
C ILE B 29 11.26 30.64 -44.37
N ALA B 30 11.79 30.45 -43.16
CA ALA B 30 13.12 30.96 -42.85
C ALA B 30 14.19 30.31 -43.72
N HIS B 31 14.07 29.00 -43.96
CA HIS B 31 15.06 28.32 -44.79
C HIS B 31 14.88 28.67 -46.26
N MET B 32 13.64 28.82 -46.71
CA MET B 32 13.37 29.28 -48.07
C MET B 32 13.24 30.80 -48.11
N GLY B 41 9.14 37.08 -53.70
CA GLY B 41 7.76 36.66 -53.86
C GLY B 41 7.34 35.61 -52.85
N VAL B 42 8.10 34.51 -52.80
CA VAL B 42 7.85 33.38 -51.90
C VAL B 42 6.39 32.95 -52.01
N PRO B 43 5.96 32.38 -53.13
CA PRO B 43 4.57 31.93 -53.23
C PRO B 43 4.31 30.73 -52.32
N LEU B 44 3.09 30.66 -51.81
CA LEU B 44 2.63 29.55 -50.99
C LEU B 44 1.46 28.90 -51.71
N PRO B 45 1.74 27.92 -52.58
CA PRO B 45 0.68 27.31 -53.39
C PRO B 45 -0.11 26.22 -52.67
N ASN B 46 0.02 26.10 -51.36
CA ASN B 46 -0.67 25.07 -50.60
C ASN B 46 -1.56 25.64 -49.50
N VAL B 47 -1.54 26.95 -49.30
CA VAL B 47 -2.29 27.60 -48.23
C VAL B 47 -3.11 28.74 -48.82
N THR B 48 -4.26 29.01 -48.20
CA THR B 48 -5.16 30.04 -48.72
C THR B 48 -4.98 31.33 -47.94
N SER B 49 -5.76 32.35 -48.33
CA SER B 49 -5.62 33.67 -47.72
C SER B 49 -6.04 33.68 -46.26
N LYS B 50 -7.21 33.12 -45.95
CA LYS B 50 -7.67 33.12 -44.56
C LYS B 50 -6.72 32.37 -43.65
N ILE B 51 -5.95 31.42 -44.19
CA ILE B 51 -4.97 30.71 -43.38
C ILE B 51 -3.93 31.67 -42.82
N LEU B 52 -3.36 32.52 -43.69
CA LEU B 52 -2.45 33.55 -43.21
C LEU B 52 -3.18 34.56 -42.33
N ALA B 53 -4.41 34.91 -42.72
CA ALA B 53 -5.19 35.86 -41.94
C ALA B 53 -5.43 35.37 -40.51
N LYS B 54 -5.39 34.06 -40.29
CA LYS B 54 -5.54 33.49 -38.96
C LYS B 54 -4.21 33.15 -38.29
N VAL B 55 -3.15 32.91 -39.06
CA VAL B 55 -1.86 32.53 -38.48
C VAL B 55 -0.96 33.72 -38.18
N ILE B 56 -1.13 34.84 -38.89
CA ILE B 56 -0.18 35.93 -38.79
C ILE B 56 -0.30 36.64 -37.44
N GLU B 57 -1.53 36.82 -36.96
CA GLU B 57 -1.71 37.43 -35.65
C GLU B 57 -1.07 36.58 -34.56
N TYR B 58 -1.23 35.26 -34.65
CA TYR B 58 -0.57 34.38 -33.68
C TYR B 58 0.94 34.49 -33.78
N CYS B 59 1.46 34.50 -35.00
CA CYS B 59 2.91 34.61 -35.16
C CYS B 59 3.43 35.91 -34.55
N LYS B 60 2.73 37.02 -34.79
CA LYS B 60 3.14 38.30 -34.24
C LYS B 60 3.06 38.32 -32.72
N ARG B 61 1.97 37.79 -32.16
CA ARG B 61 1.84 37.73 -30.71
C ARG B 61 2.93 36.88 -30.08
N HIS B 62 3.27 35.75 -30.71
CA HIS B 62 4.36 34.93 -30.21
C HIS B 62 5.70 35.64 -30.32
N VAL B 63 5.92 36.40 -31.39
CA VAL B 63 7.18 37.12 -31.53
C VAL B 63 7.37 38.10 -30.39
N GLU B 64 6.36 38.92 -30.12
CA GLU B 64 6.45 39.93 -29.07
C GLU B 64 6.07 39.32 -27.73
N ASP B 82 -3.64 36.59 -19.65
CA ASP B 82 -3.88 37.31 -20.90
C ASP B 82 -3.58 36.40 -22.09
N LEU B 83 -2.46 35.68 -22.01
CA LEU B 83 -2.12 34.74 -23.07
C LEU B 83 -3.13 33.60 -23.15
N LYS B 84 -3.55 33.07 -22.00
CA LYS B 84 -4.48 31.94 -22.01
C LYS B 84 -5.82 32.34 -22.58
N ALA B 85 -6.38 33.47 -22.15
CA ALA B 85 -7.68 33.90 -22.64
C ALA B 85 -7.63 34.21 -24.13
N TRP B 86 -6.59 34.92 -24.57
CA TRP B 86 -6.46 35.25 -25.99
C TRP B 86 -6.31 33.99 -26.84
N ASP B 87 -5.50 33.04 -26.37
CA ASP B 87 -5.32 31.79 -27.10
C ASP B 87 -6.63 31.01 -27.18
N ALA B 88 -7.37 30.94 -26.07
CA ALA B 88 -8.65 30.26 -26.08
C ALA B 88 -9.62 30.92 -27.04
N ASP B 89 -9.63 32.26 -27.08
CA ASP B 89 -10.42 32.97 -28.06
C ASP B 89 -10.00 32.64 -29.49
N PHE B 90 -8.69 32.49 -29.72
CA PHE B 90 -8.24 32.25 -31.09
C PHE B 90 -8.57 30.81 -31.51
N MET B 91 -8.66 29.90 -30.55
CA MET B 91 -9.07 28.53 -30.81
C MET B 91 -10.54 28.45 -31.20
N LYS B 92 -11.32 29.49 -30.89
CA LYS B 92 -12.78 29.47 -31.06
C LYS B 92 -13.09 29.56 -32.54
N ILE B 93 -12.73 28.49 -33.26
CA ILE B 93 -12.95 28.38 -34.69
C ILE B 93 -13.54 27.01 -34.97
N ASP B 94 -14.16 26.86 -36.14
CA ASP B 94 -14.81 25.60 -36.45
C ASP B 94 -13.77 24.52 -36.71
N GLN B 95 -14.25 23.27 -36.71
CA GLN B 95 -13.37 22.13 -36.82
C GLN B 95 -12.63 22.10 -38.16
N ALA B 96 -13.34 22.36 -39.26
CA ALA B 96 -12.70 22.29 -40.58
C ALA B 96 -11.62 23.36 -40.73
N THR B 97 -11.91 24.60 -40.31
CA THR B 97 -10.91 25.64 -40.33
C THR B 97 -9.69 25.20 -39.53
N LEU B 98 -9.92 24.50 -38.42
CA LEU B 98 -8.83 24.04 -37.57
C LEU B 98 -7.98 22.99 -38.28
N PHE B 99 -8.63 22.08 -39.04
CA PHE B 99 -7.86 21.10 -39.80
C PHE B 99 -7.00 21.77 -40.85
N GLU B 100 -7.55 22.76 -41.56
CA GLU B 100 -6.72 23.51 -42.50
C GLU B 100 -5.56 24.15 -41.77
N LEU B 101 -5.79 24.66 -40.56
CA LEU B 101 -4.72 25.27 -39.79
C LEU B 101 -3.61 24.28 -39.47
N ILE B 102 -3.96 23.08 -39.01
CA ILE B 102 -2.93 22.13 -38.59
C ILE B 102 -2.17 21.61 -39.81
N LEU B 103 -2.87 21.38 -40.93
CA LEU B 103 -2.17 21.09 -42.18
C LEU B 103 -1.19 22.19 -42.53
N ALA B 104 -1.61 23.45 -42.41
CA ALA B 104 -0.72 24.56 -42.74
C ALA B 104 0.48 24.60 -41.81
N ALA B 105 0.26 24.31 -40.52
CA ALA B 105 1.37 24.29 -39.56
C ALA B 105 2.36 23.21 -39.92
N ASN B 106 1.87 22.03 -40.32
CA ASN B 106 2.78 20.95 -40.72
C ASN B 106 3.57 21.36 -41.96
N TYR B 107 2.89 21.89 -42.98
CA TYR B 107 3.58 22.25 -44.21
C TYR B 107 4.59 23.37 -43.97
N LEU B 108 4.21 24.36 -43.16
CA LEU B 108 5.12 25.41 -42.75
C LEU B 108 6.05 24.97 -41.64
N ASN B 109 5.78 23.81 -41.03
CA ASN B 109 6.65 23.18 -40.03
C ASN B 109 6.94 24.18 -38.91
N ILE B 110 5.90 24.55 -38.19
CA ILE B 110 6.01 25.38 -37.00
C ILE B 110 5.62 24.51 -35.81
N LYS B 111 6.60 24.18 -34.97
CA LYS B 111 6.38 23.20 -33.92
C LYS B 111 5.33 23.69 -32.93
N ASN B 112 5.44 24.94 -32.48
CA ASN B 112 4.50 25.43 -31.47
C ASN B 112 3.08 25.47 -32.00
N LEU B 113 2.88 26.07 -33.18
CA LEU B 113 1.53 26.14 -33.71
C LEU B 113 0.97 24.73 -33.92
N LEU B 114 1.78 23.82 -34.46
CA LEU B 114 1.27 22.49 -34.76
C LEU B 114 0.91 21.74 -33.48
N ASP B 115 1.76 21.82 -32.45
CA ASP B 115 1.46 21.01 -31.27
C ASP B 115 0.32 21.62 -30.47
N LEU B 116 0.21 22.95 -30.45
CA LEU B 116 -0.95 23.57 -29.84
C LEU B 116 -2.23 23.17 -30.58
N THR B 117 -2.19 23.18 -31.91
CA THR B 117 -3.38 22.78 -32.68
C THR B 117 -3.75 21.32 -32.42
N CYS B 118 -2.76 20.44 -32.42
CA CYS B 118 -3.07 19.02 -32.25
C CYS B 118 -3.59 18.76 -30.85
N GLN B 119 -3.04 19.44 -29.85
CA GLN B 119 -3.57 19.35 -28.50
C GLN B 119 -5.00 19.86 -28.44
N THR B 120 -5.29 20.96 -29.14
CA THR B 120 -6.63 21.53 -29.12
C THR B 120 -7.63 20.55 -29.71
N VAL B 121 -7.28 19.89 -30.81
CA VAL B 121 -8.18 18.89 -31.36
C VAL B 121 -8.31 17.70 -30.41
N ALA B 122 -7.18 17.21 -29.86
CA ALA B 122 -7.22 16.06 -28.97
C ALA B 122 -8.02 16.36 -27.71
N ASP B 123 -8.25 17.62 -27.41
CA ASP B 123 -9.15 17.95 -26.32
C ASP B 123 -10.56 17.46 -26.59
N MET B 124 -11.02 17.48 -27.85
CA MET B 124 -12.35 16.94 -28.08
C MET B 124 -12.33 15.42 -28.16
N ILE B 125 -11.15 14.81 -28.22
CA ILE B 125 -11.07 13.36 -28.14
C ILE B 125 -11.47 12.90 -26.74
N LYS B 126 -10.96 13.57 -25.71
CA LYS B 126 -11.23 13.15 -24.34
C LYS B 126 -12.68 13.40 -23.96
N GLY B 127 -13.16 12.61 -23.00
CA GLY B 127 -14.50 12.78 -22.48
C GLY B 127 -15.60 12.36 -23.43
N LYS B 128 -15.28 11.53 -24.41
CA LYS B 128 -16.27 11.08 -25.38
C LYS B 128 -16.13 9.57 -25.61
N THR B 129 -17.26 8.92 -25.80
CA THR B 129 -17.31 7.53 -26.19
C THR B 129 -16.89 7.38 -27.66
N PRO B 130 -16.52 6.17 -28.08
CA PRO B 130 -16.15 5.98 -29.50
C PRO B 130 -17.24 6.40 -30.46
N GLU B 131 -18.50 6.13 -30.14
CA GLU B 131 -19.59 6.59 -31.00
C GLU B 131 -19.63 8.10 -31.09
N GLU B 132 -19.38 8.79 -29.98
CA GLU B 132 -19.38 10.25 -30.01
C GLU B 132 -18.26 10.77 -30.88
N ILE B 133 -17.08 10.13 -30.81
CA ILE B 133 -15.98 10.53 -31.67
C ILE B 133 -16.36 10.34 -33.13
N ARG B 134 -16.97 9.19 -33.45
CA ARG B 134 -17.39 8.95 -34.83
C ARG B 134 -18.40 9.99 -35.30
N THR B 135 -19.38 10.30 -34.46
CA THR B 135 -20.43 11.24 -34.85
C THR B 135 -19.87 12.64 -35.05
N THR B 136 -19.05 13.11 -34.11
CA THR B 136 -18.51 14.46 -34.22
C THR B 136 -17.50 14.55 -35.35
N PHE B 137 -17.00 13.40 -35.82
CA PHE B 137 -15.88 13.40 -36.77
C PHE B 137 -16.20 12.69 -38.08
N ASN B 138 -17.49 12.53 -38.42
CA ASN B 138 -17.99 11.74 -39.55
C ASN B 138 -17.17 10.46 -39.78
N ILE B 139 -16.91 9.71 -38.72
CA ILE B 139 -16.00 8.56 -38.76
C ILE B 139 -16.82 7.32 -39.07
N LYS B 140 -16.29 6.50 -39.97
CA LYS B 140 -16.95 5.25 -40.33
C LYS B 140 -16.37 4.11 -39.51
N ASN B 141 -17.27 3.27 -38.98
CA ASN B 141 -16.92 2.18 -38.07
C ASN B 141 -16.72 0.88 -38.85
N ASP B 142 -15.51 0.30 -38.78
CA ASP B 142 -15.22 -0.97 -39.44
C ASP B 142 -14.82 -2.06 -38.45
N PHE B 143 -15.32 -1.98 -37.22
CA PHE B 143 -15.01 -2.96 -36.18
C PHE B 143 -16.16 -3.96 -36.05
N THR B 144 -15.85 -5.24 -36.24
CA THR B 144 -16.80 -6.30 -35.95
C THR B 144 -16.99 -6.43 -34.44
N PRO B 145 -18.15 -6.94 -34.01
CA PRO B 145 -18.37 -7.09 -32.56
C PRO B 145 -17.32 -7.93 -31.88
N GLU B 146 -16.84 -8.98 -32.54
CA GLU B 146 -15.76 -9.77 -31.97
C GLU B 146 -14.49 -8.95 -31.80
N GLU B 147 -14.15 -8.15 -32.81
CA GLU B 147 -12.97 -7.30 -32.71
C GLU B 147 -13.12 -6.26 -31.61
N GLU B 148 -14.30 -5.64 -31.51
CA GLU B 148 -14.53 -4.69 -30.44
C GLU B 148 -14.38 -5.35 -29.07
N GLU B 149 -14.95 -6.55 -28.91
CA GLU B 149 -14.81 -7.26 -27.65
C GLU B 149 -13.35 -7.57 -27.35
N GLU B 150 -12.59 -7.97 -28.36
CA GLU B 150 -11.18 -8.28 -28.11
C GLU B 150 -10.39 -7.03 -27.70
N VAL B 151 -10.67 -5.89 -28.33
CA VAL B 151 -9.97 -4.68 -27.97
C VAL B 151 -10.37 -4.24 -26.55
N ARG B 152 -11.64 -4.39 -26.20
CA ARG B 152 -12.04 -4.11 -24.83
C ARG B 152 -11.32 -5.02 -23.84
N ARG B 153 -11.18 -6.30 -24.19
CA ARG B 153 -10.49 -7.23 -23.32
C ARG B 153 -9.04 -6.82 -23.12
N GLU B 154 -8.37 -6.39 -24.18
CA GLU B 154 -7.00 -5.89 -24.02
C GLU B 154 -6.98 -4.65 -23.15
N ASN B 155 -7.94 -3.74 -23.34
CA ASN B 155 -7.97 -2.50 -22.58
C ASN B 155 -8.23 -2.74 -21.10
N GLN B 156 -8.86 -3.86 -20.75
CA GLN B 156 -9.14 -4.13 -19.35
C GLN B 156 -7.89 -4.35 -18.51
N TRP B 157 -6.71 -4.38 -19.13
CA TRP B 157 -5.47 -4.60 -18.40
C TRP B 157 -4.80 -3.31 -17.95
N ALA B 158 -5.39 -2.15 -18.24
CA ALA B 158 -4.77 -0.86 -17.93
C ALA B 158 -5.60 -0.12 -16.89
N PHE B 159 -4.95 0.33 -15.83
CA PHE B 159 -5.65 1.10 -14.81
C PHE B 159 -5.96 2.50 -15.32
N GLU B 160 -7.23 2.75 -15.61
CA GLU B 160 -7.64 4.05 -16.11
C GLU B 160 -7.60 5.08 -14.98
N MET C 30 -5.73 -27.19 -3.99
CA MET C 30 -5.79 -28.55 -3.48
C MET C 30 -7.18 -29.14 -3.68
N SER C 31 -7.88 -29.39 -2.58
CA SER C 31 -9.22 -29.98 -2.63
C SER C 31 -10.28 -28.89 -2.58
N SER C 32 -11.49 -29.26 -2.98
CA SER C 32 -12.60 -28.31 -2.95
C SER C 32 -12.95 -27.92 -1.52
N ILE C 33 -12.91 -28.88 -0.60
CA ILE C 33 -13.23 -28.58 0.79
C ILE C 33 -12.14 -27.68 1.39
N GLY C 34 -10.89 -27.86 0.96
CA GLY C 34 -9.82 -27.02 1.47
C GLY C 34 -9.85 -25.63 0.91
N LEU C 35 -10.50 -25.45 -0.24
CA LEU C 35 -10.58 -24.13 -0.84
C LEU C 35 -11.84 -23.40 -0.39
N ALA C 36 -12.88 -24.16 -0.04
CA ALA C 36 -14.11 -23.54 0.44
C ALA C 36 -14.03 -23.10 1.88
N HIS C 37 -13.02 -23.57 2.62
CA HIS C 37 -12.89 -23.26 4.04
C HIS C 37 -11.57 -22.59 4.39
N ASN C 38 -10.74 -22.27 3.41
CA ASN C 38 -9.49 -21.56 3.64
C ASN C 38 -8.62 -22.30 4.65
N VAL C 39 -8.58 -23.62 4.52
CA VAL C 39 -7.87 -24.45 5.48
C VAL C 39 -6.38 -24.22 5.32
N THR C 40 -5.70 -24.00 6.44
CA THR C 40 -4.25 -23.86 6.48
C THR C 40 -3.68 -24.82 7.50
N ILE C 41 -2.54 -25.43 7.16
CA ILE C 41 -1.84 -26.36 8.04
C ILE C 41 -0.50 -25.74 8.41
N LEU C 42 -0.26 -25.62 9.72
CA LEU C 42 0.99 -25.07 10.22
C LEU C 42 1.61 -26.03 11.22
N GLY C 43 2.89 -25.82 11.48
CA GLY C 43 3.56 -26.57 12.52
C GLY C 43 3.93 -27.98 12.12
N SER C 44 4.36 -28.74 13.11
CA SER C 44 4.78 -30.11 12.89
C SER C 44 4.49 -30.91 14.16
N GLY C 45 4.78 -32.20 14.11
CA GLY C 45 4.51 -33.06 15.23
C GLY C 45 3.27 -33.91 15.01
N GLU C 46 3.21 -35.02 15.74
CA GLU C 46 2.13 -35.99 15.53
C GLU C 46 0.79 -35.47 16.03
N THR C 47 0.77 -34.63 17.06
CA THR C 47 -0.49 -34.15 17.60
C THR C 47 -0.99 -32.96 16.80
N THR C 48 -2.29 -32.96 16.51
CA THR C 48 -2.92 -31.93 15.69
C THR C 48 -3.86 -31.12 16.55
N VAL C 49 -3.78 -29.80 16.44
CA VAL C 49 -4.67 -28.88 17.13
C VAL C 49 -5.55 -28.22 16.07
N VAL C 50 -6.86 -28.30 16.27
CA VAL C 50 -7.83 -27.70 15.36
C VAL C 50 -8.44 -26.50 16.05
N LEU C 51 -8.36 -25.34 15.40
CA LEU C 51 -8.85 -24.10 15.97
C LEU C 51 -10.12 -23.67 15.26
N GLY C 52 -11.25 -23.82 15.94
CA GLY C 52 -12.52 -23.42 15.36
C GLY C 52 -12.98 -22.08 15.87
N HIS C 53 -13.00 -21.09 14.99
CA HIS C 53 -13.36 -19.74 15.39
C HIS C 53 -14.86 -19.65 15.69
N GLY C 54 -15.25 -18.57 16.33
CA GLY C 54 -16.65 -18.34 16.61
C GLY C 54 -17.38 -17.75 15.43
N TYR C 55 -18.70 -17.68 15.57
CA TYR C 55 -19.52 -17.10 14.52
C TYR C 55 -19.33 -15.59 14.46
N GLY C 56 -19.18 -15.07 13.26
CA GLY C 56 -18.96 -13.65 13.04
C GLY C 56 -17.51 -13.26 12.83
N THR C 57 -16.58 -14.12 13.18
CA THR C 57 -15.16 -13.90 12.93
C THR C 57 -14.64 -14.98 11.99
N ASP C 58 -13.32 -15.04 11.84
CA ASP C 58 -12.70 -16.04 10.99
C ASP C 58 -11.44 -16.53 11.68
N GLN C 59 -10.62 -17.28 10.93
CA GLN C 59 -9.43 -17.87 11.52
C GLN C 59 -8.41 -16.82 11.94
N SER C 60 -8.60 -15.57 11.51
CA SER C 60 -7.68 -14.50 11.89
C SER C 60 -7.72 -14.20 13.39
N VAL C 61 -8.76 -14.65 14.09
CA VAL C 61 -8.86 -14.40 15.52
C VAL C 61 -7.85 -15.19 16.34
N TRP C 62 -7.22 -16.21 15.75
CA TRP C 62 -6.23 -17.01 16.42
C TRP C 62 -4.80 -16.63 16.05
N LYS C 63 -4.60 -15.44 15.49
CA LYS C 63 -3.26 -15.04 15.06
C LYS C 63 -2.34 -14.80 16.24
N LEU C 64 -2.87 -14.55 17.42
CA LEU C 64 -2.05 -14.41 18.61
C LEU C 64 -1.74 -15.74 19.27
N LEU C 65 -2.57 -16.76 19.07
CA LEU C 65 -2.32 -18.07 19.65
C LEU C 65 -1.46 -18.95 18.77
N VAL C 66 -1.59 -18.83 17.44
CA VAL C 66 -0.90 -19.75 16.55
C VAL C 66 0.59 -19.81 16.77
N PRO C 67 1.31 -18.69 16.97
CA PRO C 67 2.77 -18.80 17.18
C PRO C 67 3.16 -19.64 18.37
N TYR C 68 2.32 -19.73 19.40
CA TYR C 68 2.63 -20.52 20.58
C TYR C 68 2.52 -22.02 20.35
N LEU C 69 1.92 -22.44 19.23
CA LEU C 69 1.65 -23.85 19.00
C LEU C 69 2.46 -24.46 17.87
N VAL C 70 2.88 -23.64 16.89
CA VAL C 70 3.50 -24.16 15.68
C VAL C 70 4.79 -24.90 15.97
N ASP C 71 5.46 -24.61 17.08
CA ASP C 71 6.73 -25.25 17.39
C ASP C 71 6.57 -26.74 17.61
N ASP C 72 5.53 -27.15 18.35
CA ASP C 72 5.38 -28.55 18.73
C ASP C 72 3.96 -29.08 18.50
N TYR C 73 3.23 -28.50 17.55
CA TYR C 73 1.91 -29.01 17.21
C TYR C 73 1.65 -28.76 15.74
N LYS C 74 0.72 -29.53 15.18
CA LYS C 74 0.24 -29.31 13.83
C LYS C 74 -1.11 -28.61 13.93
N VAL C 75 -1.11 -27.31 13.66
CA VAL C 75 -2.30 -26.48 13.85
C VAL C 75 -3.09 -26.48 12.55
N LEU C 76 -4.39 -26.72 12.66
CA LEU C 76 -5.29 -26.68 11.52
C LEU C 76 -6.27 -25.54 11.72
N LEU C 77 -6.21 -24.55 10.84
CA LEU C 77 -7.09 -23.40 10.88
C LEU C 77 -8.05 -23.46 9.72
N TYR C 78 -9.28 -23.01 9.95
CA TYR C 78 -10.28 -23.03 8.90
C TYR C 78 -11.37 -22.03 9.23
N ASP C 79 -12.18 -21.70 8.22
CA ASP C 79 -13.36 -20.86 8.38
C ASP C 79 -14.59 -21.69 8.09
N HIS C 80 -15.55 -21.69 9.02
CA HIS C 80 -16.79 -22.39 8.73
C HIS C 80 -17.58 -21.62 7.68
N MET C 81 -18.55 -22.29 7.07
CA MET C 81 -19.13 -21.78 5.84
C MET C 81 -19.89 -20.48 6.04
N GLY C 82 -20.34 -20.20 7.25
CA GLY C 82 -20.99 -18.91 7.42
C GLY C 82 -20.07 -17.71 7.45
N ALA C 83 -18.77 -17.92 7.64
CA ALA C 83 -17.85 -16.82 7.88
C ALA C 83 -17.77 -15.90 6.68
N GLY C 84 -17.41 -14.64 6.94
CA GLY C 84 -17.34 -13.66 5.87
C GLY C 84 -16.24 -13.91 4.87
N THR C 85 -15.19 -14.64 5.26
CA THR C 85 -14.08 -14.92 4.36
C THR C 85 -14.40 -16.04 3.38
N THR C 86 -15.52 -16.72 3.54
CA THR C 86 -15.91 -17.79 2.63
C THR C 86 -16.85 -17.26 1.56
N ASN C 87 -17.02 -18.06 0.52
CA ASN C 87 -17.87 -17.67 -0.60
C ASN C 87 -19.33 -17.64 -0.16
N PRO C 88 -20.03 -16.52 -0.31
CA PRO C 88 -21.45 -16.49 0.05
C PRO C 88 -22.31 -17.40 -0.81
N ASP C 89 -21.81 -17.83 -1.98
CA ASP C 89 -22.60 -18.70 -2.83
C ASP C 89 -22.61 -20.13 -2.33
N TYR C 90 -21.51 -20.59 -1.73
CA TYR C 90 -21.47 -21.95 -1.19
C TYR C 90 -22.40 -22.12 0.00
N PHE C 91 -22.89 -21.04 0.57
CA PHE C 91 -23.73 -21.12 1.75
C PHE C 91 -25.09 -21.69 1.38
N ASP C 92 -25.44 -22.82 1.98
CA ASP C 92 -26.70 -23.52 1.74
C ASP C 92 -27.60 -23.21 2.92
N PHE C 93 -28.66 -22.42 2.68
CA PHE C 93 -29.54 -22.03 3.78
C PHE C 93 -30.25 -23.22 4.39
N ASP C 94 -30.52 -24.27 3.60
CA ASP C 94 -31.18 -25.44 4.14
C ASP C 94 -30.24 -26.24 5.04
N ARG C 95 -29.00 -26.47 4.59
CA ARG C 95 -28.09 -27.30 5.36
C ARG C 95 -27.67 -26.61 6.65
N TYR C 96 -27.41 -25.31 6.59
CA TYR C 96 -26.87 -24.57 7.72
C TYR C 96 -27.95 -23.83 8.51
N SER C 97 -29.20 -24.28 8.45
CA SER C 97 -30.19 -23.82 9.40
C SER C 97 -30.20 -24.67 10.67
N SER C 98 -29.29 -25.64 10.78
CA SER C 98 -29.15 -26.46 11.97
C SER C 98 -27.67 -26.69 12.22
N LEU C 99 -27.32 -26.89 13.50
CA LEU C 99 -25.92 -27.06 13.88
C LEU C 99 -25.32 -28.34 13.32
N GLU C 100 -26.16 -29.32 12.97
CA GLU C 100 -25.66 -30.56 12.40
C GLU C 100 -24.89 -30.31 11.12
N GLY C 101 -25.29 -29.30 10.35
CA GLY C 101 -24.53 -28.97 9.15
C GLY C 101 -23.11 -28.57 9.45
N TYR C 102 -22.92 -27.76 10.49
CA TYR C 102 -21.57 -27.34 10.85
C TYR C 102 -20.76 -28.50 11.38
N SER C 103 -21.38 -29.39 12.18
CA SER C 103 -20.64 -30.55 12.65
C SER C 103 -20.23 -31.47 11.50
N TYR C 104 -21.12 -31.67 10.53
CA TYR C 104 -20.77 -32.50 9.37
C TYR C 104 -19.67 -31.85 8.55
N ASP C 105 -19.71 -30.53 8.39
CA ASP C 105 -18.64 -29.85 7.66
C ASP C 105 -17.31 -30.02 8.37
N LEU C 106 -17.32 -29.91 9.70
CA LEU C 106 -16.09 -30.10 10.44
C LEU C 106 -15.55 -31.52 10.29
N ILE C 107 -16.44 -32.51 10.33
CA ILE C 107 -16.01 -33.89 10.13
C ILE C 107 -15.41 -34.07 8.75
N ALA C 108 -16.03 -33.48 7.73
CA ALA C 108 -15.50 -33.58 6.38
C ALA C 108 -14.12 -32.95 6.28
N ILE C 109 -13.94 -31.78 6.90
CA ILE C 109 -12.64 -31.12 6.87
C ILE C 109 -11.59 -31.99 7.55
N LEU C 110 -11.92 -32.54 8.72
CA LEU C 110 -10.96 -33.36 9.44
C LEU C 110 -10.60 -34.62 8.67
N GLU C 111 -11.60 -35.27 8.07
CA GLU C 111 -11.33 -36.51 7.35
C GLU C 111 -10.55 -36.25 6.08
N GLU C 112 -10.76 -35.10 5.43
CA GLU C 112 -10.03 -34.81 4.20
C GLU C 112 -8.54 -34.65 4.47
N PHE C 113 -8.17 -33.96 5.56
CA PHE C 113 -6.78 -33.66 5.87
C PHE C 113 -6.13 -34.73 6.75
N GLN C 114 -6.74 -35.92 6.84
CA GLN C 114 -6.17 -37.06 7.56
C GLN C 114 -5.80 -36.69 9.00
N VAL C 115 -6.75 -36.09 9.70
CA VAL C 115 -6.57 -35.63 11.06
C VAL C 115 -7.34 -36.57 11.98
N SER C 116 -6.63 -37.21 12.91
CA SER C 116 -7.24 -38.15 13.83
C SER C 116 -6.73 -37.90 15.24
N LYS C 117 -7.61 -38.15 16.22
CA LYS C 117 -7.38 -37.75 17.60
C LYS C 117 -6.94 -36.29 17.71
N CYS C 118 -7.66 -35.42 17.03
CA CYS C 118 -7.35 -34.01 17.06
C CYS C 118 -7.69 -33.41 18.42
N ILE C 119 -7.04 -32.29 18.73
CA ILE C 119 -7.35 -31.48 19.90
C ILE C 119 -8.11 -30.27 19.39
N TYR C 120 -9.36 -30.12 19.82
CA TYR C 120 -10.21 -29.06 19.31
C TYR C 120 -10.27 -27.92 20.31
N VAL C 121 -9.92 -26.72 19.86
CA VAL C 121 -10.12 -25.50 20.62
C VAL C 121 -11.16 -24.68 19.89
N GLY C 122 -12.26 -24.38 20.56
CA GLY C 122 -13.35 -23.68 19.93
C GLY C 122 -13.85 -22.54 20.78
N HIS C 123 -14.46 -21.56 20.13
CA HIS C 123 -15.10 -20.46 20.81
C HIS C 123 -16.56 -20.81 21.07
N SER C 124 -17.37 -19.82 21.44
CA SER C 124 -18.75 -20.10 21.79
C SER C 124 -19.54 -20.62 20.59
N MET C 125 -20.35 -21.65 20.83
CA MET C 125 -21.32 -22.17 19.88
C MET C 125 -20.66 -22.86 18.69
N SER C 126 -19.34 -22.75 18.57
CA SER C 126 -18.59 -23.55 17.63
C SER C 126 -18.05 -24.80 18.29
N SER C 127 -17.66 -24.68 19.55
CA SER C 127 -17.32 -25.85 20.35
C SER C 127 -18.53 -26.76 20.51
N MET C 128 -19.74 -26.20 20.49
CA MET C 128 -20.93 -27.02 20.50
C MET C 128 -21.02 -27.89 19.25
N ALA C 129 -20.74 -27.29 18.09
CA ALA C 129 -20.72 -28.05 16.84
C ALA C 129 -19.66 -29.14 16.91
N ALA C 130 -18.48 -28.80 17.45
CA ALA C 130 -17.44 -29.82 17.58
C ALA C 130 -17.89 -30.94 18.51
N ALA C 131 -18.61 -30.61 19.58
CA ALA C 131 -19.10 -31.64 20.49
C ALA C 131 -20.07 -32.58 19.79
N VAL C 132 -20.98 -32.02 19.00
CA VAL C 132 -21.91 -32.87 18.24
C VAL C 132 -21.13 -33.74 17.26
N ALA C 133 -20.11 -33.18 16.61
CA ALA C 133 -19.29 -33.96 15.71
C ALA C 133 -18.63 -35.12 16.45
N SER C 134 -18.15 -34.87 17.66
CA SER C 134 -17.56 -35.94 18.46
C SER C 134 -18.61 -36.98 18.81
N ILE C 135 -19.83 -36.56 19.07
CA ILE C 135 -20.92 -37.51 19.28
C ILE C 135 -21.05 -38.45 18.09
N PHE C 136 -21.02 -37.89 16.88
CA PHE C 136 -21.14 -38.73 15.69
C PHE C 136 -19.86 -39.53 15.46
N ARG C 137 -18.70 -38.88 15.57
CA ARG C 137 -17.41 -39.50 15.28
C ARG C 137 -16.48 -39.31 16.46
N PRO C 138 -16.57 -40.17 17.48
CA PRO C 138 -15.68 -40.02 18.63
C PRO C 138 -14.21 -40.17 18.30
N ASP C 139 -13.87 -40.97 17.29
CA ASP C 139 -12.47 -41.30 17.04
C ASP C 139 -11.65 -40.09 16.59
N LEU C 140 -12.30 -39.04 16.08
CA LEU C 140 -11.56 -37.89 15.58
C LEU C 140 -11.05 -36.98 16.67
N PHE C 141 -11.71 -36.92 17.82
CA PHE C 141 -11.42 -35.93 18.84
C PHE C 141 -10.82 -36.60 20.07
N HIS C 142 -9.64 -36.13 20.46
CA HIS C 142 -8.94 -36.61 21.65
C HIS C 142 -9.29 -35.78 22.87
N LYS C 143 -9.58 -34.49 22.69
CA LYS C 143 -10.09 -33.65 23.77
C LYS C 143 -10.82 -32.47 23.15
N LEU C 144 -11.62 -31.80 23.96
CA LEU C 144 -12.33 -30.59 23.58
C LEU C 144 -12.00 -29.47 24.55
N VAL C 145 -11.49 -28.37 24.02
CA VAL C 145 -11.25 -27.16 24.79
C VAL C 145 -12.25 -26.11 24.33
N MET C 146 -13.02 -25.58 25.27
CA MET C 146 -14.13 -24.71 24.98
C MET C 146 -13.92 -23.35 25.64
N ILE C 147 -14.16 -22.28 24.89
CA ILE C 147 -13.99 -20.93 25.41
C ILE C 147 -15.37 -20.30 25.52
N SER C 148 -15.84 -20.11 26.74
CA SER C 148 -17.16 -19.58 27.02
C SER C 148 -18.26 -20.28 26.22
N PRO C 149 -18.42 -21.58 26.38
CA PRO C 149 -19.45 -22.30 25.64
C PRO C 149 -20.79 -22.21 26.34
N THR C 150 -21.82 -22.69 25.66
CA THR C 150 -23.15 -22.79 26.23
C THR C 150 -23.99 -23.79 25.43
N PRO C 151 -24.71 -24.68 26.10
CA PRO C 151 -25.51 -25.67 25.36
C PRO C 151 -26.76 -25.08 24.74
N ARG C 152 -27.43 -24.16 25.42
CA ARG C 152 -28.63 -23.53 24.90
C ARG C 152 -28.58 -22.05 25.24
N LEU C 153 -28.83 -21.21 24.23
CA LEU C 153 -28.61 -19.78 24.40
C LEU C 153 -29.79 -19.07 25.03
N ILE C 154 -30.99 -19.60 24.89
CA ILE C 154 -32.18 -18.95 25.43
C ILE C 154 -32.55 -19.62 26.75
N ASN C 155 -32.56 -18.84 27.82
CA ASN C 155 -32.80 -19.39 29.15
C ASN C 155 -34.28 -19.61 29.37
N THR C 156 -34.61 -20.73 30.01
CA THR C 156 -35.98 -21.02 30.41
C THR C 156 -36.13 -20.68 31.90
N GLU C 157 -37.24 -21.10 32.50
CA GLU C 157 -37.47 -20.77 33.91
C GLU C 157 -36.53 -21.55 34.82
N GLU C 158 -36.30 -22.83 34.53
CA GLU C 158 -35.40 -23.65 35.31
C GLU C 158 -33.97 -23.62 34.81
N TYR C 159 -33.74 -23.05 33.63
CA TYR C 159 -32.45 -23.08 32.97
C TYR C 159 -31.95 -21.66 32.85
N TYR C 160 -30.90 -21.34 33.60
CA TYR C 160 -30.23 -20.04 33.53
C TYR C 160 -28.88 -20.32 32.84
N GLY C 161 -28.91 -20.36 31.52
CA GLY C 161 -27.72 -20.72 30.77
C GLY C 161 -27.54 -19.90 29.52
N GLY C 162 -28.12 -18.71 29.50
CA GLY C 162 -28.01 -17.84 28.35
C GLY C 162 -28.66 -16.49 28.59
N PHE C 163 -29.38 -15.99 27.60
CA PHE C 163 -30.04 -14.70 27.71
C PHE C 163 -31.55 -14.86 27.61
N GLU C 164 -32.26 -13.86 28.09
CA GLU C 164 -33.71 -13.84 28.00
C GLU C 164 -34.13 -13.75 26.54
N GLN C 165 -35.30 -14.31 26.24
CA GLN C 165 -35.79 -14.31 24.86
C GLN C 165 -36.01 -12.90 24.35
N LYS C 166 -36.56 -12.03 25.19
CA LYS C 166 -36.87 -10.67 24.76
C LYS C 166 -35.63 -9.88 24.39
N VAL C 167 -34.54 -10.04 25.13
CA VAL C 167 -33.36 -9.23 24.87
C VAL C 167 -32.71 -9.63 23.56
N MET C 168 -32.92 -10.87 23.11
CA MET C 168 -32.39 -11.31 21.83
C MET C 168 -33.37 -11.07 20.68
N ASP C 169 -34.65 -10.91 21.00
CA ASP C 169 -35.62 -10.51 19.97
C ASP C 169 -35.21 -9.18 19.34
N GLU C 170 -34.62 -8.28 20.12
CA GLU C 170 -34.17 -7.01 19.57
C GLU C 170 -33.10 -7.23 18.50
N THR C 171 -32.13 -8.10 18.77
CA THR C 171 -31.08 -8.34 17.79
C THR C 171 -31.64 -9.02 16.54
N LEU C 172 -32.58 -9.94 16.72
CA LEU C 172 -33.23 -10.54 15.56
C LEU C 172 -33.93 -9.49 14.72
N ARG C 173 -34.63 -8.56 15.37
CA ARG C 173 -35.31 -7.49 14.65
C ARG C 173 -34.31 -6.65 13.88
N SER C 174 -33.19 -6.31 14.51
CA SER C 174 -32.18 -5.47 13.86
C SER C 174 -31.60 -6.17 12.63
N LEU C 175 -31.30 -7.46 12.76
CA LEU C 175 -30.76 -8.20 11.62
C LEU C 175 -31.76 -8.28 10.49
N ASP C 176 -33.03 -8.52 10.82
CA ASP C 176 -34.06 -8.56 9.79
C ASP C 176 -34.19 -7.21 9.09
N GLU C 177 -34.13 -6.12 9.85
CA GLU C 177 -34.23 -4.80 9.24
C GLU C 177 -33.03 -4.51 8.34
N ASN C 178 -31.83 -4.93 8.75
CA ASN C 178 -30.67 -4.75 7.88
C ASN C 178 -30.83 -5.52 6.58
N PHE C 179 -31.32 -6.76 6.67
CA PHE C 179 -31.52 -7.54 5.45
C PHE C 179 -32.56 -6.88 4.55
N LYS C 180 -33.65 -6.38 5.14
CA LYS C 180 -34.66 -5.66 4.37
C LYS C 180 -34.06 -4.44 3.69
N SER C 181 -33.23 -3.68 4.41
CA SER C 181 -32.61 -2.50 3.83
C SER C 181 -31.71 -2.87 2.66
N LEU C 182 -30.92 -3.92 2.79
CA LEU C 182 -30.04 -4.32 1.70
C LEU C 182 -30.83 -4.83 0.50
N SER C 183 -31.99 -5.45 0.73
CA SER C 183 -32.78 -5.94 -0.39
C SER C 183 -33.19 -4.80 -1.32
N LEU C 184 -33.54 -3.65 -0.76
CA LEU C 184 -33.98 -2.50 -1.54
C LEU C 184 -32.82 -1.68 -2.09
N GLY C 185 -31.58 -2.06 -1.80
CA GLY C 185 -30.44 -1.29 -2.25
C GLY C 185 -30.04 -0.16 -1.33
N THR C 186 -30.61 -0.06 -0.14
CA THR C 186 -30.20 0.93 0.85
C THR C 186 -29.23 0.29 1.83
N ALA C 187 -28.36 1.12 2.39
CA ALA C 187 -27.34 0.63 3.29
C ALA C 187 -27.97 0.06 4.55
N PRO C 188 -27.47 -1.05 5.08
CA PRO C 188 -27.91 -1.51 6.40
C PRO C 188 -27.33 -0.67 7.52
N LEU C 189 -28.18 0.02 8.29
CA LEU C 189 -27.73 1.05 9.22
C LEU C 189 -27.97 0.69 10.67
N LEU C 190 -28.00 -0.59 11.01
CA LEU C 190 -28.16 -1.02 12.40
C LEU C 190 -26.98 -1.90 12.83
N LEU C 191 -26.46 -1.61 14.01
CA LEU C 191 -25.32 -2.31 14.57
C LEU C 191 -25.66 -2.85 15.95
N ALA C 192 -24.78 -3.69 16.48
CA ALA C 192 -24.93 -4.16 17.84
C ALA C 192 -24.74 -3.04 18.85
N CYS C 193 -24.10 -1.94 18.45
CA CYS C 193 -23.96 -0.80 19.35
C CYS C 193 -25.27 -0.06 19.57
N ASP C 194 -26.31 -0.38 18.81
CA ASP C 194 -27.60 0.28 18.98
C ASP C 194 -28.55 -0.47 19.92
N LEU C 195 -28.16 -1.64 20.42
CA LEU C 195 -28.96 -2.32 21.42
C LEU C 195 -28.71 -1.69 22.80
N GLU C 196 -29.56 -2.05 23.75
CA GLU C 196 -29.52 -1.40 25.06
C GLU C 196 -28.89 -2.24 26.15
N SER C 197 -28.64 -3.53 25.89
CA SER C 197 -28.15 -4.41 26.95
C SER C 197 -26.74 -4.08 27.38
N ALA C 198 -25.89 -3.58 26.48
CA ALA C 198 -24.48 -3.36 26.73
C ALA C 198 -23.78 -4.70 26.96
N ALA C 199 -24.57 -5.76 27.06
CA ALA C 199 -24.11 -7.14 27.01
C ALA C 199 -24.49 -7.82 25.71
N MET C 200 -25.68 -7.52 25.19
CA MET C 200 -25.97 -7.85 23.80
C MET C 200 -25.04 -7.11 22.84
N GLN C 201 -24.60 -5.91 23.21
CA GLN C 201 -23.67 -5.20 22.35
C GLN C 201 -22.36 -5.96 22.22
N GLU C 202 -21.83 -6.48 23.32
CA GLU C 202 -20.58 -7.23 23.24
C GLU C 202 -20.81 -8.62 22.66
N TYR C 203 -21.96 -9.22 22.92
CA TYR C 203 -22.19 -10.58 22.43
C TYR C 203 -22.45 -10.60 20.93
N CYS C 204 -23.26 -9.66 20.45
CA CYS C 204 -23.76 -9.68 19.09
C CYS C 204 -22.96 -8.78 18.16
N ARG C 205 -21.82 -8.26 18.60
CA ARG C 205 -21.07 -7.32 17.79
C ARG C 205 -20.64 -7.94 16.47
N THR C 206 -20.14 -9.18 16.53
CA THR C 206 -19.65 -9.85 15.34
C THR C 206 -20.74 -10.49 14.51
N LEU C 207 -21.97 -10.57 15.01
CA LEU C 207 -23.06 -11.10 14.20
C LEU C 207 -23.40 -10.19 13.03
N PHE C 208 -23.03 -8.92 13.10
CA PHE C 208 -23.25 -7.98 12.00
C PHE C 208 -22.05 -7.92 11.06
N ASN C 209 -21.09 -8.83 11.22
CA ASN C 209 -19.91 -8.88 10.36
C ASN C 209 -20.08 -9.92 9.27
N MET C 210 -21.30 -10.09 8.76
CA MET C 210 -21.62 -11.07 7.75
C MET C 210 -22.68 -10.47 6.81
N ARG C 211 -22.90 -11.13 5.68
CA ARG C 211 -23.96 -10.71 4.78
C ARG C 211 -25.31 -10.84 5.49
N PRO C 212 -26.19 -9.84 5.36
CA PRO C 212 -27.37 -9.78 6.25
C PRO C 212 -28.24 -11.02 6.25
N ASP C 213 -28.45 -11.66 5.08
CA ASP C 213 -29.29 -12.85 5.06
C ASP C 213 -28.61 -14.01 5.77
N ILE C 214 -27.30 -14.19 5.55
CA ILE C 214 -26.57 -15.23 6.24
C ILE C 214 -26.54 -14.95 7.75
N ALA C 215 -26.42 -13.68 8.11
CA ALA C 215 -26.47 -13.32 9.52
C ALA C 215 -27.81 -13.70 10.13
N CYS C 216 -28.91 -13.41 9.43
CA CYS C 216 -30.23 -13.78 9.92
C CYS C 216 -30.34 -15.30 10.09
N CYS C 217 -29.86 -16.04 9.11
CA CYS C 217 -29.97 -17.50 9.16
C CYS C 217 -29.19 -18.06 10.35
N ILE C 218 -27.94 -17.61 10.52
CA ILE C 218 -27.12 -18.12 11.62
C ILE C 218 -27.71 -17.72 12.96
N THR C 219 -28.21 -16.48 13.07
CA THR C 219 -28.79 -16.05 14.33
C THR C 219 -30.02 -16.87 14.69
N ARG C 220 -30.89 -17.13 13.72
CA ARG C 220 -32.06 -17.94 14.00
C ARG C 220 -31.68 -19.36 14.38
N MET C 221 -30.67 -19.92 13.71
CA MET C 221 -30.21 -21.25 14.09
C MET C 221 -29.73 -21.26 15.54
N ILE C 222 -28.94 -20.26 15.93
CA ILE C 222 -28.41 -20.21 17.28
C ILE C 222 -29.54 -20.06 18.29
N CYS C 223 -30.53 -19.23 17.97
CA CYS C 223 -31.66 -19.07 18.88
C CYS C 223 -32.42 -20.37 19.05
N GLY C 224 -32.62 -21.11 17.97
CA GLY C 224 -33.30 -22.38 18.09
C GLY C 224 -32.44 -23.53 18.56
N LEU C 225 -31.13 -23.34 18.60
CA LEU C 225 -30.22 -24.40 19.05
C LEU C 225 -30.43 -24.70 20.52
N ASP C 226 -30.41 -25.99 20.85
CA ASP C 226 -30.31 -26.42 22.24
C ASP C 226 -29.78 -27.85 22.28
N LEU C 227 -28.66 -28.04 22.96
CA LEU C 227 -27.99 -29.33 23.01
C LEU C 227 -28.14 -30.02 24.35
N ARG C 228 -29.04 -29.52 25.20
CA ARG C 228 -29.18 -30.09 26.54
C ARG C 228 -29.48 -31.58 26.54
N PRO C 229 -30.36 -32.12 25.68
CA PRO C 229 -30.52 -33.58 25.67
C PRO C 229 -29.26 -34.33 25.29
N TYR C 230 -28.43 -33.75 24.43
CA TYR C 230 -27.30 -34.46 23.87
C TYR C 230 -26.07 -34.41 24.75
N LEU C 231 -26.14 -33.72 25.88
CA LEU C 231 -24.96 -33.55 26.71
C LEU C 231 -24.50 -34.87 27.31
N GLY C 232 -25.39 -35.85 27.41
CA GLY C 232 -25.00 -37.13 27.97
C GLY C 232 -24.32 -38.08 27.01
N HIS C 233 -24.25 -37.73 25.73
CA HIS C 233 -23.65 -38.60 24.73
C HIS C 233 -22.22 -38.20 24.39
N VAL C 234 -21.70 -37.14 24.99
CA VAL C 234 -20.33 -36.69 24.72
C VAL C 234 -19.40 -37.48 25.63
N THR C 235 -18.49 -38.25 25.03
CA THR C 235 -17.56 -39.05 25.80
C THR C 235 -16.14 -38.49 25.82
N VAL C 236 -15.79 -37.62 24.89
CA VAL C 236 -14.45 -37.03 24.86
C VAL C 236 -14.33 -36.06 26.04
N PRO C 237 -13.15 -35.93 26.65
CA PRO C 237 -13.00 -34.95 27.72
C PRO C 237 -13.21 -33.54 27.20
N CYS C 238 -13.77 -32.71 28.06
CA CYS C 238 -14.07 -31.32 27.73
C CYS C 238 -13.41 -30.42 28.77
N HIS C 239 -12.76 -29.37 28.30
CA HIS C 239 -12.05 -28.42 29.15
C HIS C 239 -12.74 -27.08 28.98
N ILE C 240 -13.71 -26.80 29.84
CA ILE C 240 -14.48 -25.57 29.73
C ILE C 240 -13.70 -24.41 30.34
N ILE C 241 -13.60 -23.32 29.60
CA ILE C 241 -12.91 -22.12 30.04
C ILE C 241 -13.89 -20.95 29.98
N GLN C 242 -14.03 -20.24 31.10
CA GLN C 242 -14.96 -19.13 31.20
C GLN C 242 -14.27 -17.91 31.77
N SER C 243 -14.95 -16.77 31.70
CA SER C 243 -14.45 -15.52 32.24
C SER C 243 -14.96 -15.32 33.65
N SER C 244 -14.14 -14.71 34.50
CA SER C 244 -14.52 -14.48 35.88
C SER C 244 -15.70 -13.53 35.93
N ASN C 245 -16.79 -13.99 36.54
CA ASN C 245 -17.97 -13.16 36.75
C ASN C 245 -18.48 -12.59 35.42
N ASP C 246 -18.58 -13.45 34.41
CA ASP C 246 -18.93 -12.98 33.08
C ASP C 246 -20.37 -12.47 33.04
N ILE C 247 -20.53 -11.23 32.56
CA ILE C 247 -21.85 -10.65 32.39
C ILE C 247 -22.61 -11.28 31.24
N MET C 248 -21.90 -11.91 30.29
CA MET C 248 -22.49 -12.37 29.05
C MET C 248 -23.06 -13.78 29.18
N VAL C 249 -22.21 -14.76 29.47
CA VAL C 249 -22.64 -16.13 29.70
C VAL C 249 -22.40 -16.46 31.17
N PRO C 250 -23.44 -16.85 31.92
CA PRO C 250 -23.26 -17.06 33.36
C PRO C 250 -22.21 -18.12 33.65
N VAL C 251 -21.46 -17.90 34.73
CA VAL C 251 -20.39 -18.84 35.09
C VAL C 251 -20.98 -20.18 35.52
N ALA C 252 -22.24 -20.20 35.93
CA ALA C 252 -22.86 -21.44 36.39
C ALA C 252 -23.03 -22.45 35.26
N VAL C 253 -22.96 -21.99 34.01
CA VAL C 253 -23.12 -22.90 32.87
C VAL C 253 -22.00 -23.92 32.86
N GLY C 254 -20.81 -23.51 33.29
CA GLY C 254 -19.70 -24.46 33.37
C GLY C 254 -19.98 -25.60 34.31
N GLU C 255 -20.50 -25.29 35.50
CA GLU C 255 -20.87 -26.34 36.43
C GLU C 255 -22.01 -27.18 35.90
N TYR C 256 -22.96 -26.54 35.20
CA TYR C 256 -24.07 -27.27 34.60
C TYR C 256 -23.57 -28.30 33.60
N LEU C 257 -22.66 -27.87 32.72
CA LEU C 257 -22.10 -28.79 31.73
C LEU C 257 -21.29 -29.89 32.40
N ARG C 258 -20.49 -29.55 33.41
CA ARG C 258 -19.78 -30.58 34.16
C ARG C 258 -20.73 -31.62 34.72
N LYS C 259 -21.89 -31.20 35.20
CA LYS C 259 -22.87 -32.13 35.76
C LYS C 259 -23.56 -32.95 34.68
N ASN C 260 -23.80 -32.38 33.49
CA ASN C 260 -24.51 -33.07 32.43
C ASN C 260 -23.63 -33.72 31.38
N LEU C 261 -22.35 -33.39 31.30
CA LEU C 261 -21.49 -33.99 30.30
C LEU C 261 -21.29 -35.48 30.57
N GLY C 262 -21.21 -36.26 29.51
CA GLY C 262 -21.06 -37.69 29.64
C GLY C 262 -19.64 -38.20 29.79
N GLY C 263 -18.65 -37.31 29.74
CA GLY C 263 -17.28 -37.72 29.87
C GLY C 263 -16.55 -36.89 30.91
N PRO C 264 -15.24 -37.08 31.02
CA PRO C 264 -14.47 -36.27 31.97
C PRO C 264 -14.53 -34.81 31.59
N SER C 265 -14.49 -33.94 32.62
CA SER C 265 -14.65 -32.52 32.36
C SER C 265 -13.93 -31.73 33.45
N VAL C 266 -13.39 -30.58 33.04
CA VAL C 266 -12.75 -29.64 33.95
C VAL C 266 -13.23 -28.24 33.59
N VAL C 267 -13.29 -27.36 34.58
CA VAL C 267 -13.68 -25.97 34.37
C VAL C 267 -12.64 -25.07 35.01
N GLU C 268 -12.10 -24.14 34.22
CA GLU C 268 -11.20 -23.12 34.72
C GLU C 268 -11.80 -21.76 34.41
N VAL C 269 -11.59 -20.82 35.31
CA VAL C 269 -12.11 -19.47 35.20
C VAL C 269 -10.94 -18.50 35.19
N MET C 270 -10.96 -17.56 34.24
CA MET C 270 -9.91 -16.57 34.11
C MET C 270 -10.47 -15.18 34.30
N PRO C 271 -9.66 -14.25 34.82
CA PRO C 271 -10.17 -12.89 35.10
C PRO C 271 -10.17 -12.01 33.87
N THR C 272 -10.81 -12.48 32.80
CA THR C 272 -10.83 -11.80 31.52
C THR C 272 -12.22 -11.24 31.28
N GLU C 273 -12.39 -10.60 30.13
CA GLU C 273 -13.67 -9.98 29.80
C GLU C 273 -13.76 -9.83 28.29
N GLY C 274 -14.96 -9.57 27.81
CA GLY C 274 -15.22 -9.39 26.40
C GLY C 274 -15.60 -10.70 25.72
N HIS C 275 -16.15 -10.56 24.52
CA HIS C 275 -16.55 -11.73 23.76
C HIS C 275 -15.37 -12.51 23.19
N LEU C 276 -14.24 -11.85 22.95
CA LEU C 276 -13.08 -12.49 22.33
C LEU C 276 -11.88 -12.32 23.24
N PRO C 277 -11.84 -13.02 24.38
CA PRO C 277 -10.67 -12.93 25.25
C PRO C 277 -9.40 -13.44 24.60
N HIS C 278 -9.52 -14.39 23.67
CA HIS C 278 -8.34 -14.93 23.00
C HIS C 278 -7.73 -13.94 22.03
N LEU C 279 -8.38 -12.81 21.79
CA LEU C 279 -7.82 -11.75 20.95
C LEU C 279 -7.57 -10.47 21.73
N SER C 280 -8.55 -10.00 22.51
CA SER C 280 -8.41 -8.73 23.19
C SER C 280 -7.51 -8.80 24.41
N MET C 281 -7.43 -9.96 25.06
CA MET C 281 -6.61 -10.13 26.27
C MET C 281 -5.73 -11.36 26.11
N PRO C 282 -4.77 -11.32 25.21
CA PRO C 282 -4.00 -12.54 24.93
C PRO C 282 -3.07 -12.94 26.05
N GLU C 283 -2.48 -11.97 26.77
CA GLU C 283 -1.49 -12.33 27.79
C GLU C 283 -2.12 -13.11 28.95
N VAL C 284 -3.43 -13.04 29.11
CA VAL C 284 -4.11 -13.80 30.14
C VAL C 284 -4.75 -15.06 29.59
N THR C 285 -5.45 -14.95 28.47
CA THR C 285 -6.16 -16.10 27.91
C THR C 285 -5.20 -17.14 27.37
N ILE C 286 -4.15 -16.71 26.68
CA ILE C 286 -3.27 -17.66 26.00
C ILE C 286 -2.59 -18.62 26.96
N PRO C 287 -2.05 -18.21 28.11
CA PRO C 287 -1.50 -19.22 29.03
C PRO C 287 -2.51 -20.25 29.46
N VAL C 288 -3.76 -19.85 29.70
CA VAL C 288 -4.79 -20.78 30.13
C VAL C 288 -5.06 -21.81 29.05
N VAL C 289 -5.25 -21.35 27.81
CA VAL C 289 -5.55 -22.24 26.70
C VAL C 289 -4.39 -23.18 26.45
N LEU C 290 -3.16 -22.67 26.48
CA LEU C 290 -2.00 -23.52 26.26
C LEU C 290 -1.89 -24.59 27.33
N ARG C 291 -2.12 -24.22 28.59
CA ARG C 291 -2.08 -25.20 29.65
C ARG C 291 -3.13 -26.28 29.44
N HIS C 292 -4.38 -25.89 29.17
CA HIS C 292 -5.41 -26.89 28.97
C HIS C 292 -5.13 -27.76 27.76
N ILE C 293 -4.46 -27.22 26.76
CA ILE C 293 -4.07 -28.02 25.60
C ILE C 293 -3.03 -29.06 25.99
N ARG C 294 -2.04 -28.67 26.80
CA ARG C 294 -0.91 -29.55 27.06
C ARG C 294 -1.15 -30.56 28.18
N GLN C 295 -2.18 -30.38 29.00
CA GLN C 295 -2.46 -31.30 30.08
C GLN C 295 -3.69 -32.14 29.74
N ASP C 296 -3.57 -33.45 29.88
CA ASP C 296 -4.60 -34.40 29.46
C ASP C 296 -5.44 -34.93 30.60
N ILE C 297 -4.95 -34.85 31.84
CA ILE C 297 -5.52 -35.62 32.94
C ILE C 297 -6.97 -35.25 33.19
N THR C 298 -7.34 -34.00 32.91
CA THR C 298 -8.69 -33.45 33.12
C THR C 298 -9.41 -33.99 34.37
N THR D 72 -12.33 18.66 -44.56
CA THR D 72 -11.63 17.38 -44.55
C THR D 72 -11.74 16.62 -43.23
N ALA D 73 -11.66 15.29 -43.30
CA ALA D 73 -11.65 14.45 -42.11
C ALA D 73 -10.22 14.06 -41.73
N LEU D 74 -10.09 13.50 -40.52
CA LEU D 74 -8.77 13.19 -39.96
C LEU D 74 -8.07 12.00 -40.63
N ASN D 75 -8.82 11.01 -41.11
CA ASN D 75 -8.22 9.85 -41.76
C ASN D 75 -7.49 10.22 -43.06
N ASP D 76 -7.85 11.37 -43.63
CA ASP D 76 -7.12 11.96 -44.76
C ASP D 76 -5.90 12.75 -44.32
N LEU D 77 -5.65 12.88 -43.01
CA LEU D 77 -4.47 13.59 -42.59
C LEU D 77 -3.27 12.64 -42.70
N PRO D 78 -2.06 13.19 -42.85
CA PRO D 78 -0.87 12.33 -42.78
C PRO D 78 -0.76 11.68 -41.40
N ASP D 79 -0.18 10.48 -41.39
CA ASP D 79 -0.16 9.68 -40.16
C ASP D 79 0.81 10.23 -39.11
N VAL D 80 1.84 10.96 -39.51
CA VAL D 80 2.83 11.44 -38.53
C VAL D 80 2.18 12.42 -37.57
N ILE D 81 1.41 13.38 -38.10
CA ILE D 81 0.74 14.30 -37.21
C ILE D 81 -0.42 13.62 -36.50
N LEU D 82 -0.89 12.48 -37.02
CA LEU D 82 -1.81 11.66 -36.23
C LEU D 82 -1.12 11.10 -34.99
N SER D 83 0.09 10.57 -35.14
CA SER D 83 0.82 10.08 -33.97
C SER D 83 1.10 11.21 -33.00
N ASN D 84 1.46 12.38 -33.54
CA ASN D 84 1.70 13.54 -32.69
C ASN D 84 0.45 13.99 -31.95
N ILE D 85 -0.68 14.05 -32.65
CA ILE D 85 -1.92 14.55 -32.05
C ILE D 85 -2.46 13.55 -31.05
N MET D 86 -2.21 12.26 -31.28
CA MET D 86 -2.80 11.23 -30.44
C MET D 86 -1.83 10.77 -29.36
N ALA D 87 -0.59 11.28 -29.36
CA ALA D 87 0.25 11.16 -28.18
C ALA D 87 -0.11 12.18 -27.12
N GLY D 88 -1.04 13.09 -27.43
CA GLY D 88 -1.44 14.12 -26.50
C GLY D 88 -2.60 13.78 -25.58
N VAL D 89 -3.35 12.72 -25.87
CA VAL D 89 -4.41 12.28 -24.98
C VAL D 89 -3.77 11.42 -23.91
N SER D 90 -3.57 12.00 -22.73
CA SER D 90 -2.96 11.29 -21.62
C SER D 90 -3.97 10.54 -20.76
N ASP D 91 -5.21 11.02 -20.74
CA ASP D 91 -6.27 10.36 -19.99
C ASP D 91 -6.46 8.95 -20.52
N VAL D 92 -6.18 7.95 -19.68
CA VAL D 92 -6.16 6.56 -20.14
C VAL D 92 -7.56 6.11 -20.56
N ARG D 93 -8.59 6.60 -19.88
CA ARG D 93 -9.94 6.29 -20.31
C ARG D 93 -10.19 6.80 -21.72
N SER D 94 -9.74 8.01 -22.02
CA SER D 94 -9.85 8.54 -23.37
C SER D 94 -9.01 7.73 -24.35
N ARG D 95 -7.85 7.24 -23.92
CA ARG D 95 -7.02 6.44 -24.82
C ARG D 95 -7.71 5.13 -25.18
N ASN D 96 -8.31 4.47 -24.18
CA ASN D 96 -9.06 3.26 -24.44
C ASN D 96 -10.24 3.53 -25.36
N SER D 97 -10.94 4.64 -25.15
CA SER D 97 -12.04 5.00 -26.03
C SER D 97 -11.54 5.22 -27.46
N ALA D 98 -10.39 5.88 -27.61
CA ALA D 98 -9.85 6.13 -28.93
C ALA D 98 -9.44 4.83 -29.63
N SER D 99 -8.97 3.84 -28.86
CA SER D 99 -8.59 2.58 -29.47
C SER D 99 -9.75 1.86 -30.15
N LEU D 100 -10.98 2.19 -29.80
CA LEU D 100 -12.16 1.54 -30.36
C LEU D 100 -12.78 2.32 -31.51
N VAL D 101 -12.11 3.36 -32.00
CA VAL D 101 -12.66 4.16 -33.08
C VAL D 101 -12.63 3.38 -34.38
N CYS D 102 -11.44 3.00 -34.82
CA CYS D 102 -11.26 2.26 -36.07
C CYS D 102 -9.90 1.57 -36.01
N HIS D 103 -9.63 0.75 -37.04
CA HIS D 103 -8.39 -0.01 -37.05
C HIS D 103 -7.16 0.88 -37.06
N LYS D 104 -7.19 1.94 -37.88
CA LYS D 104 -6.07 2.86 -37.93
C LYS D 104 -5.83 3.53 -36.59
N TRP D 105 -6.91 4.00 -35.96
CA TRP D 105 -6.80 4.65 -34.66
C TRP D 105 -6.30 3.68 -33.60
N TYR D 106 -6.78 2.44 -33.63
CA TYR D 106 -6.31 1.44 -32.68
C TYR D 106 -4.82 1.20 -32.82
N LEU D 107 -4.36 0.98 -34.07
CA LEU D 107 -2.93 0.76 -34.29
C LEU D 107 -2.12 1.96 -33.81
N LEU D 108 -2.61 3.16 -34.09
CA LEU D 108 -1.92 4.37 -33.66
C LEU D 108 -1.80 4.45 -32.15
N GLU D 109 -2.92 4.22 -31.45
CA GLU D 109 -2.89 4.27 -29.99
C GLU D 109 -1.94 3.22 -29.41
N ARG D 110 -2.00 2.00 -29.94
CA ARG D 110 -1.13 0.95 -29.39
C ARG D 110 0.34 1.27 -29.64
N ALA D 111 0.65 1.89 -30.78
CA ALA D 111 2.03 2.31 -31.04
C ALA D 111 2.40 3.58 -30.31
N THR D 112 1.45 4.25 -29.68
CA THR D 112 1.70 5.54 -29.05
C THR D 112 1.66 5.50 -27.53
N ARG D 113 0.97 4.52 -26.93
CA ARG D 113 0.87 4.46 -25.47
C ARG D 113 2.24 4.24 -24.85
N SER D 114 2.58 5.09 -23.89
CA SER D 114 3.88 5.04 -23.24
C SER D 114 3.83 4.66 -21.77
N ALA D 115 2.76 4.99 -21.08
CA ALA D 115 2.61 4.68 -19.66
C ALA D 115 1.49 3.68 -19.47
N LEU D 116 1.80 2.58 -18.79
CA LEU D 116 0.82 1.55 -18.51
C LEU D 116 0.95 1.13 -17.05
N THR D 117 -0.17 1.07 -16.35
CA THR D 117 -0.22 0.55 -14.99
C THR D 117 -1.02 -0.74 -15.03
N LEU D 118 -0.34 -1.87 -14.85
CA LEU D 118 -0.93 -3.16 -15.14
C LEU D 118 -2.08 -3.46 -14.18
N ARG D 119 -3.17 -3.99 -14.72
CA ARG D 119 -4.39 -4.27 -13.97
C ARG D 119 -4.79 -5.70 -14.24
N GLY D 120 -4.77 -6.54 -13.20
CA GLY D 120 -5.15 -7.92 -13.38
C GLY D 120 -4.76 -8.72 -12.15
N ASN D 121 -4.93 -10.03 -12.26
CA ASN D 121 -4.60 -10.95 -11.19
C ASN D 121 -3.36 -11.77 -11.59
N ILE D 122 -2.65 -12.26 -10.57
CA ILE D 122 -1.44 -13.04 -10.82
C ILE D 122 -1.78 -14.32 -11.57
N ARG D 123 -2.93 -14.92 -11.25
CA ARG D 123 -3.29 -16.22 -11.82
C ARG D 123 -3.35 -16.15 -13.34
N ASP D 124 -4.01 -15.13 -13.86
CA ASP D 124 -4.21 -14.98 -15.30
C ASP D 124 -3.20 -14.05 -15.92
N LEU D 125 -1.98 -14.01 -15.39
CA LEU D 125 -0.95 -13.16 -15.97
C LEU D 125 -0.41 -13.70 -17.28
N PHE D 126 -0.61 -14.98 -17.57
CA PHE D 126 -0.24 -15.52 -18.88
C PHE D 126 -1.27 -15.20 -19.96
N MET D 127 -2.40 -14.61 -19.60
CA MET D 127 -3.30 -14.00 -20.57
C MET D 127 -2.93 -12.55 -20.83
N LEU D 128 -1.67 -12.20 -20.67
CA LEU D 128 -1.23 -10.82 -20.80
C LEU D 128 -1.26 -10.39 -22.26
N PRO D 129 -1.89 -9.27 -22.59
CA PRO D 129 -1.87 -8.79 -23.97
C PRO D 129 -0.46 -8.36 -24.36
N THR D 130 -0.15 -8.55 -25.64
CA THR D 130 1.10 -8.09 -26.21
C THR D 130 0.92 -6.86 -27.09
N CYS D 131 -0.26 -6.23 -27.04
CA CYS D 131 -0.50 -5.05 -27.85
C CYS D 131 0.27 -3.83 -27.38
N PHE D 132 0.80 -3.87 -26.16
CA PHE D 132 1.52 -2.74 -25.58
C PHE D 132 3.02 -2.89 -25.79
N GLN D 133 3.42 -2.97 -27.06
CA GLN D 133 4.82 -3.18 -27.39
C GLN D 133 5.66 -1.93 -27.27
N SER D 134 5.05 -0.75 -27.27
CA SER D 134 5.79 0.51 -27.35
C SER D 134 5.81 1.27 -26.03
N THR D 135 5.33 0.66 -24.95
CA THR D 135 5.29 1.35 -23.67
C THR D 135 6.71 1.56 -23.14
N SER D 136 6.91 2.66 -22.42
CA SER D 136 8.21 2.98 -21.85
C SER D 136 8.23 2.93 -20.34
N HIS D 137 7.14 3.33 -19.69
CA HIS D 137 7.03 3.27 -18.24
C HIS D 137 5.98 2.23 -17.87
N LEU D 138 6.37 1.27 -17.03
CA LEU D 138 5.51 0.15 -16.66
C LEU D 138 5.40 0.06 -15.14
N ASP D 139 4.18 -0.09 -14.64
CA ASP D 139 3.89 -0.09 -13.22
C ASP D 139 3.27 -1.43 -12.85
N LEU D 140 4.03 -2.29 -12.18
CA LEU D 140 3.56 -3.61 -11.78
C LEU D 140 3.18 -3.70 -10.31
N SER D 141 3.17 -2.59 -9.59
CA SER D 141 2.92 -2.67 -8.16
C SER D 141 1.44 -2.82 -7.83
N LEU D 142 0.55 -2.63 -8.80
CA LEU D 142 -0.88 -2.73 -8.55
C LEU D 142 -1.47 -4.03 -9.09
N ILE D 143 -0.63 -5.04 -9.29
CA ILE D 143 -1.13 -6.35 -9.70
C ILE D 143 -1.88 -6.98 -8.54
N SER D 144 -3.07 -7.49 -8.82
CA SER D 144 -3.84 -8.16 -7.78
C SER D 144 -3.35 -9.59 -7.55
N PRO D 145 -3.46 -10.08 -6.31
CA PRO D 145 -3.90 -9.40 -5.10
C PRO D 145 -2.85 -8.39 -4.68
N TRP D 146 -3.23 -7.26 -4.11
CA TRP D 146 -2.25 -6.21 -3.83
C TRP D 146 -1.19 -6.70 -2.87
N GLY D 147 0.07 -6.49 -3.25
CA GLY D 147 1.18 -6.90 -2.42
C GLY D 147 1.55 -8.35 -2.54
N HIS D 148 0.88 -9.12 -3.39
CA HIS D 148 1.18 -10.54 -3.51
C HIS D 148 2.55 -10.73 -4.15
N PRO D 149 3.30 -11.75 -3.76
CA PRO D 149 4.60 -11.99 -4.39
C PRO D 149 4.42 -12.38 -5.85
N LEU D 150 4.83 -11.47 -6.73
CA LEU D 150 4.68 -11.68 -8.16
C LEU D 150 5.48 -12.90 -8.62
N THR D 151 6.65 -13.11 -8.03
CA THR D 151 7.49 -14.26 -8.32
C THR D 151 7.85 -14.92 -7.00
N SER D 152 7.71 -16.24 -6.95
CA SER D 152 8.06 -17.00 -5.76
C SER D 152 9.10 -18.05 -6.13
N ALA D 153 10.01 -18.32 -5.19
CA ALA D 153 10.98 -19.39 -5.39
C ALA D 153 10.38 -20.77 -5.15
N ALA D 154 9.16 -20.85 -4.65
CA ALA D 154 8.51 -22.14 -4.44
C ALA D 154 8.00 -22.76 -5.72
N ASP D 155 7.75 -21.96 -6.75
CA ASP D 155 7.18 -22.46 -8.00
C ASP D 155 8.21 -22.33 -9.12
N PRO D 156 8.64 -23.45 -9.72
CA PRO D 156 9.66 -23.36 -10.78
C PRO D 156 9.24 -22.53 -11.98
N ASP D 157 7.97 -22.58 -12.39
CA ASP D 157 7.56 -21.82 -13.56
C ASP D 157 7.49 -20.33 -13.29
N SER D 158 7.89 -19.89 -12.09
CA SER D 158 7.98 -18.46 -11.81
C SER D 158 9.14 -17.81 -12.56
N ALA D 159 10.11 -18.62 -13.02
CA ALA D 159 11.15 -18.08 -13.86
C ALA D 159 10.58 -17.56 -15.18
N LEU D 160 9.46 -18.14 -15.64
CA LEU D 160 8.86 -17.75 -16.91
C LEU D 160 8.22 -16.37 -16.86
N ILE D 161 7.91 -15.87 -15.67
CA ILE D 161 7.24 -14.57 -15.58
C ILE D 161 8.18 -13.47 -16.07
N GLY D 162 9.47 -13.63 -15.82
CA GLY D 162 10.42 -12.64 -16.27
C GLY D 162 10.42 -12.54 -17.77
N HIS D 163 10.45 -13.69 -18.43
CA HIS D 163 10.43 -13.70 -19.90
C HIS D 163 9.10 -13.16 -20.42
N LEU D 164 7.99 -13.51 -19.76
CA LEU D 164 6.70 -13.02 -20.21
C LEU D 164 6.66 -11.49 -20.20
N LEU D 165 7.08 -10.90 -19.09
CA LEU D 165 7.10 -9.44 -18.99
C LEU D 165 8.10 -8.84 -19.98
N ARG D 166 9.26 -9.45 -20.14
CA ARG D 166 10.27 -8.94 -21.04
C ARG D 166 9.75 -8.89 -22.47
N HIS D 167 9.05 -9.93 -22.90
CA HIS D 167 8.53 -9.98 -24.25
C HIS D 167 7.30 -9.09 -24.45
N ALA D 168 6.44 -8.97 -23.44
CA ALA D 168 5.24 -8.15 -23.60
C ALA D 168 5.54 -6.66 -23.62
N PHE D 169 6.55 -6.21 -22.89
CA PHE D 169 6.93 -4.79 -22.82
C PHE D 169 8.42 -4.68 -23.07
N PRO D 170 8.86 -4.77 -24.33
CA PRO D 170 10.29 -4.82 -24.61
C PRO D 170 10.98 -3.47 -24.52
N SER D 171 10.24 -2.37 -24.52
CA SER D 171 10.83 -1.03 -24.59
C SER D 171 10.69 -0.26 -23.29
N VAL D 172 10.82 -0.94 -22.15
CA VAL D 172 10.58 -0.31 -20.86
C VAL D 172 11.86 0.36 -20.38
N THR D 173 11.75 1.63 -20.00
CA THR D 173 12.86 2.34 -19.37
C THR D 173 12.61 2.68 -17.91
N SER D 174 11.37 2.94 -17.53
CA SER D 174 11.00 3.25 -16.16
C SER D 174 10.09 2.14 -15.63
N LEU D 175 10.41 1.63 -14.46
CA LEU D 175 9.71 0.48 -13.90
C LEU D 175 9.38 0.73 -12.44
N ALA D 176 8.16 0.38 -12.04
CA ALA D 176 7.76 0.36 -10.64
C ALA D 176 7.16 -1.01 -10.35
N ILE D 177 7.78 -1.75 -9.43
CA ILE D 177 7.39 -3.13 -9.17
C ILE D 177 7.27 -3.32 -7.67
N TYR D 178 6.37 -4.21 -7.26
CA TYR D 178 6.23 -4.55 -5.84
C TYR D 178 7.23 -5.65 -5.50
N ALA D 179 8.18 -5.33 -4.63
CA ALA D 179 9.27 -6.25 -4.33
C ALA D 179 8.95 -6.97 -3.02
N ARG D 180 8.00 -7.90 -3.11
CA ARG D 180 7.65 -8.71 -1.93
C ARG D 180 8.78 -9.66 -1.55
N ASP D 181 9.45 -10.24 -2.54
CA ASP D 181 10.47 -11.25 -2.33
C ASP D 181 11.75 -10.88 -3.06
N PRO D 182 12.90 -11.36 -2.60
CA PRO D 182 14.14 -11.16 -3.37
C PRO D 182 14.09 -11.78 -4.74
N SER D 183 13.43 -12.94 -4.87
CA SER D 183 13.34 -13.59 -6.17
C SER D 183 12.60 -12.71 -7.18
N THR D 184 11.60 -11.97 -6.72
CA THR D 184 10.90 -11.06 -7.62
C THR D 184 11.88 -10.10 -8.28
N ILE D 185 12.72 -9.46 -7.47
CA ILE D 185 13.72 -8.54 -8.01
C ILE D 185 14.67 -9.26 -8.94
N HIS D 186 15.22 -10.38 -8.46
CA HIS D 186 16.28 -11.07 -9.20
C HIS D 186 15.78 -11.61 -10.54
N ILE D 187 14.47 -11.85 -10.66
CA ILE D 187 13.92 -12.38 -11.90
C ILE D 187 13.43 -11.28 -12.82
N VAL D 188 12.84 -10.22 -12.29
CA VAL D 188 12.18 -9.25 -13.15
C VAL D 188 13.10 -8.08 -13.50
N VAL D 189 13.82 -7.53 -12.52
CA VAL D 189 14.56 -6.29 -12.77
C VAL D 189 15.63 -6.44 -13.85
N PRO D 190 16.46 -7.50 -13.86
CA PRO D 190 17.52 -7.55 -14.87
C PRO D 190 17.03 -7.84 -16.27
N GLN D 191 15.71 -7.92 -16.46
CA GLN D 191 15.17 -8.26 -17.78
C GLN D 191 15.43 -7.16 -18.79
N TRP D 192 15.36 -5.89 -18.37
CA TRP D 192 15.56 -4.78 -19.28
C TRP D 192 16.94 -4.18 -19.07
N PRO D 193 17.91 -4.47 -19.93
CA PRO D 193 19.23 -3.84 -19.78
C PRO D 193 19.20 -2.35 -19.92
N ASP D 194 18.24 -1.81 -20.65
CA ASP D 194 18.10 -0.38 -20.83
C ASP D 194 17.31 0.29 -19.72
N LEU D 195 17.05 -0.42 -18.62
CA LEU D 195 16.27 0.15 -17.52
C LEU D 195 16.97 1.39 -16.99
N GLU D 196 16.20 2.45 -16.81
CA GLU D 196 16.74 3.74 -16.43
C GLU D 196 16.35 4.18 -15.04
N ARG D 197 15.09 3.98 -14.67
CA ARG D 197 14.55 4.38 -13.39
C ARG D 197 13.84 3.20 -12.76
N LEU D 198 14.07 2.97 -11.48
CA LEU D 198 13.48 1.84 -10.79
C LEU D 198 12.80 2.34 -9.52
N LYS D 199 11.60 1.83 -9.25
CA LYS D 199 10.88 2.12 -8.02
C LYS D 199 10.46 0.80 -7.40
N LEU D 200 10.98 0.51 -6.22
CA LEU D 200 10.62 -0.69 -5.49
C LEU D 200 9.62 -0.33 -4.41
N VAL D 201 8.59 -1.15 -4.27
CA VAL D 201 7.56 -0.95 -3.26
C VAL D 201 7.49 -2.20 -2.38
N ARG D 202 7.48 -2.01 -1.08
CA ARG D 202 7.24 -3.11 -0.16
C ARG D 202 6.77 -2.53 1.16
N TRP D 203 5.49 -2.72 1.47
CA TRP D 203 4.95 -2.38 2.78
C TRP D 203 4.92 -3.57 3.72
N HIS D 204 5.38 -4.73 3.29
CA HIS D 204 5.35 -5.93 4.10
C HIS D 204 6.60 -6.02 4.96
N GLN D 205 6.80 -7.17 5.58
CA GLN D 205 7.99 -7.37 6.39
C GLN D 205 9.21 -7.55 5.50
N ARG D 206 10.37 -7.22 6.06
CA ARG D 206 11.62 -7.46 5.38
C ARG D 206 12.01 -8.93 5.56
N PRO D 207 12.17 -9.69 4.49
CA PRO D 207 12.57 -11.09 4.65
C PRO D 207 13.98 -11.20 5.23
N GLN D 208 14.22 -12.27 5.99
CA GLN D 208 15.55 -12.49 6.55
C GLN D 208 16.51 -12.92 5.45
N THR D 209 17.71 -12.33 5.46
CA THR D 209 18.73 -12.63 4.48
C THR D 209 20.05 -12.91 5.19
N ASP D 210 20.99 -13.48 4.43
CA ASP D 210 22.29 -13.84 5.00
C ASP D 210 23.02 -12.62 5.54
N ALA D 211 23.03 -11.53 4.78
CA ALA D 211 23.66 -10.29 5.22
C ALA D 211 22.74 -9.12 4.94
N ALA D 212 23.26 -7.90 5.10
CA ALA D 212 22.48 -6.70 4.80
C ALA D 212 22.60 -6.36 3.32
N GLY D 213 21.47 -5.97 2.73
CA GLY D 213 21.46 -5.57 1.34
C GLY D 213 21.54 -6.70 0.33
N ASP D 214 21.28 -7.93 0.74
CA ASP D 214 21.34 -9.04 -0.22
C ASP D 214 20.24 -8.92 -1.26
N GLU D 215 19.05 -8.48 -0.88
CA GLU D 215 18.01 -8.30 -1.88
C GLU D 215 18.26 -7.06 -2.72
N LEU D 216 18.97 -6.08 -2.17
CA LEU D 216 19.32 -4.91 -2.97
C LEU D 216 20.48 -5.18 -3.91
N LYS D 217 21.40 -6.08 -3.55
CA LYS D 217 22.48 -6.45 -4.44
C LYS D 217 21.99 -7.03 -5.75
N LEU D 218 20.76 -7.54 -5.78
CA LEU D 218 20.22 -8.14 -6.99
C LEU D 218 19.94 -7.10 -8.07
N LEU D 219 20.01 -5.82 -7.75
CA LEU D 219 19.82 -4.78 -8.75
C LEU D 219 21.02 -4.68 -9.69
N ILE D 220 22.21 -5.05 -9.23
CA ILE D 220 23.43 -4.90 -10.02
C ILE D 220 23.47 -5.96 -11.12
N SER D 221 23.25 -5.54 -12.36
CA SER D 221 23.31 -6.44 -13.50
C SER D 221 24.54 -6.13 -14.36
N GLU D 222 24.97 -7.14 -15.12
CA GLU D 222 26.15 -6.98 -15.96
C GLU D 222 25.98 -5.82 -16.93
N CYS D 223 24.90 -5.84 -17.70
CA CYS D 223 24.61 -4.80 -18.68
C CYS D 223 23.70 -3.71 -18.11
N GLY D 224 23.73 -3.50 -16.80
CA GLY D 224 22.83 -2.53 -16.19
C GLY D 224 23.40 -1.13 -16.21
N THR D 225 22.52 -0.17 -16.49
CA THR D 225 22.88 1.24 -16.41
C THR D 225 21.84 2.03 -15.62
N LEU D 226 21.43 1.50 -14.47
CA LEU D 226 20.35 2.13 -13.72
C LEU D 226 20.76 3.52 -13.26
N LYS D 227 19.87 4.48 -13.48
CA LYS D 227 20.17 5.89 -13.25
C LYS D 227 19.47 6.48 -12.05
N SER D 228 18.22 6.12 -11.80
CA SER D 228 17.46 6.61 -10.67
C SER D 228 16.95 5.43 -9.87
N LEU D 229 17.07 5.51 -8.54
CA LEU D 229 16.60 4.45 -7.66
C LEU D 229 15.68 5.06 -6.62
N ASP D 230 14.49 4.48 -6.47
CA ASP D 230 13.46 5.00 -5.59
C ASP D 230 13.15 3.95 -4.53
N LEU D 231 13.38 4.31 -3.27
CA LEU D 231 13.04 3.44 -2.15
C LEU D 231 12.17 4.14 -1.13
N SER D 232 11.37 5.12 -1.56
CA SER D 232 10.55 5.87 -0.63
C SER D 232 9.39 5.06 -0.07
N SER D 233 9.12 3.87 -0.63
CA SER D 233 8.08 2.99 -0.11
C SER D 233 8.58 1.57 0.09
N PHE D 234 9.85 1.31 -0.15
CA PHE D 234 10.42 -0.03 -0.03
C PHE D 234 10.99 -0.18 1.36
N TYR D 235 10.23 -0.83 2.24
CA TYR D 235 10.68 -1.03 3.61
C TYR D 235 11.89 -1.94 3.64
N CYS D 236 12.91 -1.53 4.38
CA CYS D 236 14.13 -2.31 4.52
C CYS D 236 14.90 -1.77 5.72
N TRP D 237 15.97 -2.47 6.08
CA TRP D 237 16.87 -2.00 7.11
C TRP D 237 17.77 -0.93 6.52
N THR D 238 18.02 0.14 7.28
CA THR D 238 18.85 1.21 6.76
C THR D 238 20.25 0.74 6.43
N ASP D 239 20.69 -0.38 6.99
CA ASP D 239 22.01 -0.92 6.66
C ASP D 239 22.04 -1.57 5.29
N ASP D 240 20.89 -1.82 4.66
CA ASP D 240 20.90 -2.43 3.35
C ASP D 240 21.39 -1.47 2.28
N VAL D 241 21.12 -0.18 2.42
CA VAL D 241 21.47 0.79 1.38
C VAL D 241 22.99 0.92 1.27
N PRO D 242 23.73 1.25 2.32
CA PRO D 242 25.18 1.38 2.15
C PRO D 242 25.87 0.08 1.75
N ALA D 243 25.38 -1.07 2.21
CA ALA D 243 25.97 -2.33 1.80
C ALA D 243 25.77 -2.57 0.31
N ALA D 244 24.57 -2.28 -0.21
CA ALA D 244 24.32 -2.43 -1.63
C ALA D 244 25.15 -1.44 -2.45
N LEU D 245 25.25 -0.21 -1.96
CA LEU D 245 25.96 0.82 -2.72
C LEU D 245 27.46 0.58 -2.74
N GLY D 246 27.99 -0.15 -1.75
CA GLY D 246 29.40 -0.43 -1.72
C GLY D 246 29.84 -1.67 -2.45
N SER D 247 28.92 -2.42 -3.05
CA SER D 247 29.26 -3.70 -3.63
C SER D 247 29.76 -3.61 -5.07
N CYS D 248 29.39 -2.57 -5.80
CA CYS D 248 29.92 -2.37 -7.14
C CYS D 248 30.00 -0.87 -7.42
N PRO D 249 31.20 -0.31 -7.47
CA PRO D 249 31.34 1.14 -7.66
C PRO D 249 30.72 1.67 -8.94
N THR D 250 30.71 0.87 -10.00
CA THR D 250 30.10 1.31 -11.25
C THR D 250 28.62 1.60 -11.06
N PHE D 251 27.92 0.71 -10.36
CA PHE D 251 26.49 0.88 -10.20
C PHE D 251 26.19 2.15 -9.42
N ALA D 252 26.95 2.42 -8.36
CA ALA D 252 26.70 3.63 -7.58
C ALA D 252 27.10 4.88 -8.34
N ALA D 253 28.20 4.83 -9.10
CA ALA D 253 28.61 6.00 -9.84
C ALA D 253 27.62 6.36 -10.94
N ASN D 254 26.99 5.35 -11.57
CA ASN D 254 26.00 5.63 -12.59
C ASN D 254 24.75 6.30 -12.04
N LEU D 255 24.55 6.27 -10.73
CA LEU D 255 23.31 6.79 -10.15
C LEU D 255 23.29 8.31 -10.22
N LYS D 256 22.20 8.86 -10.75
CA LYS D 256 22.00 10.30 -10.83
C LYS D 256 20.89 10.79 -9.90
N SER D 257 20.20 9.88 -9.22
CA SER D 257 19.12 10.26 -8.32
C SER D 257 18.93 9.13 -7.32
N LEU D 258 18.53 9.48 -6.11
CA LEU D 258 18.40 8.47 -5.05
C LEU D 258 17.38 8.97 -4.04
N ASN D 259 16.28 8.24 -3.91
CA ASN D 259 15.19 8.61 -3.03
C ASN D 259 15.09 7.56 -1.92
N LEU D 260 15.41 7.96 -0.69
CA LEU D 260 15.30 7.09 0.47
C LEU D 260 14.38 7.67 1.52
N LEU D 261 13.41 8.49 1.12
CA LEU D 261 12.56 9.21 2.06
C LEU D 261 11.40 8.32 2.49
N ASN D 262 11.75 7.22 3.17
CA ASN D 262 10.78 6.23 3.59
C ASN D 262 10.40 6.47 5.04
N SER D 263 9.13 6.74 5.28
CA SER D 263 8.65 7.02 6.63
C SER D 263 8.52 5.77 7.49
N SER D 264 8.56 4.58 6.88
CA SER D 264 8.42 3.34 7.61
C SER D 264 9.71 2.86 8.26
N PHE D 265 10.83 3.53 7.99
CA PHE D 265 12.07 3.19 8.67
C PHE D 265 11.90 3.35 10.17
N SER D 266 12.31 2.34 10.92
CA SER D 266 12.21 2.42 12.38
C SER D 266 13.05 3.58 12.90
N GLU D 267 14.25 3.74 12.35
CA GLU D 267 15.10 4.87 12.68
C GLU D 267 15.75 5.36 11.40
N GLY D 268 16.05 6.65 11.36
CA GLY D 268 16.69 7.24 10.21
C GLY D 268 18.10 6.71 10.02
N PHE D 269 18.71 7.15 8.94
CA PHE D 269 20.08 6.73 8.66
C PHE D 269 21.05 7.26 9.70
N LYS D 270 22.08 6.48 9.98
CA LYS D 270 23.15 6.92 10.86
C LYS D 270 24.00 7.98 10.15
N SER D 271 24.88 8.60 10.92
CA SER D 271 25.87 9.50 10.32
C SER D 271 26.80 8.73 9.39
N ASP D 272 27.30 7.60 9.85
CA ASP D 272 28.22 6.81 9.04
C ASP D 272 27.55 6.28 7.79
N GLU D 273 26.28 5.90 7.89
CA GLU D 273 25.58 5.40 6.71
C GLU D 273 25.40 6.50 5.67
N ILE D 274 25.06 7.72 6.09
CA ILE D 274 24.96 8.82 5.14
C ILE D 274 26.31 9.08 4.50
N LYS D 275 27.38 9.06 5.30
CA LYS D 275 28.71 9.28 4.74
C LYS D 275 29.04 8.24 3.68
N ALA D 276 28.79 6.96 3.98
CA ALA D 276 29.09 5.90 3.02
C ALA D 276 28.22 6.03 1.77
N ILE D 277 26.93 6.35 1.95
CA ILE D 277 26.02 6.48 0.83
C ILE D 277 26.52 7.57 -0.12
N THR D 278 26.87 8.73 0.43
CA THR D 278 27.29 9.82 -0.45
C THR D 278 28.67 9.58 -1.02
N LYS D 279 29.55 8.89 -0.30
CA LYS D 279 30.85 8.58 -0.87
C LYS D 279 30.71 7.62 -2.05
N ALA D 280 29.79 6.67 -1.97
CA ALA D 280 29.60 5.75 -3.08
C ALA D 280 29.04 6.43 -4.32
N CYS D 281 28.23 7.48 -4.15
CA CYS D 281 27.50 8.11 -5.26
C CYS D 281 27.93 9.56 -5.35
N PRO D 282 28.98 9.87 -6.11
CA PRO D 282 29.43 11.26 -6.25
C PRO D 282 28.70 12.05 -7.32
N ASN D 283 27.87 11.42 -8.13
CA ASN D 283 27.22 12.10 -9.25
C ASN D 283 25.75 12.42 -8.98
N LEU D 284 25.32 12.35 -7.73
CA LEU D 284 23.91 12.51 -7.42
C LEU D 284 23.43 13.90 -7.79
N ARG D 285 22.28 13.96 -8.47
CA ARG D 285 21.65 15.24 -8.78
C ARG D 285 20.48 15.54 -7.87
N GLU D 286 19.76 14.51 -7.43
CA GLU D 286 18.69 14.63 -6.45
C GLU D 286 18.91 13.60 -5.36
N PHE D 287 18.81 14.03 -4.11
CA PHE D 287 19.05 13.16 -2.97
C PHE D 287 18.04 13.46 -1.87
N ARG D 288 17.18 12.49 -1.58
CA ARG D 288 16.25 12.57 -0.46
C ARG D 288 16.54 11.41 0.48
N ALA D 289 16.55 11.68 1.78
CA ALA D 289 16.87 10.65 2.75
C ALA D 289 16.07 10.89 4.02
N SER D 290 15.76 9.80 4.70
CA SER D 290 15.12 9.85 6.01
C SER D 290 16.21 9.61 7.05
N CYS D 291 16.68 10.69 7.68
CA CYS D 291 17.79 10.63 8.60
C CYS D 291 17.31 10.77 10.03
N MET D 292 18.19 10.42 10.96
CA MET D 292 17.91 10.54 12.38
C MET D 292 18.72 11.70 12.94
N PHE D 293 18.03 12.78 13.30
CA PHE D 293 18.68 13.98 13.78
C PHE D 293 18.56 14.18 15.28
N ASP D 294 18.00 13.22 16.00
CA ASP D 294 17.89 13.36 17.44
C ASP D 294 19.26 13.18 18.09
N PRO D 295 19.78 14.19 18.80
CA PRO D 295 21.12 14.06 19.38
C PRO D 295 21.21 13.00 20.44
N ARG D 296 20.09 12.59 21.03
CA ARG D 296 20.09 11.62 22.11
C ARG D 296 20.66 10.28 21.68
N TYR D 297 20.39 9.85 20.46
CA TYR D 297 20.84 8.57 19.94
C TYR D 297 22.31 8.62 19.57
N ILE D 298 22.89 7.44 19.37
CA ILE D 298 24.30 7.30 19.08
C ILE D 298 24.48 7.28 17.57
N GLY D 299 25.47 8.02 17.07
CA GLY D 299 25.72 8.06 15.64
C GLY D 299 24.69 8.84 14.86
N HIS D 300 23.86 9.63 15.53
CA HIS D 300 22.86 10.42 14.83
C HIS D 300 23.52 11.34 13.84
N ALA D 301 22.83 11.62 12.74
CA ALA D 301 23.37 12.53 11.74
C ALA D 301 23.44 13.94 12.30
N GLY D 302 24.59 14.58 12.11
CA GLY D 302 24.81 15.91 12.63
C GLY D 302 25.51 16.79 11.63
N ASP D 303 26.51 17.56 12.08
CA ASP D 303 27.23 18.44 11.17
C ASP D 303 28.05 17.64 10.17
N GLU D 304 28.77 16.62 10.65
CA GLU D 304 29.66 15.86 9.78
C GLU D 304 28.90 15.22 8.63
N ALA D 305 27.70 14.71 8.90
CA ALA D 305 26.89 14.14 7.83
C ALA D 305 26.60 15.17 6.75
N LEU D 306 26.20 16.38 7.15
CA LEU D 306 25.84 17.39 6.16
C LEU D 306 27.05 17.87 5.38
N VAL D 307 28.20 18.05 6.05
CA VAL D 307 29.38 18.47 5.32
C VAL D 307 29.84 17.36 4.38
N SER D 308 29.65 16.09 4.78
CA SER D 308 29.96 14.98 3.87
C SER D 308 29.03 15.01 2.66
N ILE D 309 27.77 15.37 2.87
CA ILE D 309 26.85 15.52 1.74
C ILE D 309 27.33 16.62 0.81
N SER D 310 27.76 17.75 1.38
CA SER D 310 28.22 18.86 0.56
C SER D 310 29.49 18.52 -0.21
N VAL D 311 30.41 17.79 0.42
CA VAL D 311 31.69 17.49 -0.20
C VAL D 311 31.53 16.39 -1.25
N ASN D 312 30.77 15.35 -0.92
CA ASN D 312 30.70 14.18 -1.78
C ASN D 312 29.79 14.39 -2.98
N CYS D 313 28.80 15.27 -2.87
CA CYS D 313 27.80 15.47 -3.91
C CYS D 313 27.71 16.94 -4.28
N PRO D 314 28.71 17.45 -5.01
CA PRO D 314 28.71 18.88 -5.39
C PRO D 314 27.74 19.21 -6.49
N LYS D 315 27.19 18.23 -7.21
CA LYS D 315 26.28 18.47 -8.31
C LYS D 315 24.83 18.48 -7.89
N LEU D 316 24.56 18.38 -6.59
CA LEU D 316 23.19 18.22 -6.12
C LEU D 316 22.31 19.38 -6.57
N GLU D 317 21.12 19.06 -7.04
CA GLU D 317 20.10 20.04 -7.37
C GLU D 317 18.89 19.97 -6.46
N ILE D 318 18.61 18.82 -5.86
CA ILE D 318 17.52 18.64 -4.92
C ILE D 318 18.07 17.91 -3.69
N LEU D 319 17.88 18.50 -2.53
CA LEU D 319 18.35 17.93 -1.27
C LEU D 319 17.22 17.96 -0.27
N HIS D 320 16.74 16.78 0.12
CA HIS D 320 15.58 16.66 1.01
C HIS D 320 15.93 15.71 2.15
N LEU D 321 16.29 16.27 3.29
CA LEU D 321 16.54 15.49 4.49
C LEU D 321 15.42 15.78 5.49
N ALA D 322 14.76 14.73 5.94
CA ALA D 322 13.70 14.88 6.92
C ALA D 322 13.79 13.74 7.92
N ASP D 323 13.43 14.02 9.17
CA ASP D 323 13.39 12.98 10.17
C ASP D 323 12.19 12.09 9.93
N THR D 324 12.32 10.82 10.32
CA THR D 324 11.28 9.83 10.00
C THR D 324 9.95 10.22 10.63
N ASN D 325 9.98 10.77 11.84
CA ASN D 325 8.74 11.19 12.48
C ASN D 325 8.08 12.33 11.72
N ALA D 326 8.87 13.18 11.08
CA ALA D 326 8.30 14.30 10.32
C ALA D 326 7.54 13.83 9.10
N LEU D 327 7.78 12.60 8.64
CA LEU D 327 7.13 12.07 7.44
C LEU D 327 5.82 11.35 7.73
N SER D 328 5.49 11.15 9.00
CA SER D 328 4.32 10.34 9.34
C SER D 328 3.04 11.06 8.98
N SER D 329 2.00 10.26 8.71
CA SER D 329 0.70 10.82 8.37
C SER D 329 -0.02 11.38 9.60
N ALA D 330 0.29 10.86 10.78
CA ALA D 330 -0.39 11.30 11.99
C ALA D 330 0.33 12.49 12.62
N ARG D 331 -0.42 13.55 12.92
CA ARG D 331 0.17 14.74 13.49
C ARG D 331 0.68 14.52 14.91
N SER D 332 0.24 13.47 15.59
CA SER D 332 0.74 13.22 16.93
C SER D 332 2.16 12.69 16.95
N ASP D 333 2.73 12.35 15.79
CA ASP D 333 4.08 11.82 15.74
C ASP D 333 5.14 12.89 15.52
N PHE D 334 4.83 13.97 14.80
CA PHE D 334 5.84 14.99 14.55
C PHE D 334 5.58 16.30 15.27
N ASP D 335 4.35 16.55 15.67
CA ASP D 335 4.05 17.80 16.36
C ASP D 335 4.77 17.80 17.70
N PRO D 336 5.70 18.73 17.93
CA PRO D 336 6.37 18.79 19.24
C PRO D 336 5.40 19.05 20.37
N ASP D 337 4.34 19.80 20.10
CA ASP D 337 3.32 20.05 21.11
C ASP D 337 2.60 18.77 21.49
N GLU D 338 2.35 17.89 20.52
CA GLU D 338 1.58 16.67 20.75
C GLU D 338 2.43 15.52 21.27
N ARG D 339 3.75 15.61 21.19
CA ARG D 339 4.61 14.57 21.73
C ARG D 339 4.85 14.81 23.20
N GLU D 340 4.91 13.73 23.97
CA GLU D 340 5.03 13.83 25.42
C GLU D 340 6.45 14.24 25.82
N GLY D 341 6.85 15.44 25.43
CA GLY D 341 8.16 15.95 25.71
C GLY D 341 9.24 15.57 24.72
N LEU D 342 8.93 14.75 23.73
CA LEU D 342 9.92 14.39 22.73
C LEU D 342 10.27 15.60 21.86
N GLY D 343 11.40 15.49 21.17
CA GLY D 343 11.91 16.66 20.48
C GLY D 343 12.32 17.72 21.49
N GLN D 344 12.07 18.98 21.14
CA GLN D 344 12.25 20.12 22.04
C GLN D 344 13.70 20.25 22.50
N GLU D 345 14.64 19.63 21.80
CA GLU D 345 16.05 19.76 22.12
C GLU D 345 16.84 19.99 20.85
N GLU D 346 17.88 20.81 20.95
CA GLU D 346 18.61 21.24 19.77
C GLU D 346 19.23 20.06 19.05
N ALA D 347 19.23 20.13 17.73
CA ALA D 347 20.00 19.20 16.94
C ALA D 347 21.46 19.61 16.93
N LYS D 348 22.32 18.70 16.48
CA LYS D 348 23.74 19.04 16.32
C LYS D 348 23.98 19.81 15.02
N ILE D 349 23.18 20.85 14.81
CA ILE D 349 23.23 21.64 13.58
C ILE D 349 23.53 23.07 13.97
N ASN D 350 24.64 23.60 13.46
CA ASN D 350 25.04 24.97 13.73
C ASN D 350 24.82 25.83 12.50
N ALA D 351 24.78 27.14 12.71
CA ALA D 351 24.68 28.06 11.58
C ALA D 351 25.91 27.98 10.69
N ALA D 352 27.09 27.83 11.30
CA ALA D 352 28.31 27.71 10.50
C ALA D 352 28.27 26.48 9.61
N THR D 353 27.82 25.35 10.16
CA THR D 353 27.75 24.13 9.38
C THR D 353 26.78 24.28 8.22
N LEU D 354 25.62 24.92 8.46
CA LEU D 354 24.69 25.16 7.37
C LEU D 354 25.30 26.06 6.31
N ILE D 355 26.08 27.06 6.72
CA ILE D 355 26.72 27.93 5.75
C ILE D 355 27.68 27.15 4.87
N GLU D 356 28.49 26.28 5.49
CA GLU D 356 29.41 25.47 4.69
C GLU D 356 28.65 24.55 3.75
N VAL D 357 27.55 23.96 4.22
CA VAL D 357 26.78 23.06 3.37
C VAL D 357 26.23 23.81 2.16
N PHE D 358 25.64 24.98 2.38
CA PHE D 358 25.08 25.73 1.26
C PHE D 358 26.17 26.21 0.32
N SER D 359 27.34 26.56 0.85
CA SER D 359 28.45 26.94 0.00
C SER D 359 28.90 25.78 -0.87
N GLY D 360 28.75 24.56 -0.38
CA GLY D 360 29.16 23.41 -1.17
C GLY D 360 28.22 23.00 -2.28
N LEU D 361 27.04 23.62 -2.40
CA LEU D 361 26.02 23.21 -3.36
C LEU D 361 25.62 24.41 -4.21
N PRO D 362 26.46 24.79 -5.18
CA PRO D 362 26.11 25.93 -6.03
C PRO D 362 24.95 25.68 -6.95
N LEU D 363 24.70 24.42 -7.31
CA LEU D 363 23.65 24.08 -8.26
C LEU D 363 22.32 23.74 -7.58
N LEU D 364 22.26 23.86 -6.25
CA LEU D 364 21.07 23.45 -5.53
C LEU D 364 19.85 24.24 -5.99
N GLU D 365 18.73 23.54 -6.13
CA GLU D 365 17.49 24.14 -6.60
C GLU D 365 16.33 23.93 -5.65
N GLU D 366 16.23 22.78 -5.00
CA GLU D 366 15.16 22.47 -4.07
C GLU D 366 15.77 22.00 -2.76
N LEU D 367 15.42 22.69 -1.67
CA LEU D 367 15.93 22.34 -0.35
C LEU D 367 14.76 22.03 0.57
N ALA D 368 14.91 20.98 1.38
CA ALA D 368 13.90 20.62 2.36
C ALA D 368 14.60 20.00 3.56
N LEU D 369 14.63 20.75 4.67
CA LEU D 369 15.19 20.27 5.94
C LEU D 369 14.05 20.28 6.95
N ASP D 370 13.43 19.13 7.14
CA ASP D 370 12.31 18.95 8.06
C ASP D 370 12.79 18.10 9.23
N LEU D 371 13.21 18.77 10.30
CA LEU D 371 13.70 18.10 11.48
C LEU D 371 12.63 18.07 12.56
N CYS D 372 12.76 17.08 13.44
CA CYS D 372 11.95 17.03 14.67
C CYS D 372 12.68 17.63 15.85
N ASN D 373 13.92 18.09 15.65
CA ASN D 373 14.69 18.79 16.66
C ASN D 373 14.94 20.23 16.21
N ASN D 374 14.94 21.13 17.18
CA ASN D 374 15.01 22.56 16.85
C ASN D 374 16.39 22.95 16.33
N VAL D 375 16.41 23.91 15.42
CA VAL D 375 17.62 24.59 14.99
C VAL D 375 17.35 26.08 15.13
N ARG D 376 18.16 26.78 15.92
CA ARG D 376 17.89 28.16 16.26
C ARG D 376 18.93 29.10 15.66
N ASP D 377 18.51 30.37 15.49
CA ASP D 377 19.35 31.42 14.92
C ASP D 377 19.83 31.04 13.52
N SER D 378 18.91 30.50 12.73
CA SER D 378 19.24 30.04 11.39
C SER D 378 19.13 31.14 10.35
N GLY D 379 18.91 32.38 10.77
CA GLY D 379 18.83 33.50 9.88
C GLY D 379 20.05 33.70 9.01
N PRO D 380 21.26 33.68 9.61
CA PRO D 380 22.47 33.78 8.78
C PRO D 380 22.60 32.70 7.72
N ALA D 381 22.24 31.46 8.07
CA ALA D 381 22.32 30.39 7.08
C ALA D 381 21.37 30.65 5.91
N LEU D 382 20.15 31.07 6.21
CA LEU D 382 19.20 31.37 5.16
C LEU D 382 19.63 32.56 4.32
N GLU D 383 20.32 33.53 4.91
CA GLU D 383 20.87 34.61 4.10
C GLU D 383 21.95 34.10 3.16
N VAL D 384 22.84 33.24 3.66
CA VAL D 384 23.87 32.68 2.78
C VAL D 384 23.23 31.88 1.65
N LEU D 385 22.06 31.30 1.91
CA LEU D 385 21.35 30.59 0.86
C LEU D 385 21.12 31.46 -0.37
N ASN D 386 20.77 32.73 -0.17
CA ASN D 386 20.44 33.59 -1.30
C ASN D 386 21.64 33.87 -2.17
N SER D 387 22.81 34.09 -1.55
CA SER D 387 24.01 34.40 -2.33
C SER D 387 24.60 33.15 -2.99
N LYS D 388 24.61 32.03 -2.27
CA LYS D 388 25.32 30.85 -2.74
C LYS D 388 24.47 29.88 -3.56
N CYS D 389 23.16 30.13 -3.69
CA CYS D 389 22.28 29.29 -4.49
C CYS D 389 21.39 30.17 -5.35
N PRO D 390 21.93 30.71 -6.46
CA PRO D 390 21.10 31.55 -7.34
C PRO D 390 19.91 30.82 -7.93
N LYS D 391 20.04 29.51 -8.19
CA LYS D 391 19.00 28.73 -8.81
C LYS D 391 17.94 28.26 -7.84
N LEU D 392 18.10 28.56 -6.55
CA LEU D 392 17.18 28.05 -5.54
C LEU D 392 15.75 28.52 -5.84
N LYS D 393 14.81 27.59 -5.76
CA LYS D 393 13.43 27.88 -6.12
C LYS D 393 12.44 27.49 -5.03
N SER D 394 12.73 26.43 -4.28
CA SER D 394 11.82 25.92 -3.28
C SER D 394 12.57 25.58 -2.01
N VAL D 395 12.05 26.04 -0.87
CA VAL D 395 12.64 25.82 0.44
C VAL D 395 11.57 25.28 1.37
N LYS D 396 11.85 24.17 2.05
CA LYS D 396 10.96 23.60 3.05
C LYS D 396 11.73 23.44 4.34
N LEU D 397 11.25 24.08 5.40
CA LEU D 397 11.96 24.12 6.68
C LEU D 397 11.07 23.58 7.78
N GLY D 398 11.61 22.66 8.58
CA GLY D 398 10.86 22.09 9.67
C GLY D 398 11.51 22.31 11.02
N GLN D 399 10.81 23.03 11.90
CA GLN D 399 11.32 23.40 13.22
C GLN D 399 12.66 24.14 13.12
N PHE D 400 12.76 25.03 12.14
CA PHE D 400 13.85 25.99 12.07
C PHE D 400 13.35 27.28 12.69
N HIS D 401 14.04 27.77 13.70
CA HIS D 401 13.58 28.95 14.43
C HIS D 401 14.43 30.17 14.07
N GLY D 402 13.82 31.34 14.24
CA GLY D 402 14.48 32.57 13.88
C GLY D 402 14.66 32.76 12.38
N ILE D 403 13.80 32.15 11.57
CA ILE D 403 13.96 32.25 10.12
C ILE D 403 13.66 33.67 9.64
N SER D 404 12.89 34.42 10.41
CA SER D 404 12.53 35.78 10.02
C SER D 404 12.48 36.64 11.27
N LEU D 405 13.53 37.43 11.49
CA LEU D 405 13.66 38.28 12.67
C LEU D 405 13.88 39.72 12.22
N PRO D 406 12.84 40.39 11.78
CA PRO D 406 13.01 41.74 11.23
C PRO D 406 13.37 42.75 12.30
N VAL D 407 14.27 43.66 11.96
CA VAL D 407 14.60 44.81 12.79
C VAL D 407 14.46 46.07 11.95
N GLU D 408 13.72 47.04 12.46
CA GLU D 408 13.42 48.29 11.77
C GLU D 408 12.70 47.95 10.45
N SER D 409 13.43 47.85 9.34
CA SER D 409 12.82 47.47 8.08
C SER D 409 13.68 46.54 7.23
N LYS D 410 14.89 46.23 7.65
CA LYS D 410 15.79 45.48 6.78
C LYS D 410 15.43 44.00 6.81
N LEU D 411 15.20 43.45 5.62
CA LEU D 411 14.87 42.03 5.48
C LEU D 411 16.06 41.20 5.92
N ASP D 412 15.77 40.01 6.43
CA ASP D 412 16.82 39.12 6.89
C ASP D 412 16.29 37.70 6.93
N GLY D 413 17.21 36.75 7.06
CA GLY D 413 16.82 35.36 7.11
C GLY D 413 16.28 34.88 5.78
N ILE D 414 15.13 34.21 5.82
CA ILE D 414 14.54 33.67 4.61
C ILE D 414 13.96 34.77 3.73
N ALA D 415 13.75 35.96 4.29
CA ALA D 415 13.18 37.06 3.52
C ALA D 415 14.13 37.58 2.45
N LEU D 416 15.41 37.21 2.51
CA LEU D 416 16.36 37.63 1.49
C LEU D 416 16.40 36.71 0.28
N CYS D 417 15.76 35.55 0.35
CA CYS D 417 15.70 34.63 -0.79
C CYS D 417 14.58 35.09 -1.73
N GLN D 418 14.91 36.09 -2.53
CA GLN D 418 13.93 36.64 -3.46
C GLN D 418 13.53 35.63 -4.54
N GLY D 419 14.38 34.65 -4.81
CA GLY D 419 14.13 33.70 -5.88
C GLY D 419 13.22 32.55 -5.54
N LEU D 420 12.73 32.49 -4.31
CA LEU D 420 11.87 31.37 -3.92
C LEU D 420 10.57 31.42 -4.69
N GLU D 421 10.09 30.24 -5.08
CA GLU D 421 8.77 30.10 -5.68
C GLU D 421 7.76 29.43 -4.77
N SER D 422 8.22 28.54 -3.89
CA SER D 422 7.36 27.90 -2.92
C SER D 422 8.09 27.80 -1.59
N LEU D 423 7.37 28.12 -0.52
CA LEU D 423 7.94 28.15 0.83
C LEU D 423 7.06 27.35 1.76
N SER D 424 7.67 26.43 2.50
CA SER D 424 6.94 25.61 3.46
C SER D 424 7.69 25.63 4.79
N ILE D 425 7.05 26.18 5.82
CA ILE D 425 7.65 26.32 7.14
C ILE D 425 6.77 25.59 8.16
N ARG D 426 7.38 25.20 9.27
CA ARG D 426 6.68 24.38 10.26
C ARG D 426 7.26 24.60 11.64
N ASN D 427 6.36 24.86 12.61
CA ASN D 427 6.71 24.97 14.03
C ASN D 427 7.85 25.96 14.25
N VAL D 428 7.56 27.22 13.94
CA VAL D 428 8.53 28.28 14.12
C VAL D 428 8.10 29.09 15.32
N ASP D 429 8.89 29.02 16.40
CA ASP D 429 8.55 29.73 17.62
C ASP D 429 8.76 31.23 17.48
N ASP D 430 9.85 31.64 16.82
CA ASP D 430 10.19 33.05 16.72
C ASP D 430 9.23 33.81 15.82
N LEU D 431 8.50 33.14 14.94
CA LEU D 431 7.74 33.83 13.91
C LEU D 431 6.61 34.64 14.52
N THR D 432 6.46 35.87 14.04
CA THR D 432 5.39 36.76 14.45
C THR D 432 4.71 37.32 13.22
N ASP D 433 3.84 38.31 13.38
CA ASP D 433 3.23 38.94 12.21
C ASP D 433 4.27 39.65 11.36
N MET D 434 5.22 40.33 12.00
CA MET D 434 6.28 41.00 11.25
C MET D 434 7.10 40.01 10.45
N GLY D 435 7.29 38.79 10.96
CA GLY D 435 7.99 37.79 10.19
C GLY D 435 7.25 37.42 8.92
N LEU D 436 5.93 37.24 9.01
CA LEU D 436 5.13 36.98 7.82
C LEU D 436 5.19 38.15 6.84
N ILE D 437 5.12 39.38 7.36
CA ILE D 437 5.17 40.52 6.48
C ILE D 437 6.50 40.58 5.76
N ALA D 438 7.60 40.29 6.47
CA ALA D 438 8.91 40.25 5.84
C ALA D 438 8.99 39.16 4.79
N ILE D 439 8.44 37.98 5.08
CA ILE D 439 8.47 36.90 4.09
C ILE D 439 7.71 37.30 2.84
N GLY D 440 6.54 37.93 3.01
CA GLY D 440 5.79 38.37 1.86
C GLY D 440 6.52 39.43 1.06
N ARG D 441 7.13 40.41 1.74
CA ARG D 441 7.76 41.51 1.05
C ARG D 441 9.05 41.11 0.36
N GLY D 442 9.81 40.20 0.95
CA GLY D 442 11.07 39.79 0.35
C GLY D 442 10.89 38.76 -0.74
N CYS D 443 10.09 37.73 -0.47
CA CYS D 443 9.91 36.63 -1.40
C CYS D 443 8.74 36.94 -2.34
N TYR D 444 8.94 37.98 -3.15
CA TYR D 444 7.85 38.49 -3.98
C TYR D 444 7.49 37.57 -5.14
N ARG D 445 8.29 36.55 -5.43
CA ARG D 445 7.99 35.60 -6.47
C ARG D 445 7.26 34.37 -5.94
N LEU D 446 6.94 34.35 -4.66
CA LEU D 446 6.38 33.16 -4.04
C LEU D 446 5.04 32.81 -4.66
N ALA D 447 4.87 31.54 -5.05
CA ALA D 447 3.63 31.07 -5.65
C ALA D 447 2.87 30.10 -4.78
N LYS D 448 3.53 29.40 -3.86
CA LYS D 448 2.89 28.45 -2.96
C LYS D 448 3.44 28.69 -1.56
N PHE D 449 2.55 28.88 -0.59
CA PHE D 449 2.96 29.11 0.79
C PHE D 449 2.26 28.15 1.72
N GLU D 450 3.04 27.44 2.53
CA GLU D 450 2.54 26.49 3.51
C GLU D 450 3.11 26.85 4.87
N VAL D 451 2.23 27.04 5.85
CA VAL D 451 2.64 27.36 7.22
C VAL D 451 1.95 26.38 8.15
N TYR D 452 2.69 25.87 9.12
CA TYR D 452 2.18 24.86 10.04
C TYR D 452 2.62 25.16 11.46
N GLY D 453 1.65 25.20 12.37
CA GLY D 453 1.96 25.21 13.79
C GLY D 453 2.73 26.41 14.29
N CYS D 454 2.34 27.61 13.89
CA CYS D 454 2.93 28.84 14.42
C CYS D 454 1.92 29.51 15.33
N LYS D 455 2.27 29.63 16.61
CA LYS D 455 1.33 30.05 17.64
C LYS D 455 1.18 31.55 17.75
N LYS D 456 2.06 32.33 17.12
CA LYS D 456 2.06 33.77 17.28
C LYS D 456 1.38 34.51 16.14
N ILE D 457 1.43 33.97 14.92
CA ILE D 457 0.88 34.69 13.77
C ILE D 457 -0.62 34.83 13.93
N THR D 458 -1.19 35.85 13.30
CA THR D 458 -2.61 36.14 13.41
C THR D 458 -3.23 36.39 12.05
N VAL D 459 -4.49 36.81 12.04
CA VAL D 459 -5.17 37.04 10.77
C VAL D 459 -4.60 38.26 10.06
N ARG D 460 -4.22 39.30 10.81
CA ARG D 460 -3.70 40.52 10.19
C ARG D 460 -2.45 40.23 9.39
N GLY D 461 -1.48 39.55 9.99
CA GLY D 461 -0.23 39.29 9.30
C GLY D 461 -0.42 38.43 8.07
N MET D 462 -1.20 37.36 8.19
CA MET D 462 -1.40 36.46 7.06
C MET D 462 -2.19 37.14 5.95
N ARG D 463 -3.19 37.94 6.31
CA ARG D 463 -3.95 38.66 5.29
C ARG D 463 -3.09 39.65 4.55
N THR D 464 -2.24 40.39 5.26
CA THR D 464 -1.36 41.33 4.59
C THR D 464 -0.34 40.61 3.71
N MET D 465 0.18 39.47 4.18
CA MET D 465 1.12 38.71 3.36
C MET D 465 0.45 38.19 2.10
N ALA D 466 -0.82 37.81 2.20
CA ALA D 466 -1.57 37.41 1.02
C ALA D 466 -1.75 38.58 0.06
N SER D 467 -2.07 39.76 0.59
CA SER D 467 -2.27 40.92 -0.27
C SER D 467 -0.98 41.30 -0.99
N LEU D 468 0.16 41.17 -0.30
CA LEU D 468 1.43 41.45 -0.96
C LEU D 468 1.71 40.48 -2.11
N LEU D 469 1.46 39.19 -1.88
CA LEU D 469 1.72 38.17 -2.88
C LEU D 469 0.49 37.89 -3.74
N ARG D 470 -0.46 38.82 -3.78
CA ARG D 470 -1.72 38.59 -4.46
C ARG D 470 -1.53 38.36 -5.95
N LYS D 471 -0.39 38.78 -6.50
CA LYS D 471 -0.13 38.61 -7.92
C LYS D 471 0.29 37.21 -8.30
N THR D 472 0.79 36.41 -7.37
CA THR D 472 1.38 35.12 -7.73
C THR D 472 0.93 33.98 -6.84
N LEU D 473 0.46 34.27 -5.63
CA LEU D 473 0.13 33.20 -4.70
C LEU D 473 -1.15 32.48 -5.15
N VAL D 474 -1.02 31.18 -5.42
CA VAL D 474 -2.14 30.38 -5.90
C VAL D 474 -2.36 29.13 -5.07
N ASP D 475 -1.52 28.86 -4.07
CA ASP D 475 -1.60 27.64 -3.27
C ASP D 475 -1.24 27.99 -1.84
N VAL D 476 -2.17 27.79 -0.91
CA VAL D 476 -1.97 28.18 0.48
C VAL D 476 -2.39 27.03 1.39
N LYS D 477 -1.57 26.73 2.38
CA LYS D 477 -1.89 25.74 3.41
C LYS D 477 -1.70 26.37 4.76
N ILE D 478 -2.74 26.35 5.59
CA ILE D 478 -2.69 26.92 6.94
C ILE D 478 -3.19 25.86 7.90
N ALA D 479 -2.27 25.18 8.57
CA ALA D 479 -2.61 24.07 9.44
C ALA D 479 -2.04 24.28 10.83
N ALA D 480 -2.80 23.86 11.83
CA ALA D 480 -2.35 23.78 13.21
C ALA D 480 -1.91 25.13 13.78
N CYS D 481 -2.35 26.23 13.16
CA CYS D 481 -2.03 27.55 13.68
C CYS D 481 -3.03 27.89 14.78
N LYS D 482 -2.51 28.12 15.99
CA LYS D 482 -3.36 28.23 17.17
C LYS D 482 -4.35 29.37 17.04
N LYS D 483 -3.90 30.52 16.55
CA LYS D 483 -4.73 31.72 16.50
C LYS D 483 -5.46 31.88 15.18
N LEU D 484 -5.31 30.95 14.24
CA LEU D 484 -5.88 31.06 12.90
C LEU D 484 -6.82 29.89 12.68
N GLY D 485 -8.09 30.08 12.98
CA GLY D 485 -9.10 29.05 12.80
C GLY D 485 -9.56 28.94 11.37
N ALA D 486 -10.60 28.16 11.15
CA ALA D 486 -11.14 27.99 9.80
C ALA D 486 -11.68 29.30 9.26
N VAL D 487 -12.54 29.97 10.04
CA VAL D 487 -13.07 31.27 9.64
C VAL D 487 -11.95 32.28 9.49
N GLN D 488 -10.99 32.24 10.41
CA GLN D 488 -9.85 33.15 10.33
C GLN D 488 -9.03 32.90 9.07
N SER D 489 -8.79 31.63 8.74
CA SER D 489 -8.03 31.32 7.53
C SER D 489 -8.75 31.80 6.28
N LEU D 490 -10.06 31.57 6.21
CA LEU D 490 -10.80 32.01 5.03
C LEU D 490 -10.84 33.52 4.92
N LYS D 491 -10.98 34.22 6.05
CA LYS D 491 -10.91 35.68 5.99
C LYS D 491 -9.51 36.15 5.62
N ALA D 492 -8.48 35.41 6.04
CA ALA D 492 -7.11 35.80 5.74
C ALA D 492 -6.83 35.67 4.25
N LEU D 493 -7.43 34.68 3.60
CA LEU D 493 -7.19 34.49 2.18
C LEU D 493 -8.09 35.34 1.30
N GLU D 494 -8.72 36.37 1.84
CA GLU D 494 -9.60 37.22 1.05
C GLU D 494 -8.91 37.96 -0.09
N PRO D 495 -7.73 38.58 0.09
CA PRO D 495 -7.11 39.30 -1.04
C PRO D 495 -6.84 38.42 -2.25
N ILE D 496 -6.58 37.14 -2.06
CA ILE D 496 -6.30 36.22 -3.16
C ILE D 496 -7.46 35.26 -3.38
N GLN D 497 -8.67 35.65 -2.98
CA GLN D 497 -9.81 34.72 -3.03
C GLN D 497 -10.12 34.29 -4.45
N ASP D 498 -10.01 35.19 -5.42
CA ASP D 498 -10.39 34.90 -6.79
C ASP D 498 -9.25 34.32 -7.61
N ARG D 499 -8.11 34.01 -6.99
CA ARG D 499 -6.98 33.45 -7.71
C ARG D 499 -6.49 32.12 -7.17
N VAL D 500 -6.76 31.79 -5.91
CA VAL D 500 -6.18 30.61 -5.30
C VAL D 500 -6.74 29.36 -5.96
N GLU D 501 -5.88 28.38 -6.18
CA GLU D 501 -6.24 27.13 -6.84
C GLU D 501 -6.26 25.93 -5.91
N ARG D 502 -5.27 25.80 -5.05
CA ARG D 502 -5.22 24.72 -4.07
C ARG D 502 -5.24 25.33 -2.68
N LEU D 503 -6.04 24.73 -1.79
CA LEU D 503 -6.33 25.34 -0.51
C LEU D 503 -6.36 24.25 0.55
N HIS D 504 -5.78 24.52 1.71
CA HIS D 504 -5.87 23.61 2.84
C HIS D 504 -6.13 24.42 4.10
N ILE D 505 -7.10 23.98 4.90
CA ILE D 505 -7.38 24.60 6.19
C ILE D 505 -7.65 23.50 7.21
N ASP D 506 -7.59 23.88 8.48
CA ASP D 506 -8.05 23.04 9.58
C ASP D 506 -9.46 23.47 9.94
N CYS D 507 -10.35 22.50 10.10
CA CYS D 507 -11.73 22.79 10.49
C CYS D 507 -11.80 22.98 12.00
N ASP D 508 -11.21 24.08 12.45
CA ASP D 508 -11.19 24.47 13.85
C ASP D 508 -12.26 25.53 14.07
N TRP D 509 -13.35 25.16 14.74
CA TRP D 509 -14.43 26.09 15.01
C TRP D 509 -14.31 26.76 16.37
N ASP D 510 -13.28 26.44 17.15
CA ASP D 510 -13.16 26.93 18.52
C ASP D 510 -12.11 28.03 18.67
N CYS D 511 -11.71 28.66 17.57
CA CYS D 511 -10.68 29.68 17.64
C CYS D 511 -11.31 31.04 17.94
N PRO D 512 -10.97 31.68 19.07
CA PRO D 512 -11.53 33.00 19.36
C PRO D 512 -10.90 34.07 18.46
N ASP D 513 -11.58 35.21 18.41
CA ASP D 513 -11.13 36.37 17.63
C ASP D 513 -10.87 36.03 16.18
N ASP D 564 -18.33 38.67 -4.92
CA ASP D 564 -17.28 39.19 -4.04
C ASP D 564 -16.67 38.07 -3.21
N LYS D 565 -17.47 37.04 -2.94
CA LYS D 565 -17.03 35.88 -2.18
C LYS D 565 -17.12 34.61 -3.01
N THR D 566 -16.65 34.69 -4.25
CA THR D 566 -16.66 33.55 -5.16
C THR D 566 -15.23 33.06 -5.37
N TRP D 567 -14.98 31.81 -4.99
CA TRP D 567 -13.67 31.19 -5.19
C TRP D 567 -13.61 30.72 -6.65
N ALA D 568 -13.36 31.68 -7.53
CA ALA D 568 -13.57 31.48 -8.95
C ALA D 568 -12.64 30.41 -9.52
N ARG D 569 -11.41 30.35 -9.04
CA ARG D 569 -10.42 29.43 -9.59
C ARG D 569 -10.13 28.25 -8.68
N LEU D 570 -10.79 28.16 -7.53
CA LEU D 570 -10.46 27.12 -6.56
C LEU D 570 -10.81 25.75 -7.11
N ARG D 571 -9.86 24.82 -7.06
CA ARG D 571 -10.03 23.51 -7.65
C ARG D 571 -9.77 22.35 -6.70
N TYR D 572 -8.99 22.55 -5.64
CA TYR D 572 -8.65 21.47 -4.72
C TYR D 572 -8.70 22.03 -3.31
N VAL D 573 -9.42 21.35 -2.42
CA VAL D 573 -9.51 21.71 -1.02
C VAL D 573 -9.09 20.50 -0.20
N SER D 574 -8.16 20.72 0.72
CA SER D 574 -7.78 19.71 1.70
C SER D 574 -8.26 20.17 3.07
N LEU D 575 -8.87 19.25 3.81
CA LEU D 575 -9.35 19.55 5.15
C LEU D 575 -8.74 18.61 6.15
N TRP D 576 -8.47 19.13 7.35
CA TRP D 576 -8.11 18.32 8.49
C TRP D 576 -9.07 18.66 9.62
N ILE D 577 -9.57 17.65 10.32
CA ILE D 577 -10.59 17.85 11.34
C ILE D 577 -10.42 16.77 12.40
N PHE D 578 -10.63 17.15 13.66
CA PHE D 578 -10.48 16.21 14.75
C PHE D 578 -11.70 15.29 14.84
N VAL D 579 -11.47 14.06 15.31
CA VAL D 579 -12.50 13.04 15.30
C VAL D 579 -13.67 13.45 16.18
N GLY D 580 -14.88 13.20 15.70
CA GLY D 580 -16.08 13.55 16.43
C GLY D 580 -16.63 14.92 16.10
N GLN D 581 -15.87 15.76 15.41
CA GLN D 581 -16.37 17.07 15.03
C GLN D 581 -17.19 16.95 13.74
N LEU D 582 -18.03 17.96 13.51
CA LEU D 582 -18.91 17.99 12.37
C LEU D 582 -18.29 18.80 11.24
N LEU D 583 -18.79 18.59 10.03
CA LEU D 583 -18.34 19.33 8.86
C LEU D 583 -19.36 20.37 8.41
N THR D 584 -20.57 20.34 8.95
CA THR D 584 -21.60 21.29 8.52
C THR D 584 -21.17 22.75 8.59
N PRO D 585 -20.48 23.24 9.63
CA PRO D 585 -20.12 24.67 9.66
C PRO D 585 -19.18 25.10 8.56
N LEU D 586 -18.81 24.21 7.63
CA LEU D 586 -17.86 24.58 6.59
C LEU D 586 -18.43 25.68 5.69
N VAL D 587 -19.73 25.59 5.37
CA VAL D 587 -20.34 26.60 4.51
C VAL D 587 -20.37 27.95 5.22
N ALA D 588 -20.81 27.97 6.48
CA ALA D 588 -20.82 29.22 7.22
C ALA D 588 -19.42 29.77 7.47
N ALA D 589 -18.40 28.90 7.41
CA ALA D 589 -17.03 29.36 7.63
C ALA D 589 -16.57 30.33 6.55
N GLY D 590 -17.20 30.29 5.38
CA GLY D 590 -16.84 31.19 4.31
C GLY D 590 -16.65 30.49 2.98
N LEU D 591 -16.44 29.18 3.02
CA LEU D 591 -16.19 28.40 1.81
C LEU D 591 -17.55 28.05 1.21
N ASN D 592 -18.20 29.06 0.66
CA ASN D 592 -19.59 28.99 0.25
C ASN D 592 -19.78 28.73 -1.23
N ASP D 593 -19.20 29.56 -2.08
CA ASP D 593 -19.42 29.50 -3.52
C ASP D 593 -18.11 29.09 -4.20
N CYS D 594 -18.01 27.84 -4.60
CA CYS D 594 -16.82 27.29 -5.24
C CYS D 594 -17.25 26.62 -6.53
N PRO D 595 -17.53 27.41 -7.57
CA PRO D 595 -18.05 26.82 -8.83
C PRO D 595 -17.11 25.82 -9.47
N GLU D 596 -15.80 26.01 -9.33
CA GLU D 596 -14.83 25.16 -10.01
C GLU D 596 -14.26 24.07 -9.11
N LEU D 597 -14.70 23.99 -7.86
CA LEU D 597 -14.15 23.00 -6.94
C LEU D 597 -14.51 21.61 -7.44
N GLU D 598 -13.52 20.74 -7.55
CA GLU D 598 -13.69 19.45 -8.20
C GLU D 598 -13.18 18.29 -7.37
N GLU D 599 -12.16 18.48 -6.54
CA GLU D 599 -11.64 17.43 -5.68
C GLU D 599 -11.47 17.99 -4.27
N ILE D 600 -11.94 17.25 -3.27
CA ILE D 600 -11.79 17.64 -1.88
C ILE D 600 -11.22 16.44 -1.13
N SER D 601 -10.23 16.70 -0.26
CA SER D 601 -9.59 15.66 0.52
C SER D 601 -9.76 15.99 1.99
N ILE D 602 -10.31 15.05 2.75
CA ILE D 602 -10.56 15.22 4.19
C ILE D 602 -9.72 14.21 4.94
N LYS D 603 -9.00 14.67 5.95
CA LYS D 603 -8.24 13.80 6.83
C LYS D 603 -8.75 13.97 8.24
N VAL D 604 -9.15 12.87 8.87
CA VAL D 604 -9.65 12.87 10.23
C VAL D 604 -8.66 12.11 11.10
N GLU D 605 -8.23 12.73 12.18
CA GLU D 605 -7.23 12.14 13.06
C GLU D 605 -7.77 12.19 14.47
N GLY D 606 -7.33 11.24 15.31
CA GLY D 606 -7.75 11.27 16.68
C GLY D 606 -7.98 9.91 17.31
N ASP D 607 -8.21 9.92 18.63
CA ASP D 607 -8.42 8.71 19.41
C ASP D 607 -9.85 8.75 19.92
N CYS D 608 -10.71 7.90 19.36
CA CYS D 608 -12.12 7.90 19.73
C CYS D 608 -12.44 6.95 20.87
N ARG D 609 -11.45 6.21 21.37
CA ARG D 609 -11.69 5.36 22.53
C ARG D 609 -12.10 6.16 23.77
N VAL D 610 -11.65 7.41 23.87
CA VAL D 610 -11.97 8.27 25.01
C VAL D 610 -13.21 9.11 24.77
N LEU D 611 -13.76 9.07 23.57
CA LEU D 611 -14.84 9.97 23.19
C LEU D 611 -16.18 9.26 23.30
N SER D 612 -17.22 10.02 23.64
CA SER D 612 -18.55 9.48 23.82
C SER D 612 -19.27 9.35 22.49
N ARG D 613 -20.47 8.79 22.52
CA ARG D 613 -21.26 8.66 21.31
C ARG D 613 -21.63 10.04 20.78
N PRO D 614 -21.59 10.24 19.46
CA PRO D 614 -21.99 11.54 18.91
C PRO D 614 -23.43 11.87 19.26
N THR D 615 -23.66 13.15 19.57
CA THR D 615 -25.03 13.61 19.79
C THR D 615 -25.69 13.99 18.47
N VAL D 616 -24.90 14.19 17.42
CA VAL D 616 -25.43 14.44 16.09
C VAL D 616 -25.24 13.19 15.25
N ARG D 617 -26.25 12.86 14.43
CA ARG D 617 -26.28 11.54 13.82
C ARG D 617 -25.21 11.38 12.74
N GLU D 618 -24.93 12.42 11.98
CA GLU D 618 -24.08 12.29 10.81
C GLU D 618 -22.97 13.34 10.79
N PHE D 619 -21.86 12.98 10.14
CA PHE D 619 -20.74 13.91 9.96
C PHE D 619 -21.13 15.07 9.07
N GLY D 620 -21.95 14.84 8.06
CA GLY D 620 -22.45 15.91 7.23
C GLY D 620 -21.86 15.97 5.84
N LEU D 621 -21.62 14.81 5.23
CA LEU D 621 -21.11 14.81 3.86
C LEU D 621 -22.12 15.36 2.88
N THR D 622 -23.41 15.42 3.26
CA THR D 622 -24.39 16.07 2.41
C THR D 622 -24.15 17.57 2.32
N THR D 623 -23.39 18.15 3.25
CA THR D 623 -23.03 19.56 3.12
C THR D 623 -22.20 19.80 1.87
N LEU D 624 -21.48 18.79 1.42
CA LEU D 624 -20.65 18.92 0.23
C LEU D 624 -21.45 18.94 -1.06
N LEU D 625 -22.78 18.84 -1.00
CA LEU D 625 -23.58 19.07 -2.19
C LEU D 625 -23.57 20.52 -2.63
N ASN D 626 -23.10 21.43 -1.76
CA ASN D 626 -23.08 22.85 -2.09
C ASN D 626 -22.17 23.16 -3.27
N TYR D 627 -21.21 22.29 -3.57
CA TYR D 627 -20.25 22.55 -4.64
C TYR D 627 -20.58 21.67 -5.83
N PRO D 628 -21.13 22.21 -6.91
CA PRO D 628 -21.76 21.36 -7.91
C PRO D 628 -20.79 20.53 -8.73
N LYS D 629 -19.53 20.94 -8.84
CA LYS D 629 -18.59 20.27 -9.73
C LYS D 629 -17.76 19.22 -9.02
N LEU D 630 -18.07 18.91 -7.77
CA LEU D 630 -17.27 17.96 -7.00
C LEU D 630 -17.45 16.55 -7.55
N SER D 631 -16.35 15.91 -7.93
CA SER D 631 -16.41 14.55 -8.45
C SER D 631 -15.37 13.61 -7.88
N ARG D 632 -14.42 14.08 -7.08
CA ARG D 632 -13.41 13.20 -6.49
C ARG D 632 -13.28 13.48 -5.01
N MET D 633 -12.87 12.47 -4.26
CA MET D 633 -12.85 12.53 -2.81
C MET D 633 -11.66 11.76 -2.28
N HIS D 634 -11.11 12.25 -1.17
CA HIS D 634 -10.23 11.47 -0.31
C HIS D 634 -10.76 11.58 1.11
N LEU D 635 -11.20 10.46 1.67
CA LEU D 635 -11.70 10.42 3.03
C LEU D 635 -10.71 9.60 3.84
N ASP D 636 -9.74 10.29 4.45
CA ASP D 636 -8.67 9.64 5.20
C ASP D 636 -9.08 9.61 6.67
N CYS D 637 -9.75 8.53 7.07
CA CYS D 637 -10.03 8.28 8.47
C CYS D 637 -9.06 7.28 9.07
N GLY D 638 -8.05 6.87 8.31
CA GLY D 638 -7.19 5.78 8.73
C GLY D 638 -6.37 6.06 9.96
N ASP D 639 -6.32 7.31 10.40
CA ASP D 639 -5.57 7.69 11.58
C ASP D 639 -6.46 7.89 12.80
N ILE D 640 -7.66 7.33 12.79
CA ILE D 640 -8.50 7.26 13.97
C ILE D 640 -8.21 5.94 14.66
N ASN D 641 -7.99 5.98 15.97
CA ASN D 641 -7.76 4.79 16.77
C ASN D 641 -9.05 4.47 17.53
N GLY D 642 -9.50 3.23 17.45
CA GLY D 642 -10.72 2.83 18.12
C GLY D 642 -10.76 1.36 18.46
N TYR D 643 -11.96 0.83 18.70
CA TYR D 643 -12.16 -0.56 19.03
C TYR D 643 -12.74 -1.29 17.83
N ALA D 644 -12.08 -2.36 17.40
CA ALA D 644 -12.44 -3.01 16.15
C ALA D 644 -13.72 -3.83 16.30
N HIS D 645 -13.65 -4.94 17.04
CA HIS D 645 -14.78 -5.83 17.18
C HIS D 645 -15.23 -5.99 18.62
N THR D 646 -14.36 -5.67 19.58
CA THR D 646 -14.68 -5.84 20.99
C THR D 646 -14.40 -4.53 21.71
N ALA D 647 -15.44 -3.89 22.19
CA ALA D 647 -15.27 -2.74 23.05
C ALA D 647 -15.34 -3.19 24.51
N PRO D 648 -14.52 -2.61 25.38
CA PRO D 648 -14.43 -3.15 26.75
C PRO D 648 -15.76 -3.20 27.48
N SER D 649 -16.39 -2.04 27.68
CA SER D 649 -17.71 -2.01 28.30
C SER D 649 -18.37 -0.66 28.09
N GLY D 650 -19.54 -0.65 27.45
CA GLY D 650 -20.23 0.60 27.22
C GLY D 650 -19.53 1.55 26.26
N GLN D 651 -18.52 1.06 25.56
CA GLN D 651 -17.84 1.83 24.53
C GLN D 651 -18.45 1.53 23.17
N MET D 652 -18.09 2.36 22.20
CA MET D 652 -18.67 2.29 20.86
C MET D 652 -17.59 1.87 19.88
N ASP D 653 -17.89 0.85 19.08
CA ASP D 653 -16.88 0.30 18.20
C ASP D 653 -16.72 1.18 16.95
N LEU D 654 -15.78 0.80 16.09
CA LEU D 654 -15.44 1.61 14.94
C LEU D 654 -16.52 1.62 13.88
N SER D 655 -17.40 0.62 13.85
CA SER D 655 -18.47 0.63 12.87
C SER D 655 -19.41 1.82 13.09
N LEU D 656 -19.64 2.19 14.35
CA LEU D 656 -20.46 3.36 14.63
C LEU D 656 -19.84 4.61 14.04
N TRP D 657 -18.53 4.79 14.22
CA TRP D 657 -17.88 5.99 13.68
C TRP D 657 -17.85 5.96 12.15
N GLU D 658 -17.65 4.78 11.57
CA GLU D 658 -17.70 4.68 10.11
C GLU D 658 -19.07 5.07 9.58
N ARG D 659 -20.13 4.63 10.25
CA ARG D 659 -21.46 5.06 9.88
C ARG D 659 -21.62 6.57 10.03
N PHE D 660 -21.11 7.12 11.13
CA PHE D 660 -21.24 8.56 11.36
C PHE D 660 -20.55 9.35 10.26
N TYR D 661 -19.41 8.87 9.78
CA TYR D 661 -18.66 9.59 8.77
C TYR D 661 -19.17 9.39 7.35
N LEU D 662 -19.66 8.21 7.02
CA LEU D 662 -19.96 7.89 5.63
C LEU D 662 -21.40 8.14 5.23
N ILE D 663 -22.28 8.46 6.18
CA ILE D 663 -23.69 8.63 5.86
C ILE D 663 -23.86 9.78 4.88
N GLY D 664 -24.62 9.54 3.82
CA GLY D 664 -24.85 10.54 2.81
C GLY D 664 -23.81 10.61 1.72
N VAL D 665 -22.80 9.72 1.74
CA VAL D 665 -21.83 9.69 0.67
C VAL D 665 -22.46 9.28 -0.65
N GLY D 666 -23.61 8.61 -0.61
CA GLY D 666 -24.29 8.26 -1.84
C GLY D 666 -24.95 9.42 -2.54
N HIS D 667 -25.29 10.47 -1.79
CA HIS D 667 -25.95 11.63 -2.40
C HIS D 667 -25.00 12.39 -3.33
N LEU D 668 -23.73 12.48 -2.96
CA LEU D 668 -22.76 13.16 -3.82
C LEU D 668 -22.55 12.38 -5.11
N GLY D 669 -22.42 13.11 -6.21
CA GLY D 669 -22.15 12.50 -7.48
C GLY D 669 -20.69 12.18 -7.67
N LEU D 670 -20.10 11.51 -6.68
CA LEU D 670 -18.69 11.15 -6.76
C LEU D 670 -18.44 10.19 -7.91
N THR D 671 -17.30 10.36 -8.58
CA THR D 671 -16.84 9.40 -9.55
C THR D 671 -15.58 8.67 -9.14
N GLU D 672 -14.78 9.25 -8.25
CA GLU D 672 -13.64 8.57 -7.66
C GLU D 672 -13.69 8.73 -6.16
N LEU D 673 -13.24 7.70 -5.44
CA LEU D 673 -13.27 7.73 -3.99
C LEU D 673 -12.12 6.90 -3.44
N ASN D 674 -11.26 7.53 -2.65
CA ASN D 674 -10.26 6.83 -1.87
C ASN D 674 -10.71 6.86 -0.42
N TYR D 675 -10.81 5.68 0.19
CA TYR D 675 -11.30 5.55 1.55
C TYR D 675 -10.23 4.92 2.41
N TRP D 676 -10.02 5.49 3.60
CA TRP D 676 -9.12 4.93 4.60
C TRP D 676 -9.94 4.53 5.81
N PRO D 677 -10.20 3.24 6.03
CA PRO D 677 -10.96 2.84 7.21
C PRO D 677 -10.20 3.17 8.48
N PRO D 678 -10.88 3.52 9.56
CA PRO D 678 -10.19 3.72 10.83
C PRO D 678 -9.59 2.42 11.32
N GLN D 679 -8.55 2.53 12.14
CA GLN D 679 -7.80 1.38 12.59
C GLN D 679 -7.95 1.15 14.09
N ASP D 680 -7.57 -0.04 14.52
CA ASP D 680 -7.44 -0.39 15.93
C ASP D 680 -5.98 -0.75 16.16
N ARG D 681 -5.20 0.20 16.69
CA ARG D 681 -3.76 -0.02 16.80
C ARG D 681 -3.43 -1.23 17.65
N ASP D 682 -4.24 -1.49 18.68
CA ASP D 682 -3.94 -2.57 19.60
C ASP D 682 -3.88 -3.91 18.87
N VAL D 683 -4.88 -4.21 18.05
CA VAL D 683 -4.92 -5.49 17.36
C VAL D 683 -4.40 -5.41 15.92
N ASN D 684 -4.06 -4.22 15.44
CA ASN D 684 -3.50 -4.03 14.10
C ASN D 684 -4.46 -4.52 13.01
N GLN D 685 -5.57 -3.82 12.87
CA GLN D 685 -6.49 -4.13 11.79
C GLN D 685 -7.29 -2.90 11.37
N ARG D 686 -7.54 -2.78 10.08
CA ARG D 686 -8.21 -1.65 9.45
C ARG D 686 -9.41 -2.15 8.65
N SER D 687 -10.22 -2.99 9.28
CA SER D 687 -11.30 -3.67 8.58
C SER D 687 -12.36 -2.69 8.11
N LEU D 688 -12.99 -3.02 6.99
CA LEU D 688 -14.19 -2.34 6.55
C LEU D 688 -15.41 -2.95 7.24
N SER D 689 -16.23 -2.10 7.85
CA SER D 689 -17.39 -2.56 8.60
C SER D 689 -18.61 -2.69 7.68
N LEU D 690 -19.67 -3.26 8.23
CA LEU D 690 -20.90 -3.41 7.45
C LEU D 690 -21.49 -2.08 7.02
N PRO D 691 -21.69 -1.09 7.90
CA PRO D 691 -22.25 0.19 7.42
C PRO D 691 -21.38 0.87 6.39
N ALA D 692 -20.05 0.75 6.51
CA ALA D 692 -19.17 1.36 5.52
C ALA D 692 -19.43 0.78 4.14
N ALA D 693 -19.45 -0.55 4.03
CA ALA D 693 -19.72 -1.19 2.75
C ALA D 693 -21.12 -0.84 2.25
N GLY D 694 -22.10 -0.82 3.16
CA GLY D 694 -23.45 -0.48 2.75
C GLY D 694 -23.55 0.92 2.17
N LEU D 695 -22.94 1.89 2.83
CA LEU D 695 -22.99 3.26 2.31
C LEU D 695 -22.20 3.40 1.02
N LEU D 696 -21.00 2.81 0.94
CA LEU D 696 -20.24 2.91 -0.30
C LEU D 696 -20.97 2.25 -1.46
N GLN D 697 -21.79 1.23 -1.19
CA GLN D 697 -22.59 0.62 -2.24
C GLN D 697 -23.58 1.61 -2.85
N GLU D 698 -24.09 2.54 -2.05
CA GLU D 698 -25.09 3.49 -2.52
C GLU D 698 -24.54 4.50 -3.52
N CYS D 699 -23.23 4.61 -3.66
CA CYS D 699 -22.63 5.55 -4.61
C CYS D 699 -22.71 4.94 -6.00
N ASN D 700 -23.77 5.29 -6.73
CA ASN D 700 -24.02 4.68 -8.03
C ASN D 700 -23.08 5.18 -9.10
N ARG D 701 -22.63 6.42 -8.99
CA ARG D 701 -21.85 7.07 -10.04
C ARG D 701 -20.37 6.69 -9.98
N LEU D 702 -19.96 5.92 -8.99
CA LEU D 702 -18.55 5.66 -8.77
C LEU D 702 -17.94 4.96 -9.97
N ARG D 703 -16.76 5.43 -10.39
CA ARG D 703 -15.97 4.79 -11.43
C ARG D 703 -14.75 4.09 -10.87
N LYS D 704 -14.05 4.72 -9.94
CA LYS D 704 -12.92 4.13 -9.26
C LYS D 704 -13.21 4.13 -7.77
N LEU D 705 -12.84 3.07 -7.07
CA LEU D 705 -13.07 2.97 -5.63
C LEU D 705 -11.90 2.21 -5.01
N PHE D 706 -10.99 2.92 -4.36
CA PHE D 706 -9.85 2.32 -3.68
C PHE D 706 -10.07 2.41 -2.19
N ILE D 707 -9.89 1.29 -1.50
CA ILE D 707 -10.03 1.22 -0.06
C ILE D 707 -8.68 0.81 0.53
N HIS D 708 -8.11 1.68 1.35
CA HIS D 708 -6.79 1.43 1.92
C HIS D 708 -6.92 0.72 3.26
N GLY D 709 -7.36 -0.53 3.16
CA GLY D 709 -7.58 -1.37 4.32
C GLY D 709 -7.89 -2.79 3.91
N THR D 710 -8.77 -3.46 4.64
CA THR D 710 -9.16 -4.82 4.33
C THR D 710 -10.68 -4.95 4.40
N ALA D 711 -11.20 -5.87 3.61
CA ALA D 711 -12.62 -6.21 3.62
C ALA D 711 -12.77 -7.63 3.09
N HIS D 712 -13.56 -8.44 3.79
CA HIS D 712 -13.73 -9.82 3.37
C HIS D 712 -14.73 -9.90 2.21
N GLU D 713 -14.96 -11.12 1.74
CA GLU D 713 -15.67 -11.32 0.50
C GLU D 713 -17.12 -10.85 0.59
N HIS D 714 -17.77 -11.09 1.73
CA HIS D 714 -19.19 -10.76 1.84
C HIS D 714 -19.43 -9.27 1.64
N PHE D 715 -18.56 -8.44 2.19
CA PHE D 715 -18.69 -7.00 2.00
C PHE D 715 -18.15 -6.55 0.65
N MET D 716 -17.11 -7.20 0.15
CA MET D 716 -16.57 -6.82 -1.16
C MET D 716 -17.59 -7.03 -2.27
N MET D 717 -18.42 -8.07 -2.15
CA MET D 717 -19.43 -8.32 -3.18
C MET D 717 -20.60 -7.34 -3.11
N PHE D 718 -20.65 -6.47 -2.11
CA PHE D 718 -21.68 -5.42 -2.10
C PHE D 718 -21.49 -4.45 -3.26
N PHE D 719 -20.25 -4.29 -3.74
CA PHE D 719 -19.94 -3.24 -4.70
C PHE D 719 -20.31 -3.61 -6.13
N LEU D 720 -20.67 -4.85 -6.40
CA LEU D 720 -21.12 -5.22 -7.73
C LEU D 720 -22.43 -4.54 -8.09
N ARG D 721 -23.17 -4.02 -7.11
CA ARG D 721 -24.38 -3.28 -7.40
C ARG D 721 -24.10 -2.01 -8.17
N ILE D 722 -22.91 -1.43 -8.00
CA ILE D 722 -22.57 -0.19 -8.68
C ILE D 722 -22.33 -0.49 -10.16
N GLU D 723 -23.16 0.10 -11.03
CA GLU D 723 -23.12 -0.26 -12.44
C GLU D 723 -21.89 0.30 -13.14
N GLY D 724 -21.57 1.56 -12.90
CA GLY D 724 -20.48 2.21 -13.60
C GLY D 724 -19.10 1.93 -13.04
N LEU D 725 -19.01 1.09 -12.02
CA LEU D 725 -17.76 0.88 -11.32
C LEU D 725 -16.81 0.00 -12.11
N ARG D 726 -15.58 0.45 -12.28
CA ARG D 726 -14.57 -0.25 -13.07
C ARG D 726 -13.35 -0.66 -12.26
N ASP D 727 -12.70 0.29 -11.58
CA ASP D 727 -11.48 0.03 -10.82
C ASP D 727 -11.84 -0.07 -9.34
N VAL D 728 -11.60 -1.24 -8.75
CA VAL D 728 -11.72 -1.43 -7.31
C VAL D 728 -10.49 -2.20 -6.85
N GLN D 729 -9.93 -1.79 -5.71
CA GLN D 729 -8.82 -2.55 -5.17
C GLN D 729 -8.70 -2.27 -3.68
N LEU D 730 -8.28 -3.30 -2.95
CA LEU D 730 -7.93 -3.17 -1.54
C LEU D 730 -6.43 -3.04 -1.45
N ARG D 731 -5.95 -1.84 -1.18
CA ARG D 731 -4.53 -1.52 -1.16
C ARG D 731 -4.10 -1.27 0.28
N ALA D 732 -3.35 -2.21 0.85
CA ALA D 732 -2.79 -2.03 2.19
C ALA D 732 -1.43 -1.33 2.11
N ASP D 733 -1.47 -0.06 1.68
CA ASP D 733 -0.26 0.75 1.61
C ASP D 733 -0.04 1.48 2.94
N TYR D 734 0.25 0.69 3.96
CA TYR D 734 0.64 1.20 5.26
C TYR D 734 1.52 0.16 5.93
N TYR D 735 2.32 0.60 6.89
CA TYR D 735 3.21 -0.31 7.56
C TYR D 735 2.69 -0.65 8.95
N PRO D 736 2.60 -1.94 9.30
CA PRO D 736 2.91 -3.11 8.47
C PRO D 736 1.68 -3.70 7.79
N ALA D 737 1.81 -4.07 6.52
CA ALA D 737 0.73 -4.71 5.80
C ALA D 737 0.50 -6.13 6.32
N PRO D 738 -0.72 -6.65 6.20
CA PRO D 738 -0.98 -8.01 6.67
C PRO D 738 -0.09 -9.02 5.95
N GLU D 739 0.56 -9.88 6.74
CA GLU D 739 1.59 -10.73 6.17
C GLU D 739 1.02 -11.87 5.35
N ASN D 740 -0.12 -12.44 5.75
CA ASN D 740 -0.72 -13.54 5.01
C ASN D 740 -2.21 -13.60 5.29
N ASP D 741 -2.87 -14.51 4.58
CA ASP D 741 -4.32 -14.66 4.68
C ASP D 741 -4.77 -15.10 6.07
N MET D 742 -3.92 -15.83 6.79
CA MET D 742 -4.29 -16.28 8.12
C MET D 742 -4.39 -15.11 9.09
N SER D 743 -3.54 -14.11 8.92
CA SER D 743 -3.46 -13.00 9.87
C SER D 743 -4.52 -11.94 9.66
N THR D 744 -5.25 -11.96 8.54
CA THR D 744 -6.30 -10.96 8.31
C THR D 744 -7.53 -11.61 7.70
N GLU D 745 -8.54 -10.81 7.37
CA GLU D 745 -9.76 -11.33 6.77
C GLU D 745 -9.75 -11.25 5.26
N MET D 746 -8.60 -10.97 4.66
CA MET D 746 -8.47 -10.98 3.21
C MET D 746 -7.92 -12.31 2.74
N ARG D 747 -8.51 -12.85 1.69
CA ARG D 747 -8.07 -14.10 1.09
C ARG D 747 -7.83 -13.87 -0.41
N ALA D 748 -6.87 -14.60 -0.95
CA ALA D 748 -6.57 -14.48 -2.38
C ALA D 748 -7.76 -14.93 -3.22
N ASP D 749 -8.41 -16.02 -2.82
CA ASP D 749 -9.56 -16.52 -3.59
C ASP D 749 -10.70 -15.51 -3.59
N SER D 750 -10.91 -14.83 -2.46
CA SER D 750 -11.94 -13.80 -2.43
C SER D 750 -11.65 -12.71 -3.44
N CYS D 751 -10.40 -12.28 -3.52
CA CYS D 751 -10.02 -11.26 -4.48
C CYS D 751 -10.25 -11.74 -5.91
N SER D 752 -9.84 -12.97 -6.22
CA SER D 752 -10.00 -13.47 -7.57
C SER D 752 -11.47 -13.59 -7.96
N ARG D 753 -12.30 -14.11 -7.05
CA ARG D 753 -13.72 -14.22 -7.34
C ARG D 753 -14.35 -12.85 -7.55
N PHE D 754 -14.00 -11.88 -6.71
CA PHE D 754 -14.56 -10.54 -6.89
C PHE D 754 -14.17 -9.95 -8.22
N GLU D 755 -12.90 -10.09 -8.61
CA GLU D 755 -12.45 -9.52 -9.87
C GLU D 755 -13.14 -10.18 -11.05
N VAL D 756 -13.27 -11.51 -11.02
CA VAL D 756 -13.94 -12.20 -12.11
C VAL D 756 -15.39 -11.76 -12.22
N ALA D 757 -16.07 -11.62 -11.08
CA ALA D 757 -17.45 -11.17 -11.10
C ALA D 757 -17.57 -9.75 -11.64
N LEU D 758 -16.64 -8.87 -11.27
CA LEU D 758 -16.67 -7.49 -11.74
C LEU D 758 -16.46 -7.41 -13.25
N ASN D 759 -15.46 -8.13 -13.76
CA ASN D 759 -15.17 -8.07 -15.18
C ASN D 759 -16.32 -8.63 -16.01
N ARG D 760 -16.93 -9.72 -15.55
CA ARG D 760 -18.01 -10.35 -16.28
C ARG D 760 -19.27 -9.49 -16.34
N ARG D 761 -19.44 -8.55 -15.41
CA ARG D 761 -20.64 -7.72 -15.40
C ARG D 761 -20.77 -6.95 -16.71
N GLN D 762 -21.96 -6.99 -17.28
CA GLN D 762 -22.24 -6.33 -18.55
C GLN D 762 -23.41 -5.35 -18.43
C13 GR2 E . -19.58 -14.71 19.53
C14 GR2 E . -21.01 -14.39 19.15
C15 GR2 E . -21.69 -15.62 18.87
C16 GR2 E . -20.64 -16.68 18.85
C17 GR2 E . -23.17 -15.87 19.05
O4 GR2 E . -20.85 -17.84 18.70
O5 GR2 E . -19.37 -16.09 19.04
#